data_8V02
#
_entry.id   8V02
#
_cell.length_a   1.00
_cell.length_b   1.00
_cell.length_c   1.00
_cell.angle_alpha   90.00
_cell.angle_beta   90.00
_cell.angle_gamma   90.00
#
_symmetry.space_group_name_H-M   'P 1'
#
loop_
_entity.id
_entity.type
_entity.pdbx_description
1 polymer 'Odorant receptor OR10'
2 polymer 'Odorant receptor Orco'
3 non-polymer o-cresol
#
loop_
_entity_poly.entity_id
_entity_poly.type
_entity_poly.pdbx_seq_one_letter_code
_entity_poly.pdbx_strand_id
1 'polypeptide(L)'
;MASILDCPIVSVNARVWRFWSFVLKHDAMRYISIIPVTVMTFFMFTDLCRSWGNIQELIIKAYFAVLYFNAVLRTLILVK
DRKLYENFMQGISNVYFEISHIDDHKIQSLLKSYTVRARMLSISNLALGAIISTCFVVYPIFTGERGLPYGMFIPGLDSF
RSPHYEIIYIVQVVLTFPGCCMYIPFTSFFASTTLFGLVQIKTLQRQLQTFKDNINSQDKEKVKAKVVKLIEDHKRIITY
VSELNSLVTYICFVEFLSFGMMLCALLFLLNVIENHAQIVIVAAYIFMIISQIFAFYWHANEVREESMNLAEAAYSGPWV
ELDNSIKKKLLLIILRAQQPLEITVGNVYPMTLEMFQSLLNASYSYFTLLRRVYN
;
D
2 'polypeptide(L)'
;MKFKHQGLVADLLPNIRVMQGVGHFMFNYYSEGKKFPHRIYCIVTLLLLLLQYGMMAVNLMMESDDVDDLTANTITMLFF
LHPIVKMIYFPVRSKIFYKTLAIWNNPNSHPLFAESNARFHALAITKMRRLLFCVAGATIFSVISWTGITFIEDSVKRIT
DPETNETTIIPIPRLMIRTFYPFNAMSGAGHVFALIYQFYYLVISMAVSNSLDVLFCSWLLFACEQLQHLKAIMKPLMEL
SATLDTVVPNSGELFKAGSADHLRESQGVQPSGNGDNVLDVDLRGIYSNRQDFTATFRPTAGTTFNGGVGPNGLTKKQEM
LVRSAIKYWVERHKHVVRLVTAVGDAYGVALLLHMLTTTITLTLLAYQATKVNGVNVYAATVIGYLLYTLGQVFLFCIFG
NRLIEESSSVMEAAYSCHWYDGSEEAKTFVQIVCQQCQKAMSISGAKFFTVSLDLFASVLGAVVTYFMVLVQLK
;
A,B,C
#
# COMPACT_ATOMS: atom_id res chain seq x y z
N MET A 1 -40.22 26.81 -6.48
CA MET A 1 -38.80 26.76 -6.02
C MET A 1 -38.59 25.59 -5.06
N ALA A 2 -37.67 24.70 -5.43
CA ALA A 2 -37.36 23.56 -4.57
C ALA A 2 -36.82 24.04 -3.22
N SER A 3 -37.26 23.39 -2.15
CA SER A 3 -36.87 23.76 -0.80
C SER A 3 -36.15 22.59 -0.14
N ILE A 4 -35.35 22.92 0.88
CA ILE A 4 -34.63 21.89 1.63
C ILE A 4 -35.61 20.88 2.21
N LEU A 5 -36.66 21.37 2.87
CA LEU A 5 -37.63 20.48 3.50
C LEU A 5 -38.45 19.71 2.48
N ASP A 6 -38.46 20.13 1.21
CA ASP A 6 -39.22 19.42 0.19
C ASP A 6 -38.55 18.13 -0.23
N CYS A 7 -37.21 18.12 -0.29
CA CYS A 7 -36.50 16.95 -0.76
C CYS A 7 -36.59 15.84 0.28
N PRO A 8 -37.08 14.65 -0.09
CA PRO A 8 -37.20 13.57 0.92
C PRO A 8 -35.86 13.16 1.51
N ILE A 9 -34.77 13.20 0.75
CA ILE A 9 -33.50 12.67 1.23
C ILE A 9 -33.01 13.45 2.43
N VAL A 10 -33.03 14.78 2.34
CA VAL A 10 -32.50 15.65 3.38
C VAL A 10 -33.58 16.20 4.30
N SER A 11 -34.83 15.79 4.13
CA SER A 11 -35.92 16.36 4.91
C SER A 11 -35.78 16.06 6.40
N VAL A 12 -35.43 14.82 6.75
CA VAL A 12 -35.39 14.43 8.15
C VAL A 12 -34.29 15.19 8.89
N ASN A 13 -33.09 15.19 8.34
CA ASN A 13 -31.99 15.90 8.99
C ASN A 13 -32.24 17.39 9.04
N ALA A 14 -32.81 17.95 7.96
CA ALA A 14 -33.14 19.36 7.95
C ALA A 14 -34.13 19.70 9.05
N ARG A 15 -35.17 18.87 9.22
CA ARG A 15 -36.13 19.10 10.28
C ARG A 15 -35.48 19.01 11.66
N VAL A 16 -34.64 18.01 11.86
CA VAL A 16 -34.03 17.83 13.18
C VAL A 16 -33.10 18.99 13.51
N TRP A 17 -32.40 19.51 12.49
CA TRP A 17 -31.49 20.63 12.73
C TRP A 17 -32.26 21.95 12.87
N ARG A 18 -33.40 22.09 12.19
CA ARG A 18 -34.19 23.30 12.34
C ARG A 18 -34.93 23.34 13.67
N PHE A 19 -35.27 22.18 14.23
CA PHE A 19 -35.91 22.16 15.54
C PHE A 19 -35.00 22.77 16.59
N TRP A 20 -33.71 22.46 16.54
CA TRP A 20 -32.72 23.05 17.44
C TRP A 20 -32.13 24.33 16.87
N SER A 21 -32.60 24.78 15.72
CA SER A 21 -32.16 26.05 15.13
C SER A 21 -30.65 26.05 14.87
N PHE A 22 -30.17 24.97 14.26
CA PHE A 22 -28.75 24.86 13.93
C PHE A 22 -28.44 25.34 12.52
N VAL A 23 -29.31 25.04 11.54
CA VAL A 23 -28.93 25.19 10.14
C VAL A 23 -29.98 25.98 9.34
N LEU A 24 -31.18 26.12 9.89
CA LEU A 24 -32.25 26.78 9.15
C LEU A 24 -32.82 28.03 9.83
N LYS A 25 -32.90 28.05 11.16
CA LYS A 25 -33.43 29.19 11.88
C LYS A 25 -32.55 29.53 13.05
N HIS A 26 -32.59 30.79 13.48
CA HIS A 26 -31.85 31.27 14.64
C HIS A 26 -32.84 31.67 15.73
N ASP A 27 -32.64 31.11 16.92
CA ASP A 27 -33.52 31.40 18.05
C ASP A 27 -32.81 30.93 19.32
N ALA A 28 -33.53 31.03 20.45
CA ALA A 28 -32.94 30.67 21.74
C ALA A 28 -32.69 29.17 21.87
N MET A 29 -33.36 28.35 21.06
CA MET A 29 -33.18 26.90 21.18
C MET A 29 -31.75 26.50 20.87
N ARG A 30 -31.12 27.15 19.90
CA ARG A 30 -29.72 26.85 19.57
C ARG A 30 -28.85 26.94 20.81
N TYR A 31 -28.92 28.07 21.52
CA TYR A 31 -28.06 28.26 22.68
C TYR A 31 -28.50 27.37 23.85
N ILE A 32 -29.81 27.21 24.02
CA ILE A 32 -30.32 26.37 25.11
C ILE A 32 -29.83 24.94 24.93
N SER A 33 -29.62 24.50 23.70
CA SER A 33 -29.11 23.17 23.45
C SER A 33 -27.59 23.11 23.51
N ILE A 34 -26.90 24.16 23.05
CA ILE A 34 -25.45 24.13 22.97
C ILE A 34 -24.82 24.35 24.35
N ILE A 35 -25.10 25.50 24.96
CA ILE A 35 -24.33 25.91 26.14
C ILE A 35 -24.45 24.91 27.28
N PRO A 36 -25.65 24.47 27.68
CA PRO A 36 -25.73 23.51 28.79
C PRO A 36 -24.96 22.22 28.51
N VAL A 37 -25.02 21.72 27.29
CA VAL A 37 -24.32 20.47 26.97
C VAL A 37 -22.81 20.69 26.92
N THR A 38 -22.38 21.86 26.44
CA THR A 38 -20.96 22.18 26.47
C THR A 38 -20.45 22.22 27.90
N VAL A 39 -21.20 22.86 28.80
CA VAL A 39 -20.82 22.90 30.21
C VAL A 39 -20.80 21.49 30.79
N MET A 40 -21.79 20.68 30.42
CA MET A 40 -21.83 19.30 30.88
C MET A 40 -20.58 18.54 30.46
N THR A 41 -20.18 18.68 29.19
CA THR A 41 -19.00 17.99 28.70
C THR A 41 -17.75 18.49 29.41
N PHE A 42 -17.66 19.80 29.66
CA PHE A 42 -16.50 20.35 30.36
C PHE A 42 -16.38 19.76 31.76
N PHE A 43 -17.49 19.74 32.51
CA PHE A 43 -17.43 19.17 33.85
C PHE A 43 -17.22 17.67 33.80
N MET A 44 -17.69 17.01 32.74
CA MET A 44 -17.40 15.59 32.55
C MET A 44 -15.90 15.37 32.41
N PHE A 45 -15.23 16.21 31.62
CA PHE A 45 -13.79 16.10 31.45
C PHE A 45 -13.06 16.39 32.75
N THR A 46 -13.53 17.37 33.51
CA THR A 46 -12.91 17.64 34.81
C THR A 46 -13.02 16.43 35.74
N ASP A 47 -14.21 15.81 35.79
CA ASP A 47 -14.38 14.61 36.60
C ASP A 47 -13.48 13.49 36.10
N LEU A 48 -13.36 13.33 34.78
CA LEU A 48 -12.46 12.33 34.22
C LEU A 48 -11.03 12.57 34.70
N CYS A 49 -10.59 13.83 34.68
CA CYS A 49 -9.25 14.15 35.14
C CYS A 49 -9.10 13.82 36.62
N ARG A 50 -10.11 14.10 37.43
CA ARG A 50 -10.04 13.86 38.87
C ARG A 50 -10.27 12.40 39.25
N SER A 51 -10.69 11.55 38.31
CA SER A 51 -11.05 10.17 38.61
C SER A 51 -9.96 9.19 38.21
N TRP A 52 -8.69 9.56 38.41
CA TRP A 52 -7.58 8.67 38.09
C TRP A 52 -7.46 7.51 39.06
N GLY A 53 -8.16 7.54 40.20
CA GLY A 53 -8.02 6.53 41.21
C GLY A 53 -8.42 5.13 40.76
N ASN A 54 -9.71 4.92 40.50
CA ASN A 54 -10.23 3.63 40.10
C ASN A 54 -10.44 3.61 38.59
N ILE A 55 -10.19 2.44 37.98
CA ILE A 55 -10.15 2.37 36.52
C ILE A 55 -11.54 2.25 35.92
N GLN A 56 -12.47 1.57 36.60
CA GLN A 56 -13.80 1.34 36.03
C GLN A 56 -14.54 2.68 35.82
N GLU A 57 -14.62 3.49 36.87
CA GLU A 57 -15.24 4.79 36.74
C GLU A 57 -14.49 5.64 35.72
N LEU A 58 -13.16 5.56 35.73
CA LEU A 58 -12.36 6.31 34.77
C LEU A 58 -12.78 5.96 33.34
N ILE A 59 -12.92 4.67 33.05
CA ILE A 59 -13.19 4.24 31.68
C ILE A 59 -14.60 4.65 31.26
N ILE A 60 -15.58 4.43 32.14
CA ILE A 60 -16.96 4.78 31.77
C ILE A 60 -17.08 6.29 31.55
N LYS A 61 -16.49 7.08 32.46
CA LYS A 61 -16.48 8.52 32.28
C LYS A 61 -15.83 8.86 30.94
N ALA A 62 -14.56 8.50 30.76
CA ALA A 62 -13.85 8.78 29.51
C ALA A 62 -14.70 8.48 28.29
N TYR A 63 -15.40 7.33 28.29
CA TYR A 63 -16.25 7.00 27.16
C TYR A 63 -17.33 8.07 26.95
N PHE A 64 -18.07 8.37 28.01
CA PHE A 64 -19.15 9.36 27.86
C PHE A 64 -18.61 10.73 27.50
N ALA A 65 -17.48 11.10 28.09
CA ALA A 65 -16.87 12.40 27.83
C ALA A 65 -16.47 12.53 26.37
N VAL A 66 -15.82 11.49 25.82
CA VAL A 66 -15.44 11.53 24.41
C VAL A 66 -16.67 11.58 23.52
N LEU A 67 -17.69 10.79 23.85
CA LEU A 67 -18.91 10.80 23.05
C LEU A 67 -19.50 12.21 22.99
N TYR A 68 -19.68 12.84 24.15
CA TYR A 68 -20.31 14.15 24.19
C TYR A 68 -19.41 15.23 23.60
N PHE A 69 -18.09 15.11 23.76
CA PHE A 69 -17.19 16.06 23.13
C PHE A 69 -17.30 15.98 21.61
N ASN A 70 -17.37 14.77 21.07
CA ASN A 70 -17.51 14.63 19.63
C ASN A 70 -18.85 15.20 19.16
N ALA A 71 -19.92 14.96 19.92
CA ALA A 71 -21.21 15.54 19.56
C ALA A 71 -21.14 17.05 19.53
N VAL A 72 -20.56 17.66 20.57
CA VAL A 72 -20.45 19.11 20.64
C VAL A 72 -19.58 19.64 19.51
N LEU A 73 -18.50 18.93 19.18
CA LEU A 73 -17.62 19.37 18.11
C LEU A 73 -18.35 19.39 16.77
N ARG A 74 -19.08 18.30 16.48
CA ARG A 74 -19.88 18.25 15.26
C ARG A 74 -20.88 19.39 15.23
N THR A 75 -21.55 19.64 16.36
CA THR A 75 -22.56 20.70 16.39
C THR A 75 -21.94 22.07 16.17
N LEU A 76 -20.77 22.31 16.77
CA LEU A 76 -20.11 23.60 16.60
C LEU A 76 -19.67 23.81 15.15
N ILE A 77 -19.17 22.76 14.50
CA ILE A 77 -18.87 22.89 13.07
C ILE A 77 -20.13 23.18 12.29
N LEU A 78 -21.23 22.48 12.60
CA LEU A 78 -22.46 22.67 11.86
C LEU A 78 -22.96 24.11 11.97
N VAL A 79 -23.02 24.64 13.20
CA VAL A 79 -23.52 25.99 13.40
C VAL A 79 -22.55 27.01 12.82
N LYS A 80 -21.25 26.77 12.95
CA LYS A 80 -20.26 27.70 12.41
C LYS A 80 -20.39 27.82 10.90
N ASP A 81 -20.62 26.72 10.21
CA ASP A 81 -20.67 26.68 8.75
C ASP A 81 -22.10 26.41 8.26
N ARG A 82 -23.08 27.07 8.89
CA ARG A 82 -24.48 26.82 8.56
C ARG A 82 -24.77 27.19 7.10
N LYS A 83 -24.19 28.28 6.61
CA LYS A 83 -24.51 28.74 5.26
C LYS A 83 -24.11 27.71 4.21
N LEU A 84 -22.93 27.11 4.35
CA LEU A 84 -22.48 26.13 3.37
C LEU A 84 -23.36 24.89 3.39
N TYR A 85 -23.76 24.44 4.57
CA TYR A 85 -24.68 23.30 4.65
C TYR A 85 -26.01 23.63 4.00
N GLU A 86 -26.52 24.84 4.25
CA GLU A 86 -27.78 25.25 3.63
C GLU A 86 -27.66 25.25 2.11
N ASN A 87 -26.56 25.80 1.58
CA ASN A 87 -26.37 25.83 0.14
C ASN A 87 -26.24 24.42 -0.43
N PHE A 88 -25.53 23.55 0.28
CA PHE A 88 -25.38 22.17 -0.19
C PHE A 88 -26.73 21.47 -0.25
N MET A 89 -27.56 21.64 0.78
CA MET A 89 -28.87 21.00 0.79
C MET A 89 -29.80 21.61 -0.26
N GLN A 90 -29.71 22.92 -0.51
CA GLN A 90 -30.50 23.52 -1.58
C GLN A 90 -30.10 22.96 -2.94
N GLY A 91 -28.79 22.82 -3.17
CA GLY A 91 -28.35 22.20 -4.41
C GLY A 91 -28.81 20.75 -4.51
N ILE A 92 -28.81 20.03 -3.39
CA ILE A 92 -29.32 18.67 -3.37
C ILE A 92 -30.79 18.66 -3.79
N SER A 93 -31.58 19.58 -3.26
CA SER A 93 -32.99 19.64 -3.63
C SER A 93 -33.17 19.94 -5.11
N ASN A 94 -32.39 20.89 -5.64
CA ASN A 94 -32.51 21.24 -7.06
C ASN A 94 -32.15 20.05 -7.94
N VAL A 95 -31.05 19.38 -7.63
CA VAL A 95 -30.62 18.24 -8.43
C VAL A 95 -31.62 17.10 -8.30
N TYR A 96 -32.19 16.92 -7.11
CA TYR A 96 -33.20 15.89 -6.92
C TYR A 96 -34.41 16.15 -7.82
N PHE A 97 -34.88 17.40 -7.85
CA PHE A 97 -35.99 17.74 -8.73
C PHE A 97 -35.62 17.49 -10.19
N GLU A 98 -34.43 17.91 -10.60
CA GLU A 98 -34.00 17.73 -11.97
C GLU A 98 -33.99 16.24 -12.34
N ILE A 99 -33.39 15.41 -11.49
CA ILE A 99 -33.33 13.98 -11.77
C ILE A 99 -34.73 13.38 -11.81
N SER A 100 -35.58 13.74 -10.85
CA SER A 100 -36.95 13.23 -10.84
C SER A 100 -37.69 13.59 -12.12
N HIS A 101 -37.36 14.73 -12.71
CA HIS A 101 -38.03 15.12 -13.95
C HIS A 101 -37.60 14.29 -15.15
N ILE A 102 -36.54 13.49 -15.03
CA ILE A 102 -36.12 12.65 -16.15
C ILE A 102 -37.18 11.58 -16.42
N ASP A 103 -37.22 11.10 -17.65
CA ASP A 103 -38.24 10.17 -18.12
C ASP A 103 -37.65 8.81 -18.47
N ASP A 104 -36.74 8.30 -17.64
CA ASP A 104 -36.14 6.99 -17.83
C ASP A 104 -36.60 6.10 -16.69
N HIS A 105 -37.20 4.95 -17.03
CA HIS A 105 -37.72 4.05 -16.01
C HIS A 105 -36.64 3.71 -14.98
N LYS A 106 -35.46 3.30 -15.45
CA LYS A 106 -34.43 2.84 -14.52
C LYS A 106 -33.91 3.99 -13.66
N ILE A 107 -33.78 5.18 -14.23
CA ILE A 107 -33.33 6.32 -13.43
C ILE A 107 -34.32 6.61 -12.32
N GLN A 108 -35.61 6.60 -12.63
CA GLN A 108 -36.62 6.83 -11.61
C GLN A 108 -36.59 5.75 -10.53
N SER A 109 -36.46 4.48 -10.96
CA SER A 109 -36.40 3.39 -9.98
C SER A 109 -35.20 3.54 -9.06
N LEU A 110 -34.05 3.89 -9.64
CA LEU A 110 -32.85 4.15 -8.84
C LEU A 110 -33.11 5.28 -7.85
N LEU A 111 -33.75 6.36 -8.32
CA LEU A 111 -34.05 7.49 -7.46
C LEU A 111 -34.88 7.07 -6.26
N LYS A 112 -35.99 6.37 -6.51
CA LYS A 112 -36.86 5.97 -5.40
C LYS A 112 -36.15 5.00 -4.46
N SER A 113 -35.42 4.04 -5.02
CA SER A 113 -34.73 3.07 -4.16
C SER A 113 -33.76 3.77 -3.22
N TYR A 114 -32.95 4.68 -3.75
CA TYR A 114 -31.98 5.36 -2.90
C TYR A 114 -32.65 6.33 -1.94
N THR A 115 -33.75 6.98 -2.36
CA THR A 115 -34.45 7.88 -1.46
C THR A 115 -35.01 7.13 -0.25
N VAL A 116 -35.67 5.99 -0.50
CA VAL A 116 -36.19 5.20 0.60
C VAL A 116 -35.06 4.66 1.47
N ARG A 117 -33.94 4.26 0.84
CA ARG A 117 -32.80 3.78 1.62
C ARG A 117 -32.30 4.87 2.57
N ALA A 118 -32.13 6.08 2.05
CA ALA A 118 -31.64 7.19 2.86
C ALA A 118 -32.61 7.52 3.99
N ARG A 119 -33.91 7.58 3.67
CA ARG A 119 -34.89 7.92 4.71
C ARG A 119 -34.92 6.84 5.79
N MET A 120 -34.89 5.57 5.39
CA MET A 120 -34.88 4.50 6.38
C MET A 120 -33.63 4.56 7.24
N LEU A 121 -32.48 4.85 6.62
CA LEU A 121 -31.25 5.00 7.40
C LEU A 121 -31.38 6.12 8.42
N SER A 122 -31.95 7.26 8.01
CA SER A 122 -32.08 8.39 8.92
C SER A 122 -33.00 8.04 10.10
N ILE A 123 -34.18 7.50 9.81
CA ILE A 123 -35.11 7.18 10.90
C ILE A 123 -34.56 6.08 11.78
N SER A 124 -33.88 5.09 11.20
CA SER A 124 -33.27 4.04 12.02
C SER A 124 -32.19 4.62 12.91
N ASN A 125 -31.39 5.55 12.39
CA ASN A 125 -30.37 6.20 13.22
C ASN A 125 -31.01 6.96 14.38
N LEU A 126 -32.09 7.69 14.10
CA LEU A 126 -32.77 8.42 15.16
C LEU A 126 -33.33 7.48 16.22
N ALA A 127 -33.96 6.38 15.79
CA ALA A 127 -34.51 5.42 16.74
C ALA A 127 -33.41 4.78 17.58
N LEU A 128 -32.30 4.41 16.94
CA LEU A 128 -31.18 3.81 17.68
C LEU A 128 -30.62 4.82 18.69
N GLY A 129 -30.52 6.08 18.29
CA GLY A 129 -30.08 7.10 19.23
C GLY A 129 -31.01 7.22 20.42
N ALA A 130 -32.32 7.19 20.17
CA ALA A 130 -33.27 7.29 21.28
C ALA A 130 -33.11 6.12 22.24
N ILE A 131 -33.05 4.90 21.70
CA ILE A 131 -32.92 3.72 22.57
C ILE A 131 -31.61 3.77 23.34
N ILE A 132 -30.51 4.11 22.66
CA ILE A 132 -29.21 4.10 23.33
C ILE A 132 -29.15 5.20 24.37
N SER A 133 -29.83 6.33 24.15
CA SER A 133 -29.93 7.35 25.19
C SER A 133 -30.71 6.84 26.39
N THR A 134 -31.79 6.10 26.15
CA THR A 134 -32.52 5.49 27.26
C THR A 134 -31.60 4.57 28.07
N CYS A 135 -30.80 3.76 27.37
CA CYS A 135 -29.84 2.91 28.06
C CYS A 135 -28.82 3.74 28.84
N PHE A 136 -28.39 4.87 28.26
CA PHE A 136 -27.51 5.78 28.98
C PHE A 136 -28.13 6.17 30.33
N VAL A 137 -29.38 6.61 30.31
CA VAL A 137 -30.01 7.07 31.54
C VAL A 137 -30.16 5.94 32.54
N VAL A 138 -30.56 4.74 32.08
CA VAL A 138 -30.80 3.64 33.01
C VAL A 138 -29.53 2.89 33.41
N TYR A 139 -28.38 3.22 32.82
CA TYR A 139 -27.15 2.51 33.17
C TYR A 139 -26.84 2.55 34.66
N PRO A 140 -26.90 3.70 35.35
CA PRO A 140 -26.47 3.73 36.76
C PRO A 140 -27.44 3.06 37.73
N ILE A 141 -28.52 2.45 37.26
CA ILE A 141 -29.50 1.84 38.15
C ILE A 141 -29.09 0.42 38.54
N PHE A 142 -28.54 -0.34 37.60
CA PHE A 142 -28.21 -1.73 37.87
C PHE A 142 -27.05 -1.86 38.85
N THR A 143 -26.11 -0.91 38.84
CA THR A 143 -24.96 -1.01 39.73
C THR A 143 -25.37 -1.01 41.19
N GLY A 144 -26.34 -0.17 41.55
CA GLY A 144 -26.82 -0.10 42.92
C GLY A 144 -26.30 1.11 43.67
N GLU A 145 -25.05 1.47 43.44
CA GLU A 145 -24.47 2.61 44.12
C GLU A 145 -25.05 3.92 43.57
N ARG A 146 -24.80 5.00 44.31
CA ARG A 146 -25.33 6.33 43.95
C ARG A 146 -24.51 6.90 42.79
N GLY A 147 -24.65 6.25 41.64
CA GLY A 147 -23.98 6.69 40.44
C GLY A 147 -24.77 7.75 39.71
N LEU A 148 -24.18 8.25 38.63
CA LEU A 148 -24.76 9.28 37.78
C LEU A 148 -24.81 8.77 36.34
N PRO A 149 -25.73 9.28 35.52
CA PRO A 149 -25.75 8.85 34.12
C PRO A 149 -24.45 9.13 33.40
N TYR A 150 -23.84 10.28 33.66
CA TYR A 150 -22.51 10.59 33.18
C TYR A 150 -21.74 11.30 34.29
N GLY A 151 -20.48 10.92 34.46
CA GLY A 151 -19.68 11.54 35.51
C GLY A 151 -19.56 13.04 35.31
N MET A 152 -19.68 13.77 36.41
CA MET A 152 -19.52 15.22 36.39
C MET A 152 -19.16 15.70 37.79
N PHE A 153 -18.16 16.57 37.89
CA PHE A 153 -17.71 17.11 39.15
C PHE A 153 -17.59 18.63 39.04
N ILE A 154 -18.16 19.34 40.01
CA ILE A 154 -18.03 20.79 40.10
C ILE A 154 -17.00 21.09 41.18
N PRO A 155 -16.12 22.08 40.99
CA PRO A 155 -15.12 22.38 42.02
C PRO A 155 -15.70 22.50 43.41
N GLY A 156 -15.26 21.63 44.32
CA GLY A 156 -15.71 21.68 45.70
C GLY A 156 -17.21 21.50 45.87
N LEU A 157 -17.80 20.56 45.13
CA LEU A 157 -19.22 20.27 45.21
C LEU A 157 -19.42 18.78 45.44
N ASP A 158 -20.19 18.45 46.48
CA ASP A 158 -20.51 17.05 46.76
C ASP A 158 -21.70 16.62 45.92
N SER A 159 -21.53 15.53 45.17
CA SER A 159 -22.56 15.04 44.25
C SER A 159 -23.27 13.79 44.75
N PHE A 160 -22.68 13.05 45.68
CA PHE A 160 -23.27 11.82 46.19
C PHE A 160 -23.94 12.01 47.55
N ARG A 161 -24.08 13.24 48.01
CA ARG A 161 -24.69 13.54 49.30
C ARG A 161 -25.72 14.64 49.14
N SER A 162 -26.70 14.65 50.05
CA SER A 162 -27.75 15.66 50.09
C SER A 162 -28.65 15.55 48.87
N PRO A 163 -29.84 16.19 48.90
CA PRO A 163 -30.73 16.10 47.74
C PRO A 163 -30.12 16.59 46.44
N HIS A 164 -29.02 17.35 46.50
CA HIS A 164 -28.43 17.91 45.29
C HIS A 164 -28.25 16.84 44.23
N TYR A 165 -27.74 15.67 44.62
CA TYR A 165 -27.59 14.54 43.72
C TYR A 165 -28.79 14.43 42.78
N GLU A 166 -29.98 14.27 43.36
CA GLU A 166 -31.18 14.04 42.55
C GLU A 166 -31.28 15.09 41.45
N ILE A 167 -31.18 16.37 41.82
CA ILE A 167 -31.36 17.43 40.83
C ILE A 167 -30.41 17.19 39.65
N ILE A 168 -29.14 16.95 39.95
CA ILE A 168 -28.18 16.67 38.88
C ILE A 168 -28.75 15.60 37.97
N TYR A 169 -29.07 14.44 38.53
CA TYR A 169 -29.66 13.35 37.76
C TYR A 169 -30.73 13.91 36.83
N ILE A 170 -31.73 14.58 37.41
CA ILE A 170 -32.86 15.03 36.60
C ILE A 170 -32.38 15.90 35.46
N VAL A 171 -31.55 16.91 35.77
CA VAL A 171 -31.10 17.80 34.70
C VAL A 171 -30.29 17.00 33.69
N GLN A 172 -29.46 16.08 34.17
CA GLN A 172 -28.70 15.25 33.24
C GLN A 172 -29.62 14.58 32.24
N VAL A 173 -30.76 14.07 32.70
CA VAL A 173 -31.68 13.40 31.79
C VAL A 173 -32.06 14.32 30.64
N VAL A 174 -32.45 15.56 30.95
CA VAL A 174 -32.85 16.46 29.88
C VAL A 174 -31.64 16.80 29.02
N LEU A 175 -30.45 16.91 29.64
CA LEU A 175 -29.26 17.15 28.85
C LEU A 175 -29.00 16.03 27.85
N THR A 176 -29.55 14.84 28.10
CA THR A 176 -29.40 13.76 27.13
C THR A 176 -30.18 14.04 25.86
N PHE A 177 -31.36 14.66 25.98
CA PHE A 177 -32.22 14.83 24.80
C PHE A 177 -31.53 15.63 23.71
N PRO A 178 -30.92 16.80 23.98
CA PRO A 178 -30.16 17.46 22.90
C PRO A 178 -28.96 16.65 22.47
N GLY A 179 -28.16 16.17 23.41
CA GLY A 179 -26.93 15.46 23.12
C GLY A 179 -27.09 14.45 22.00
N CYS A 180 -27.91 13.43 22.22
CA CYS A 180 -28.11 12.41 21.20
C CYS A 180 -28.47 13.05 19.88
N CYS A 181 -29.46 13.95 19.89
CA CYS A 181 -29.80 14.68 18.67
C CYS A 181 -28.54 15.25 18.03
N MET A 182 -27.83 16.12 18.75
CA MET A 182 -26.69 16.80 18.14
C MET A 182 -25.73 15.84 17.46
N TYR A 183 -25.71 14.57 17.87
CA TYR A 183 -24.79 13.60 17.28
C TYR A 183 -25.36 12.95 16.02
N ILE A 184 -26.61 12.49 16.08
CA ILE A 184 -27.09 11.48 15.14
C ILE A 184 -27.28 12.03 13.73
N PRO A 185 -28.09 13.08 13.53
CA PRO A 185 -28.46 13.43 12.15
C PRO A 185 -27.28 13.66 11.23
N PHE A 186 -26.21 14.31 11.69
CA PHE A 186 -25.07 14.56 10.82
C PHE A 186 -24.59 13.26 10.18
N THR A 187 -24.32 12.26 11.02
CA THR A 187 -24.02 10.92 10.51
C THR A 187 -25.01 10.57 9.41
N SER A 188 -26.29 10.50 9.76
CA SER A 188 -27.32 10.22 8.77
C SER A 188 -27.17 11.16 7.59
N PHE A 189 -27.05 12.46 7.86
CA PHE A 189 -26.89 13.44 6.79
C PHE A 189 -25.78 13.01 5.85
N PHE A 190 -24.59 12.74 6.40
CA PHE A 190 -23.49 12.26 5.57
C PHE A 190 -23.98 11.13 4.69
N ALA A 191 -24.43 10.04 5.32
CA ALA A 191 -24.97 8.92 4.58
C ALA A 191 -25.92 9.42 3.50
N SER A 192 -26.95 10.16 3.91
CA SER A 192 -27.94 10.65 2.96
C SER A 192 -27.25 11.39 1.82
N THR A 193 -26.39 12.36 2.17
CA THR A 193 -25.68 13.10 1.13
C THR A 193 -24.94 12.15 0.21
N THR A 194 -24.14 11.25 0.80
CA THR A 194 -23.39 10.32 -0.03
C THR A 194 -24.32 9.51 -0.91
N LEU A 195 -25.46 9.08 -0.34
CA LEU A 195 -26.41 8.30 -1.14
C LEU A 195 -26.83 9.09 -2.37
N PHE A 196 -27.18 10.37 -2.18
CA PHE A 196 -27.55 11.19 -3.33
C PHE A 196 -26.40 11.26 -4.32
N GLY A 197 -25.18 11.40 -3.82
CA GLY A 197 -24.01 11.32 -4.68
C GLY A 197 -24.12 10.10 -5.57
N LEU A 198 -24.24 8.93 -4.95
CA LEU A 198 -24.38 7.71 -5.73
C LEU A 198 -25.49 7.85 -6.74
N VAL A 199 -26.67 8.29 -6.28
CA VAL A 199 -27.78 8.50 -7.20
C VAL A 199 -27.31 9.31 -8.39
N GLN A 200 -26.79 10.52 -8.13
CA GLN A 200 -26.32 11.37 -9.21
C GLN A 200 -25.35 10.61 -10.10
N ILE A 201 -24.33 10.01 -9.48
CA ILE A 201 -23.36 9.25 -10.26
C ILE A 201 -24.10 8.26 -11.14
N LYS A 202 -24.91 7.40 -10.53
CA LYS A 202 -25.55 6.34 -11.29
C LYS A 202 -26.40 6.94 -12.40
N THR A 203 -27.09 8.05 -12.13
CA THR A 203 -27.90 8.67 -13.17
C THR A 203 -27.06 8.92 -14.41
N LEU A 204 -25.91 9.59 -14.22
CA LEU A 204 -25.06 9.88 -15.37
C LEU A 204 -24.70 8.60 -16.11
N GLN A 205 -24.37 7.54 -15.37
CA GLN A 205 -24.03 6.29 -16.02
C GLN A 205 -25.10 5.89 -17.02
N ARG A 206 -26.37 5.90 -16.59
CA ARG A 206 -27.45 5.57 -17.51
C ARG A 206 -27.45 6.54 -18.68
N GLN A 207 -27.39 7.85 -18.39
CA GLN A 207 -27.38 8.83 -19.45
C GLN A 207 -26.13 8.72 -20.30
N LEU A 208 -25.07 8.08 -19.80
CA LEU A 208 -23.89 7.85 -20.60
C LEU A 208 -24.10 6.73 -21.60
N GLN A 209 -24.87 5.71 -21.21
CA GLN A 209 -25.08 4.54 -22.06
C GLN A 209 -26.26 4.70 -23.03
N THR A 210 -27.11 5.69 -22.82
CA THR A 210 -28.31 5.88 -23.64
C THR A 210 -28.38 7.28 -24.25
N PHE A 211 -27.26 8.01 -24.26
CA PHE A 211 -27.29 9.38 -24.74
C PHE A 211 -27.62 9.48 -26.23
N LYS A 212 -27.33 8.43 -26.99
CA LYS A 212 -27.62 8.43 -28.43
C LYS A 212 -29.05 8.04 -28.75
N ASP A 213 -29.79 7.48 -27.79
CA ASP A 213 -31.18 7.10 -28.04
C ASP A 213 -32.00 8.34 -28.39
N ASN A 214 -32.85 8.19 -29.40
CA ASN A 214 -33.77 9.22 -29.90
C ASN A 214 -33.04 10.46 -30.41
N ILE A 215 -31.74 10.35 -30.68
CA ILE A 215 -30.94 11.45 -31.21
C ILE A 215 -30.52 11.07 -32.62
N ASN A 216 -30.80 11.96 -33.58
CA ASN A 216 -30.45 11.69 -34.96
C ASN A 216 -28.95 11.50 -35.11
N SER A 217 -28.56 10.44 -35.81
CA SER A 217 -27.14 10.12 -35.97
C SER A 217 -26.46 11.00 -37.01
N GLN A 218 -27.20 11.38 -38.06
CA GLN A 218 -26.58 12.08 -39.19
C GLN A 218 -25.97 13.41 -38.75
N ASP A 219 -26.71 14.18 -37.95
CA ASP A 219 -26.26 15.51 -37.53
C ASP A 219 -25.41 15.39 -36.28
N LYS A 220 -24.18 15.91 -36.35
CA LYS A 220 -23.26 15.85 -35.22
C LYS A 220 -23.51 16.95 -34.19
N GLU A 221 -24.30 17.97 -34.52
CA GLU A 221 -24.53 19.06 -33.58
C GLU A 221 -25.22 18.56 -32.32
N LYS A 222 -26.26 17.74 -32.47
CA LYS A 222 -27.02 17.28 -31.32
C LYS A 222 -26.23 16.27 -30.50
N VAL A 223 -25.45 15.42 -31.16
CA VAL A 223 -24.59 14.49 -30.42
C VAL A 223 -23.53 15.25 -29.64
N LYS A 224 -22.96 16.29 -30.25
CA LYS A 224 -22.00 17.14 -29.55
C LYS A 224 -22.64 17.80 -28.34
N ALA A 225 -23.86 18.31 -28.50
CA ALA A 225 -24.55 18.93 -27.37
C ALA A 225 -24.80 17.92 -26.26
N LYS A 226 -25.18 16.69 -26.63
CA LYS A 226 -25.45 15.67 -25.63
C LYS A 226 -24.18 15.29 -24.86
N VAL A 227 -23.06 15.13 -25.56
CA VAL A 227 -21.81 14.78 -24.87
C VAL A 227 -21.34 15.95 -24.01
N VAL A 228 -21.55 17.18 -24.47
CA VAL A 228 -21.25 18.34 -23.64
C VAL A 228 -22.06 18.31 -22.36
N LYS A 229 -23.35 17.97 -22.48
CA LYS A 229 -24.20 17.85 -21.29
C LYS A 229 -23.68 16.77 -20.36
N LEU A 230 -23.25 15.64 -20.91
CA LEU A 230 -22.72 14.58 -20.06
C LEU A 230 -21.47 15.05 -19.31
N ILE A 231 -20.59 15.79 -19.99
CA ILE A 231 -19.41 16.34 -19.34
C ILE A 231 -19.82 17.29 -18.22
N GLU A 232 -20.82 18.13 -18.48
CA GLU A 232 -21.27 19.08 -17.45
C GLU A 232 -21.81 18.36 -16.22
N ASP A 233 -22.60 17.30 -16.43
CA ASP A 233 -23.11 16.53 -15.29
C ASP A 233 -21.97 15.86 -14.53
N HIS A 234 -20.96 15.36 -15.25
CA HIS A 234 -19.80 14.78 -14.56
C HIS A 234 -19.11 15.82 -13.69
N LYS A 235 -18.94 17.04 -14.22
CA LYS A 235 -18.31 18.10 -13.45
C LYS A 235 -19.16 18.48 -12.24
N ARG A 236 -20.49 18.49 -12.40
CA ARG A 236 -21.38 18.77 -11.28
C ARG A 236 -21.22 17.73 -10.17
N ILE A 237 -21.14 16.44 -10.56
CA ILE A 237 -20.93 15.39 -9.57
C ILE A 237 -19.60 15.59 -8.86
N ILE A 238 -18.56 15.96 -9.61
CA ILE A 238 -17.25 16.19 -9.01
C ILE A 238 -17.33 17.31 -7.98
N THR A 239 -18.00 18.41 -8.32
CA THR A 239 -18.12 19.53 -7.39
C THR A 239 -18.89 19.13 -6.13
N TYR A 240 -20.00 18.42 -6.30
CA TYR A 240 -20.77 17.93 -5.15
C TYR A 240 -19.88 17.12 -4.22
N VAL A 241 -19.15 16.16 -4.79
CA VAL A 241 -18.32 15.28 -3.97
C VAL A 241 -17.22 16.08 -3.29
N SER A 242 -16.65 17.08 -3.98
CA SER A 242 -15.58 17.87 -3.38
C SER A 242 -16.08 18.67 -2.18
N GLU A 243 -17.25 19.31 -2.30
CA GLU A 243 -17.78 20.08 -1.17
C GLU A 243 -18.07 19.18 0.02
N LEU A 244 -18.84 18.10 -0.22
CA LEU A 244 -19.10 17.16 0.86
C LEU A 244 -17.79 16.64 1.43
N ASN A 245 -16.79 16.45 0.57
CA ASN A 245 -15.51 15.93 0.99
C ASN A 245 -14.87 16.86 2.00
N SER A 246 -14.79 18.16 1.69
CA SER A 246 -14.17 19.10 2.62
C SER A 246 -14.87 19.07 3.98
N LEU A 247 -16.20 19.26 3.97
CA LEU A 247 -16.93 19.32 5.23
C LEU A 247 -16.71 18.07 6.06
N VAL A 248 -17.21 16.94 5.53
CA VAL A 248 -17.10 15.70 6.24
C VAL A 248 -15.64 15.28 6.40
N THR A 249 -14.71 15.94 5.72
CA THR A 249 -13.31 15.59 5.81
C THR A 249 -12.73 16.05 7.13
N TYR A 250 -12.88 17.34 7.44
CA TYR A 250 -12.45 17.78 8.76
C TYR A 250 -13.24 17.05 9.86
N ILE A 251 -14.57 16.95 9.68
CA ILE A 251 -15.36 16.29 10.71
C ILE A 251 -14.87 14.86 10.90
N CYS A 252 -14.52 14.17 9.81
CA CYS A 252 -14.15 12.77 9.87
C CYS A 252 -12.73 12.54 10.37
N PHE A 253 -11.82 13.50 10.21
CA PHE A 253 -10.55 13.38 10.92
C PHE A 253 -10.81 13.33 12.42
N VAL A 254 -11.56 14.32 12.93
CA VAL A 254 -11.85 14.30 14.36
C VAL A 254 -12.63 13.03 14.72
N GLU A 255 -13.53 12.60 13.83
CA GLU A 255 -14.36 11.43 14.07
C GLU A 255 -13.51 10.16 14.12
N PHE A 256 -12.53 10.03 13.23
CA PHE A 256 -11.66 8.87 13.24
C PHE A 256 -10.95 8.76 14.58
N LEU A 257 -10.33 9.86 15.03
CA LEU A 257 -9.64 9.79 16.31
C LEU A 257 -10.60 9.40 17.43
N SER A 258 -11.73 10.11 17.53
CA SER A 258 -12.65 9.88 18.64
C SER A 258 -13.24 8.47 18.59
N PHE A 259 -13.56 7.97 17.39
CA PHE A 259 -14.10 6.63 17.26
C PHE A 259 -13.09 5.58 17.67
N GLY A 260 -11.82 5.75 17.29
CA GLY A 260 -10.81 4.83 17.78
C GLY A 260 -10.79 4.76 19.29
N MET A 261 -10.73 5.92 19.94
CA MET A 261 -10.71 5.91 21.40
C MET A 261 -11.98 5.29 21.98
N MET A 262 -13.14 5.62 21.39
CA MET A 262 -14.41 5.14 21.94
C MET A 262 -14.55 3.62 21.79
N LEU A 263 -14.14 3.08 20.65
CA LEU A 263 -14.19 1.63 20.47
C LEU A 263 -13.26 0.94 21.43
N CYS A 264 -12.03 1.47 21.60
CA CYS A 264 -11.16 0.94 22.64
C CYS A 264 -11.86 0.92 23.98
N ALA A 265 -12.48 2.05 24.35
CA ALA A 265 -13.09 2.16 25.66
C ALA A 265 -14.19 1.13 25.85
N LEU A 266 -15.07 1.00 24.85
CA LEU A 266 -16.18 0.06 24.97
C LEU A 266 -15.69 -1.38 25.02
N LEU A 267 -14.72 -1.74 24.19
CA LEU A 267 -14.22 -3.11 24.19
C LEU A 267 -13.59 -3.44 25.54
N PHE A 268 -12.82 -2.51 26.12
CA PHE A 268 -12.23 -2.77 27.42
C PHE A 268 -13.31 -2.88 28.49
N LEU A 269 -14.33 -2.01 28.43
CA LEU A 269 -15.38 -2.03 29.43
C LEU A 269 -16.15 -3.35 29.41
N LEU A 270 -16.44 -3.86 28.20
CA LEU A 270 -17.23 -5.09 28.11
C LEU A 270 -16.52 -6.27 28.77
N ASN A 271 -15.19 -6.24 28.84
CA ASN A 271 -14.41 -7.37 29.32
C ASN A 271 -14.05 -7.27 30.80
N VAL A 272 -14.53 -6.25 31.50
CA VAL A 272 -14.21 -6.05 32.91
C VAL A 272 -15.46 -6.11 33.79
N ILE A 273 -16.58 -5.59 33.30
CA ILE A 273 -17.79 -5.53 34.12
C ILE A 273 -18.21 -6.94 34.53
N GLU A 274 -18.89 -7.03 35.67
CA GLU A 274 -19.38 -8.30 36.19
C GLU A 274 -20.82 -8.19 36.71
N ASN A 275 -21.55 -7.17 36.27
CA ASN A 275 -22.93 -6.96 36.70
C ASN A 275 -23.86 -7.89 35.93
N HIS A 276 -25.14 -7.88 36.32
CA HIS A 276 -26.12 -8.76 35.70
C HIS A 276 -26.31 -8.42 34.22
N ALA A 277 -26.83 -7.23 33.93
CA ALA A 277 -27.25 -6.87 32.58
C ALA A 277 -26.51 -5.69 31.98
N GLN A 278 -25.55 -5.10 32.70
CA GLN A 278 -24.83 -3.95 32.18
C GLN A 278 -23.99 -4.32 30.96
N ILE A 279 -23.62 -5.59 30.82
CA ILE A 279 -22.84 -6.01 29.65
C ILE A 279 -23.66 -5.87 28.38
N VAL A 280 -24.96 -6.15 28.47
CA VAL A 280 -25.82 -5.95 27.30
C VAL A 280 -25.85 -4.47 26.92
N ILE A 281 -25.83 -3.59 27.91
CA ILE A 281 -25.82 -2.15 27.63
C ILE A 281 -24.52 -1.76 26.94
N VAL A 282 -23.39 -2.28 27.43
CA VAL A 282 -22.11 -1.99 26.78
C VAL A 282 -22.13 -2.53 25.35
N ALA A 283 -22.69 -3.71 25.14
CA ALA A 283 -22.78 -4.28 23.79
C ALA A 283 -23.62 -3.38 22.88
N ALA A 284 -24.70 -2.81 23.41
CA ALA A 284 -25.48 -1.86 22.63
C ALA A 284 -24.64 -0.64 22.27
N TYR A 285 -23.83 -0.16 23.22
CA TYR A 285 -22.91 0.94 22.91
C TYR A 285 -22.02 0.58 21.73
N ILE A 286 -21.44 -0.63 21.77
CA ILE A 286 -20.55 -1.04 20.68
C ILE A 286 -21.30 -1.10 19.37
N PHE A 287 -22.52 -1.65 19.40
CA PHE A 287 -23.30 -1.74 18.17
C PHE A 287 -23.52 -0.35 17.59
N MET A 288 -23.88 0.62 18.42
CA MET A 288 -24.07 1.99 17.95
C MET A 288 -22.80 2.53 17.32
N ILE A 289 -21.66 2.37 18.01
CA ILE A 289 -20.41 2.96 17.53
C ILE A 289 -20.03 2.38 16.17
N ILE A 290 -20.01 1.04 16.08
CA ILE A 290 -19.61 0.43 14.82
C ILE A 290 -20.63 0.68 13.73
N SER A 291 -21.91 0.85 14.08
CA SER A 291 -22.90 1.18 13.05
C SER A 291 -22.58 2.54 12.43
N GLN A 292 -22.28 3.54 13.27
CA GLN A 292 -21.93 4.85 12.74
C GLN A 292 -20.67 4.77 11.88
N ILE A 293 -19.65 4.08 12.39
CA ILE A 293 -18.38 3.98 11.67
C ILE A 293 -18.59 3.33 10.31
N PHE A 294 -19.34 2.23 10.30
CA PHE A 294 -19.59 1.52 9.05
C PHE A 294 -20.39 2.37 8.09
N ALA A 295 -21.39 3.09 8.57
CA ALA A 295 -22.14 3.98 7.68
C ALA A 295 -21.19 4.94 6.97
N PHE A 296 -20.37 5.66 7.77
CA PHE A 296 -19.43 6.61 7.19
C PHE A 296 -18.57 5.95 6.11
N TYR A 297 -17.79 4.94 6.52
CA TYR A 297 -16.78 4.39 5.62
C TYR A 297 -17.39 3.69 4.43
N TRP A 298 -18.47 2.93 4.65
CA TRP A 298 -19.13 2.23 3.55
C TRP A 298 -19.64 3.22 2.51
N HIS A 299 -20.29 4.30 2.94
CA HIS A 299 -20.84 5.23 1.95
C HIS A 299 -19.73 5.95 1.19
N ALA A 300 -18.65 6.34 1.88
CA ALA A 300 -17.54 6.95 1.14
C ALA A 300 -16.94 5.98 0.13
N ASN A 301 -16.77 4.71 0.53
CA ASN A 301 -16.24 3.71 -0.38
C ASN A 301 -17.14 3.55 -1.59
N GLU A 302 -18.46 3.52 -1.38
CA GLU A 302 -19.37 3.40 -2.52
C GLU A 302 -19.24 4.60 -3.44
N VAL A 303 -19.06 5.80 -2.89
CA VAL A 303 -18.88 6.96 -3.75
C VAL A 303 -17.69 6.74 -4.67
N ARG A 304 -16.56 6.28 -4.10
CA ARG A 304 -15.38 6.02 -4.92
C ARG A 304 -15.66 4.98 -6.00
N GLU A 305 -16.21 3.82 -5.59
CA GLU A 305 -16.41 2.73 -6.54
C GLU A 305 -17.38 3.13 -7.63
N GLU A 306 -18.41 3.92 -7.30
CA GLU A 306 -19.37 4.35 -8.30
C GLU A 306 -18.78 5.39 -9.25
N SER A 307 -17.83 6.21 -8.80
CA SER A 307 -17.12 7.06 -9.76
C SER A 307 -16.31 6.23 -10.75
N MET A 308 -15.61 5.22 -10.25
CA MET A 308 -14.86 4.34 -11.15
C MET A 308 -15.80 3.60 -12.11
N ASN A 309 -16.93 3.12 -11.61
CA ASN A 309 -17.94 2.53 -12.47
C ASN A 309 -18.53 3.57 -13.43
N LEU A 310 -18.49 4.85 -13.07
CA LEU A 310 -18.81 5.89 -14.03
C LEU A 310 -17.86 5.85 -15.20
N ALA A 311 -16.57 5.70 -14.91
CA ALA A 311 -15.59 5.52 -15.99
C ALA A 311 -15.97 4.32 -16.86
N GLU A 312 -16.25 3.19 -16.21
CA GLU A 312 -16.59 1.98 -16.95
C GLU A 312 -17.81 2.18 -17.83
N ALA A 313 -18.86 2.79 -17.29
CA ALA A 313 -20.07 3.03 -18.06
C ALA A 313 -19.83 4.03 -19.18
N ALA A 314 -18.86 4.93 -19.01
CA ALA A 314 -18.45 5.78 -20.12
C ALA A 314 -17.87 4.94 -21.24
N TYR A 315 -17.09 3.92 -20.89
CA TYR A 315 -16.58 3.02 -21.94
C TYR A 315 -17.71 2.28 -22.64
N SER A 316 -18.68 1.77 -21.88
CA SER A 316 -19.76 0.93 -22.43
C SER A 316 -20.88 1.80 -22.99
N GLY A 317 -20.57 2.45 -24.12
CA GLY A 317 -21.52 3.32 -24.77
C GLY A 317 -21.54 3.14 -26.27
N PRO A 318 -22.37 3.92 -26.97
CA PRO A 318 -22.47 3.85 -28.44
C PRO A 318 -21.39 4.65 -29.15
N TRP A 319 -20.14 4.48 -28.73
CA TRP A 319 -19.05 5.32 -29.18
C TRP A 319 -18.34 4.80 -30.43
N VAL A 320 -18.68 3.59 -30.90
CA VAL A 320 -17.97 3.03 -32.05
C VAL A 320 -18.33 3.79 -33.32
N GLU A 321 -19.61 4.13 -33.50
CA GLU A 321 -20.07 4.74 -34.73
C GLU A 321 -20.04 6.27 -34.70
N LEU A 322 -19.73 6.87 -33.55
CA LEU A 322 -19.68 8.32 -33.47
C LEU A 322 -18.47 8.86 -34.21
N ASP A 323 -18.53 10.14 -34.56
CA ASP A 323 -17.42 10.80 -35.22
C ASP A 323 -16.19 10.78 -34.31
N ASN A 324 -15.04 11.17 -34.89
CA ASN A 324 -13.80 11.11 -34.14
C ASN A 324 -13.84 12.02 -32.92
N SER A 325 -14.37 13.23 -33.07
CA SER A 325 -14.34 14.21 -31.98
C SER A 325 -15.10 13.69 -30.76
N ILE A 326 -16.28 13.11 -30.96
CA ILE A 326 -17.05 12.61 -29.83
C ILE A 326 -16.31 11.45 -29.16
N LYS A 327 -15.62 10.62 -29.94
CA LYS A 327 -14.82 9.55 -29.36
C LYS A 327 -13.69 10.12 -28.52
N LYS A 328 -13.06 11.20 -28.98
CA LYS A 328 -12.03 11.84 -28.16
C LYS A 328 -12.61 12.39 -26.87
N LYS A 329 -13.80 13.00 -26.95
CA LYS A 329 -14.44 13.52 -25.74
C LYS A 329 -14.75 12.41 -24.75
N LEU A 330 -15.25 11.27 -25.25
CA LEU A 330 -15.52 10.14 -24.36
C LEU A 330 -14.23 9.54 -23.82
N LEU A 331 -13.14 9.60 -24.60
CA LEU A 331 -11.85 9.17 -24.08
C LEU A 331 -11.41 10.06 -22.92
N LEU A 332 -11.62 11.37 -23.05
CA LEU A 332 -11.29 12.28 -21.96
C LEU A 332 -12.17 12.01 -20.73
N ILE A 333 -13.45 11.70 -20.97
CA ILE A 333 -14.34 11.37 -19.86
C ILE A 333 -13.86 10.11 -19.13
N ILE A 334 -13.45 9.09 -19.90
CA ILE A 334 -12.90 7.89 -19.29
C ILE A 334 -11.62 8.20 -18.53
N LEU A 335 -10.79 9.08 -19.10
CA LEU A 335 -9.56 9.48 -18.43
C LEU A 335 -9.83 10.09 -17.07
N ARG A 336 -10.73 11.07 -17.01
CA ARG A 336 -11.03 11.72 -15.74
C ARG A 336 -11.72 10.76 -14.77
N ALA A 337 -12.67 9.98 -15.27
CA ALA A 337 -13.51 9.18 -14.38
C ALA A 337 -12.74 8.10 -13.64
N GLN A 338 -11.61 7.64 -14.18
CA GLN A 338 -10.85 6.57 -13.52
C GLN A 338 -10.25 7.01 -12.19
N GLN A 339 -10.24 8.31 -11.89
CA GLN A 339 -9.79 8.78 -10.59
C GLN A 339 -10.96 8.77 -9.62
N PRO A 340 -10.90 8.03 -8.51
CA PRO A 340 -12.05 7.98 -7.61
C PRO A 340 -12.37 9.35 -7.03
N LEU A 341 -13.67 9.61 -6.85
CA LEU A 341 -14.13 10.84 -6.20
C LEU A 341 -14.07 10.60 -4.69
N GLU A 342 -12.85 10.64 -4.17
CA GLU A 342 -12.61 10.30 -2.78
C GLU A 342 -13.18 11.35 -1.85
N ILE A 343 -13.73 10.88 -0.73
CA ILE A 343 -14.04 11.74 0.41
C ILE A 343 -12.96 11.47 1.45
N THR A 344 -12.09 12.44 1.68
CA THR A 344 -10.87 12.23 2.44
C THR A 344 -11.09 12.48 3.92
N VAL A 345 -10.27 11.84 4.74
CA VAL A 345 -10.28 12.00 6.19
C VAL A 345 -9.19 13.00 6.54
N GLY A 346 -9.60 14.20 6.95
CA GLY A 346 -8.66 15.26 7.24
C GLY A 346 -7.87 15.70 6.03
N ASN A 347 -8.33 15.34 4.83
CA ASN A 347 -7.66 15.61 3.56
C ASN A 347 -6.35 14.85 3.45
N VAL A 348 -6.08 13.92 4.36
CA VAL A 348 -4.84 13.15 4.35
C VAL A 348 -5.04 11.78 3.72
N TYR A 349 -6.13 11.08 4.07
CA TYR A 349 -6.36 9.72 3.61
C TYR A 349 -7.76 9.63 3.03
N PRO A 350 -7.92 9.05 1.84
CA PRO A 350 -9.27 8.76 1.33
C PRO A 350 -10.01 7.84 2.29
N MET A 351 -11.32 8.08 2.43
CA MET A 351 -12.16 7.28 3.32
C MET A 351 -12.64 6.06 2.56
N THR A 352 -12.21 4.88 3.02
CA THR A 352 -12.58 3.61 2.41
C THR A 352 -12.78 2.60 3.54
N LEU A 353 -13.08 1.36 3.17
CA LEU A 353 -13.23 0.30 4.16
C LEU A 353 -11.89 -0.19 4.69
N GLU A 354 -10.80 0.07 3.95
CA GLU A 354 -9.48 -0.26 4.48
C GLU A 354 -9.20 0.51 5.76
N MET A 355 -9.52 1.81 5.77
CA MET A 355 -9.35 2.57 7.00
C MET A 355 -10.33 2.12 8.07
N PHE A 356 -11.49 1.61 7.69
CA PHE A 356 -12.42 1.04 8.67
C PHE A 356 -11.79 -0.15 9.38
N GLN A 357 -11.20 -1.07 8.60
CA GLN A 357 -10.52 -2.21 9.21
C GLN A 357 -9.32 -1.76 10.05
N SER A 358 -8.59 -0.75 9.58
CA SER A 358 -7.48 -0.23 10.36
C SER A 358 -7.96 0.35 11.68
N LEU A 359 -9.08 1.07 11.67
CA LEU A 359 -9.65 1.61 12.90
C LEU A 359 -10.03 0.49 13.87
N LEU A 360 -10.66 -0.57 13.35
CA LEU A 360 -11.02 -1.69 14.20
C LEU A 360 -9.77 -2.34 14.81
N ASN A 361 -8.73 -2.53 13.99
CA ASN A 361 -7.50 -3.14 14.50
C ASN A 361 -6.85 -2.27 15.56
N ALA A 362 -6.80 -0.96 15.34
CA ALA A 362 -6.21 -0.06 16.33
C ALA A 362 -7.01 -0.09 17.62
N SER A 363 -8.34 -0.12 17.53
CA SER A 363 -9.17 -0.20 18.73
C SER A 363 -8.88 -1.49 19.49
N TYR A 364 -8.77 -2.60 18.78
CA TYR A 364 -8.49 -3.86 19.46
C TYR A 364 -7.10 -3.85 20.10
N SER A 365 -6.12 -3.22 19.43
CA SER A 365 -4.79 -3.10 20.02
C SER A 365 -4.83 -2.27 21.31
N TYR A 366 -5.56 -1.15 21.29
CA TYR A 366 -5.71 -0.36 22.50
C TYR A 366 -6.37 -1.21 23.60
N PHE A 367 -7.38 -2.00 23.22
CA PHE A 367 -8.06 -2.84 24.20
C PHE A 367 -7.10 -3.85 24.83
N THR A 368 -6.25 -4.45 24.00
CA THR A 368 -5.26 -5.39 24.53
C THR A 368 -4.28 -4.68 25.47
N LEU A 369 -3.87 -3.46 25.11
CA LEU A 369 -3.01 -2.69 26.00
C LEU A 369 -3.68 -2.48 27.36
N LEU A 370 -4.95 -2.07 27.34
CA LEU A 370 -5.68 -1.85 28.59
C LEU A 370 -5.80 -3.14 29.38
N ARG A 371 -6.05 -4.26 28.70
CA ARG A 371 -6.10 -5.55 29.38
C ARG A 371 -4.78 -5.83 30.09
N ARG A 372 -3.66 -5.64 29.38
CA ARG A 372 -2.36 -5.94 29.97
C ARG A 372 -2.08 -5.05 31.18
N VAL A 373 -2.33 -3.75 31.07
CA VAL A 373 -2.04 -2.85 32.18
C VAL A 373 -2.94 -3.16 33.37
N TYR A 374 -4.24 -3.36 33.11
CA TYR A 374 -5.18 -3.58 34.20
C TYR A 374 -4.86 -4.86 34.97
N ASN A 375 -4.49 -5.92 34.27
CA ASN A 375 -4.21 -7.20 34.92
C ASN A 375 -3.15 -7.06 36.00
N GLY B 7 16.88 35.67 -10.52
CA GLY B 7 15.87 34.63 -10.66
C GLY B 7 15.41 34.08 -9.33
N LEU B 8 15.43 32.75 -9.21
CA LEU B 8 15.01 32.12 -7.96
C LEU B 8 15.91 32.50 -6.79
N VAL B 9 17.13 32.96 -7.07
CA VAL B 9 18.00 33.42 -6.00
C VAL B 9 17.49 34.74 -5.42
N ALA B 10 16.97 35.62 -6.27
CA ALA B 10 16.47 36.90 -5.79
C ALA B 10 15.29 36.71 -4.86
N ASP B 11 14.38 35.79 -5.20
CA ASP B 11 13.21 35.55 -4.35
C ASP B 11 13.61 35.04 -2.98
N LEU B 12 14.60 34.16 -2.92
CA LEU B 12 14.99 33.48 -1.68
C LEU B 12 16.13 34.17 -0.97
N LEU B 13 16.44 35.42 -1.33
CA LEU B 13 17.60 36.09 -0.74
C LEU B 13 17.57 36.11 0.78
N PRO B 14 16.46 36.42 1.45
CA PRO B 14 16.48 36.40 2.92
C PRO B 14 16.90 35.06 3.51
N ASN B 15 16.38 33.96 2.97
CA ASN B 15 16.77 32.64 3.47
C ASN B 15 18.24 32.35 3.14
N ILE B 16 18.67 32.72 1.95
CA ILE B 16 20.06 32.49 1.56
C ILE B 16 20.99 33.23 2.51
N ARG B 17 20.64 34.47 2.86
CA ARG B 17 21.45 35.24 3.80
C ARG B 17 21.40 34.67 5.21
N VAL B 18 20.23 34.19 5.64
CA VAL B 18 20.15 33.58 6.96
C VAL B 18 21.08 32.38 7.05
N MET B 19 21.10 31.56 5.99
CA MET B 19 22.06 30.45 5.95
C MET B 19 23.49 30.96 5.90
N GLN B 20 23.76 31.93 5.02
CA GLN B 20 25.11 32.38 4.74
C GLN B 20 25.78 32.96 5.98
N GLY B 21 25.09 33.87 6.67
CA GLY B 21 25.74 34.65 7.70
C GLY B 21 25.84 33.95 9.04
N VAL B 22 25.17 32.80 9.20
CA VAL B 22 25.14 32.17 10.51
C VAL B 22 26.17 31.05 10.61
N GLY B 23 26.02 29.98 9.84
CA GLY B 23 26.99 28.90 9.87
C GLY B 23 27.12 28.09 8.60
N HIS B 24 26.61 28.59 7.47
CA HIS B 24 26.25 27.70 6.38
C HIS B 24 26.94 28.00 5.06
N PHE B 25 28.27 28.20 5.09
CA PHE B 25 29.06 28.27 3.87
C PHE B 25 28.38 29.11 2.80
N MET B 26 28.10 28.53 1.64
CA MET B 26 27.43 29.25 0.54
C MET B 26 28.24 30.47 0.11
N PHE B 27 29.42 30.20 -0.44
CA PHE B 27 30.29 31.26 -0.95
C PHE B 27 30.00 31.53 -2.43
N ASN B 28 28.77 31.99 -2.70
CA ASN B 28 28.34 32.18 -4.08
C ASN B 28 27.63 33.50 -4.38
N TYR B 29 27.03 34.18 -3.42
CA TYR B 29 26.13 35.29 -3.70
C TYR B 29 26.51 36.55 -2.92
N TYR B 30 27.78 36.91 -2.96
CA TYR B 30 28.23 38.21 -2.46
C TYR B 30 29.53 38.58 -3.16
N SER B 31 30.01 39.77 -2.87
CA SER B 31 31.23 40.27 -3.51
C SER B 31 32.43 39.45 -3.07
N GLU B 32 33.49 39.51 -3.90
CA GLU B 32 34.68 38.72 -3.62
C GLU B 32 35.30 39.10 -2.28
N GLY B 33 35.08 40.32 -1.81
CA GLY B 33 35.65 40.77 -0.55
C GLY B 33 35.24 39.91 0.63
N LYS B 34 33.96 39.51 0.67
CA LYS B 34 33.46 38.74 1.79
C LYS B 34 33.73 37.24 1.64
N LYS B 35 34.30 36.81 0.51
CA LYS B 35 34.51 35.38 0.31
C LYS B 35 35.46 34.79 1.35
N PHE B 36 36.56 35.49 1.62
CA PHE B 36 37.62 34.97 2.48
C PHE B 36 37.24 35.11 3.96
N PRO B 37 36.86 36.30 4.43
CA PRO B 37 36.43 36.41 5.84
C PRO B 37 35.27 35.49 6.16
N HIS B 38 34.31 35.36 5.24
CA HIS B 38 33.17 34.48 5.48
C HIS B 38 33.63 33.02 5.52
N ARG B 39 34.58 32.66 4.66
CA ARG B 39 35.12 31.31 4.68
C ARG B 39 35.72 31.00 6.04
N ILE B 40 36.55 31.90 6.56
CA ILE B 40 37.16 31.67 7.87
C ILE B 40 36.08 31.59 8.94
N TYR B 41 35.06 32.44 8.84
CA TYR B 41 33.99 32.44 9.84
C TYR B 41 33.25 31.11 9.83
N CYS B 42 33.00 30.57 8.65
CA CYS B 42 32.37 29.26 8.54
C CYS B 42 33.24 28.18 9.17
N ILE B 43 34.54 28.24 8.92
CA ILE B 43 35.45 27.25 9.52
C ILE B 43 35.39 27.34 11.04
N VAL B 44 35.38 28.57 11.57
CA VAL B 44 35.33 28.73 13.03
C VAL B 44 34.02 28.18 13.59
N THR B 45 32.90 28.47 12.91
CA THR B 45 31.61 27.97 13.37
C THR B 45 31.59 26.45 13.39
N LEU B 46 32.08 25.83 12.31
CA LEU B 46 32.13 24.37 12.25
C LEU B 46 33.02 23.82 13.35
N LEU B 47 34.17 24.46 13.59
CA LEU B 47 35.08 23.99 14.61
C LEU B 47 34.44 24.05 15.99
N LEU B 48 33.76 25.15 16.28
CA LEU B 48 33.10 25.29 17.59
C LEU B 48 32.00 24.24 17.76
N LEU B 49 31.19 24.05 16.73
CA LEU B 49 30.11 23.06 16.80
C LEU B 49 30.68 21.67 17.02
N LEU B 50 31.73 21.31 16.28
CA LEU B 50 32.33 19.99 16.41
C LEU B 50 32.99 19.83 17.77
N LEU B 51 33.59 20.90 18.29
CA LEU B 51 34.19 20.86 19.63
C LEU B 51 33.13 20.53 20.67
N GLN B 52 32.02 21.27 20.66
CA GLN B 52 30.98 21.02 21.66
C GLN B 52 30.37 19.64 21.47
N TYR B 53 30.22 19.21 20.21
CA TYR B 53 29.73 17.87 19.92
C TYR B 53 30.64 16.81 20.54
N GLY B 54 31.95 16.98 20.38
CA GLY B 54 32.89 16.03 20.94
C GLY B 54 32.87 16.01 22.45
N MET B 55 32.75 17.19 23.08
CA MET B 55 32.64 17.24 24.53
C MET B 55 31.39 16.49 24.99
N MET B 56 30.27 16.68 24.27
CA MET B 56 29.05 15.94 24.60
C MET B 56 29.27 14.44 24.49
N ALA B 57 29.97 14.01 23.44
CA ALA B 57 30.22 12.58 23.26
C ALA B 57 31.07 12.02 24.40
N VAL B 58 32.13 12.73 24.77
CA VAL B 58 33.00 12.21 25.83
C VAL B 58 32.22 12.18 27.14
N ASN B 59 31.34 13.16 27.35
CA ASN B 59 30.47 13.13 28.53
C ASN B 59 29.59 11.89 28.52
N LEU B 60 28.97 11.61 27.38
CA LEU B 60 28.18 10.39 27.25
C LEU B 60 29.00 9.15 27.57
N MET B 61 30.30 9.18 27.29
CA MET B 61 31.12 7.99 27.50
C MET B 61 31.15 7.55 28.97
N MET B 62 31.35 8.49 29.91
CA MET B 62 31.40 8.06 31.31
C MET B 62 30.03 7.69 31.84
N GLU B 63 28.97 8.28 31.28
CA GLU B 63 27.61 8.07 31.77
C GLU B 63 26.94 6.85 31.16
N SER B 64 27.73 5.87 30.71
CA SER B 64 27.21 4.66 30.09
C SER B 64 26.90 3.56 31.10
N ASP B 65 27.20 3.78 32.39
CA ASP B 65 26.93 2.75 33.39
C ASP B 65 25.44 2.46 33.50
N ASP B 66 24.62 3.51 33.51
CA ASP B 66 23.18 3.37 33.61
C ASP B 66 22.55 3.53 32.23
N VAL B 67 21.26 3.19 32.15
CA VAL B 67 20.55 3.18 30.87
C VAL B 67 19.77 4.49 30.69
N ASP B 68 19.27 5.05 31.78
CA ASP B 68 18.51 6.29 31.68
C ASP B 68 19.39 7.44 31.20
N ASP B 69 20.53 7.64 31.86
CA ASP B 69 21.45 8.70 31.45
C ASP B 69 21.99 8.44 30.05
N LEU B 70 22.30 7.18 29.75
CA LEU B 70 22.79 6.84 28.42
C LEU B 70 21.77 7.19 27.36
N THR B 71 20.49 6.89 27.62
CA THR B 71 19.45 7.18 26.64
C THR B 71 19.25 8.68 26.47
N ALA B 72 19.24 9.43 27.57
CA ALA B 72 19.11 10.88 27.46
C ALA B 72 20.27 11.47 26.67
N ASN B 73 21.49 11.03 26.98
CA ASN B 73 22.66 11.51 26.25
C ASN B 73 22.57 11.14 24.77
N THR B 74 22.12 9.93 24.47
CA THR B 74 22.01 9.51 23.08
C THR B 74 21.00 10.37 22.32
N ILE B 75 19.87 10.69 22.97
CA ILE B 75 18.87 11.53 22.32
C ILE B 75 19.46 12.91 22.03
N THR B 76 20.16 13.49 23.01
CA THR B 76 20.80 14.78 22.76
C THR B 76 21.83 14.68 21.65
N MET B 77 22.62 13.61 21.65
CA MET B 77 23.66 13.43 20.65
C MET B 77 23.06 13.36 19.25
N LEU B 78 21.95 12.64 19.09
CA LEU B 78 21.32 12.55 17.77
C LEU B 78 20.70 13.88 17.35
N PHE B 79 20.03 14.56 18.28
CA PHE B 79 19.39 15.82 17.92
C PHE B 79 20.45 16.81 17.45
N PHE B 80 21.59 16.86 18.14
CA PHE B 80 22.69 17.72 17.70
C PHE B 80 23.53 17.08 16.59
N LEU B 81 23.29 15.81 16.27
CA LEU B 81 23.83 15.22 15.05
C LEU B 81 23.16 15.82 13.83
N HIS B 82 21.86 16.07 13.92
CA HIS B 82 21.13 16.59 12.76
C HIS B 82 21.83 17.79 12.12
N PRO B 83 22.10 18.86 12.87
CA PRO B 83 22.74 20.03 12.25
C PRO B 83 24.15 19.76 11.75
N ILE B 84 24.92 18.92 12.42
CA ILE B 84 26.27 18.61 11.94
C ILE B 84 26.20 17.94 10.58
N VAL B 85 25.31 16.95 10.44
CA VAL B 85 25.13 16.28 9.16
C VAL B 85 24.69 17.27 8.10
N LYS B 86 23.75 18.15 8.45
CA LYS B 86 23.27 19.13 7.47
C LYS B 86 24.42 20.04 7.00
N MET B 87 25.22 20.53 7.95
CA MET B 87 26.25 21.51 7.63
C MET B 87 27.43 20.90 6.89
N ILE B 88 27.74 19.62 7.14
CA ILE B 88 28.75 18.95 6.34
C ILE B 88 28.16 18.31 5.09
N TYR B 89 26.84 18.35 4.92
CA TYR B 89 26.20 17.84 3.72
C TYR B 89 26.07 18.92 2.65
N PHE B 90 25.75 20.16 3.03
CA PHE B 90 25.62 21.19 2.00
C PHE B 90 26.91 21.42 1.24
N PRO B 91 28.09 21.57 1.88
CA PRO B 91 29.30 21.88 1.11
C PRO B 91 29.66 20.82 0.07
N VAL B 92 29.51 19.53 0.40
CA VAL B 92 29.89 18.49 -0.55
C VAL B 92 28.99 18.53 -1.77
N ARG B 93 27.70 18.85 -1.57
CA ARG B 93 26.73 18.92 -2.64
C ARG B 93 26.44 20.37 -3.05
N SER B 94 27.44 21.25 -2.96
CA SER B 94 27.21 22.66 -3.26
C SER B 94 26.79 22.87 -4.70
N LYS B 95 27.37 22.12 -5.63
CA LYS B 95 27.09 22.35 -7.05
C LYS B 95 25.62 22.06 -7.36
N ILE B 96 25.07 20.96 -6.84
CA ILE B 96 23.68 20.63 -7.12
C ILE B 96 22.75 21.65 -6.48
N PHE B 97 23.10 22.14 -5.29
CA PHE B 97 22.29 23.18 -4.66
C PHE B 97 22.29 24.46 -5.48
N TYR B 98 23.46 24.86 -6.00
CA TYR B 98 23.53 26.03 -6.85
C TYR B 98 22.83 25.82 -8.18
N LYS B 99 22.74 24.57 -8.65
CA LYS B 99 22.01 24.28 -9.87
C LYS B 99 20.51 24.34 -9.65
N THR B 100 20.04 23.89 -8.47
CA THR B 100 18.64 24.04 -8.14
C THR B 100 18.23 25.51 -8.21
N LEU B 101 18.98 26.38 -7.54
CA LEU B 101 18.87 27.80 -7.79
C LEU B 101 19.38 28.11 -9.20
N ALA B 102 19.09 29.32 -9.67
CA ALA B 102 19.43 29.74 -11.04
C ALA B 102 18.75 28.87 -12.08
N ILE B 103 17.73 28.11 -11.69
CA ILE B 103 16.97 27.31 -12.65
C ILE B 103 15.91 28.17 -13.33
N TRP B 104 15.33 29.12 -12.59
CA TRP B 104 14.28 30.00 -13.11
C TRP B 104 14.84 31.34 -13.58
N ASN B 105 16.13 31.37 -13.97
CA ASN B 105 16.73 32.63 -14.39
C ASN B 105 16.19 33.10 -15.74
N ASN B 106 15.83 32.18 -16.62
CA ASN B 106 15.31 32.49 -17.95
C ASN B 106 14.00 31.73 -18.15
N PRO B 107 12.89 32.26 -17.63
CA PRO B 107 11.60 31.57 -17.77
C PRO B 107 10.87 31.94 -19.05
N ASN B 108 9.74 31.29 -19.31
CA ASN B 108 8.95 31.59 -20.48
C ASN B 108 8.13 32.87 -20.25
N SER B 109 7.51 33.35 -21.33
CA SER B 109 6.72 34.56 -21.26
C SER B 109 5.72 34.59 -22.40
N HIS B 110 4.51 35.06 -22.11
CA HIS B 110 3.50 35.31 -23.12
C HIS B 110 2.85 36.66 -22.85
N PRO B 111 2.49 37.42 -23.89
CA PRO B 111 1.86 38.73 -23.66
C PRO B 111 0.48 38.66 -23.04
N LEU B 112 -0.08 37.47 -22.81
CA LEU B 112 -1.41 37.32 -22.23
C LEU B 112 -1.40 36.77 -20.81
N PHE B 113 -0.47 35.87 -20.49
CA PHE B 113 -0.42 35.24 -19.18
C PHE B 113 0.60 35.89 -18.25
N ALA B 114 0.97 37.14 -18.52
CA ALA B 114 1.98 37.80 -17.69
C ALA B 114 1.39 38.23 -16.35
N GLU B 115 0.15 38.70 -16.34
CA GLU B 115 -0.44 39.23 -15.11
C GLU B 115 -0.57 38.12 -14.06
N SER B 116 -1.08 36.95 -14.46
CA SER B 116 -1.19 35.83 -13.53
C SER B 116 0.19 35.39 -13.05
N ASN B 117 1.17 35.39 -13.96
CA ASN B 117 2.54 35.03 -13.58
C ASN B 117 3.04 35.95 -12.48
N ALA B 118 2.87 37.27 -12.66
CA ALA B 118 3.33 38.21 -11.65
C ALA B 118 2.59 38.03 -10.34
N ARG B 119 1.27 37.85 -10.40
CA ARG B 119 0.47 37.70 -9.19
C ARG B 119 0.94 36.48 -8.39
N PHE B 120 1.13 35.36 -9.07
CA PHE B 120 1.50 34.13 -8.37
C PHE B 120 2.96 34.15 -7.93
N HIS B 121 3.83 34.85 -8.67
CA HIS B 121 5.19 35.05 -8.19
C HIS B 121 5.20 35.84 -6.88
N ALA B 122 4.40 36.91 -6.82
CA ALA B 122 4.30 37.69 -5.60
C ALA B 122 3.75 36.85 -4.46
N LEU B 123 2.72 36.05 -4.74
CA LEU B 123 2.16 35.19 -3.70
C LEU B 123 3.19 34.19 -3.19
N ALA B 124 3.97 33.61 -4.11
CA ALA B 124 5.02 32.67 -3.70
C ALA B 124 6.05 33.33 -2.81
N ILE B 125 6.48 34.55 -3.18
CA ILE B 125 7.47 35.26 -2.37
C ILE B 125 6.89 35.56 -0.98
N THR B 126 5.63 36.01 -0.93
CA THR B 126 5.02 36.30 0.36
C THR B 126 4.95 35.07 1.24
N LYS B 127 4.55 33.93 0.68
CA LYS B 127 4.48 32.71 1.47
C LYS B 127 5.86 32.24 1.89
N MET B 128 6.87 32.45 1.05
CA MET B 128 8.25 32.11 1.42
C MET B 128 8.67 32.90 2.65
N ARG B 129 8.44 34.22 2.64
CA ARG B 129 8.81 35.05 3.78
C ARG B 129 8.02 34.63 5.02
N ARG B 130 6.72 34.34 4.84
CA ARG B 130 5.91 33.89 5.97
C ARG B 130 6.50 32.63 6.60
N LEU B 131 6.85 31.65 5.77
CA LEU B 131 7.41 30.40 6.30
C LEU B 131 8.74 30.64 6.98
N LEU B 132 9.60 31.47 6.39
CA LEU B 132 10.89 31.76 6.99
C LEU B 132 10.70 32.37 8.38
N PHE B 133 9.83 33.36 8.50
CA PHE B 133 9.60 33.99 9.79
C PHE B 133 9.00 33.02 10.78
N CYS B 134 8.07 32.17 10.34
CA CYS B 134 7.46 31.21 11.25
C CYS B 134 8.50 30.25 11.81
N VAL B 135 9.37 29.71 10.95
CA VAL B 135 10.37 28.76 11.42
C VAL B 135 11.39 29.46 12.32
N ALA B 136 11.76 30.70 11.98
CA ALA B 136 12.67 31.43 12.84
C ALA B 136 12.08 31.64 14.23
N GLY B 137 10.81 32.02 14.29
CA GLY B 137 10.15 32.16 15.58
C GLY B 137 10.09 30.86 16.34
N ALA B 138 9.85 29.75 15.63
CA ALA B 138 9.83 28.44 16.28
C ALA B 138 11.18 28.13 16.90
N THR B 139 12.27 28.38 16.17
CA THR B 139 13.60 28.09 16.70
C THR B 139 13.93 28.97 17.90
N ILE B 140 13.59 30.25 17.82
CA ILE B 140 13.84 31.15 18.97
C ILE B 140 13.05 30.67 20.18
N PHE B 141 11.78 30.29 19.97
CA PHE B 141 10.99 29.75 21.06
C PHE B 141 11.67 28.52 21.64
N SER B 142 12.19 27.65 20.79
CA SER B 142 12.84 26.43 21.26
C SER B 142 14.04 26.75 22.14
N VAL B 143 14.90 27.66 21.69
CA VAL B 143 16.11 27.95 22.46
C VAL B 143 15.77 28.62 23.79
N ILE B 144 14.83 29.56 23.78
CA ILE B 144 14.48 30.23 25.03
C ILE B 144 13.82 29.24 25.98
N SER B 145 12.98 28.35 25.47
CA SER B 145 12.36 27.33 26.30
C SER B 145 13.41 26.41 26.91
N TRP B 146 14.41 26.01 26.12
CA TRP B 146 15.49 25.19 26.64
C TRP B 146 16.19 25.91 27.79
N THR B 147 16.57 27.16 27.59
CA THR B 147 17.28 27.89 28.63
C THR B 147 16.41 28.01 29.89
N GLY B 148 15.13 28.31 29.71
CA GLY B 148 14.24 28.40 30.86
C GLY B 148 14.15 27.10 31.63
N ILE B 149 13.98 25.98 30.92
CA ILE B 149 13.82 24.70 31.62
C ILE B 149 15.12 24.33 32.33
N THR B 150 16.28 24.66 31.74
CA THR B 150 17.53 24.39 32.45
C THR B 150 17.64 25.22 33.71
N PHE B 151 17.24 26.50 33.65
CA PHE B 151 17.37 27.35 34.82
C PHE B 151 16.41 26.93 35.93
N ILE B 152 15.18 26.54 35.57
CA ILE B 152 14.23 26.10 36.59
C ILE B 152 14.49 24.66 37.04
N GLU B 153 15.21 23.87 36.24
CA GLU B 153 15.49 22.49 36.60
C GLU B 153 16.52 22.44 37.72
N ASP B 154 16.45 21.39 38.53
CA ASP B 154 17.39 21.15 39.62
C ASP B 154 18.51 20.27 39.11
N SER B 155 19.75 20.76 39.20
CA SER B 155 20.92 20.04 38.71
C SER B 155 21.44 19.10 39.79
N VAL B 156 20.68 18.04 40.02
CA VAL B 156 20.99 17.03 41.03
C VAL B 156 21.00 15.66 40.38
N LYS B 157 22.06 14.90 40.62
CA LYS B 157 22.20 13.54 40.11
C LYS B 157 22.03 12.56 41.26
N ARG B 158 21.22 11.52 41.03
CA ARG B 158 20.98 10.49 42.02
C ARG B 158 21.73 9.22 41.60
N ILE B 159 22.59 8.74 42.48
CA ILE B 159 23.41 7.57 42.19
C ILE B 159 23.17 6.48 43.24
N THR B 168 22.56 8.29 46.73
CA THR B 168 23.35 9.49 47.02
C THR B 168 22.97 10.61 46.04
N ILE B 169 23.03 11.85 46.52
CA ILE B 169 22.69 13.03 45.73
C ILE B 169 23.96 13.85 45.51
N ILE B 170 24.23 14.19 44.26
CA ILE B 170 25.42 14.97 43.91
C ILE B 170 24.99 16.20 43.12
N PRO B 171 25.63 17.35 43.31
CA PRO B 171 25.28 18.55 42.54
C PRO B 171 25.93 18.53 41.16
N ILE B 172 25.11 18.34 40.13
CA ILE B 172 25.58 18.44 38.75
C ILE B 172 25.74 19.92 38.43
N PRO B 173 26.69 20.32 37.59
CA PRO B 173 26.72 21.72 37.15
C PRO B 173 25.41 22.11 36.49
N ARG B 174 24.94 23.31 36.79
CA ARG B 174 23.67 23.81 36.26
C ARG B 174 23.90 24.29 34.82
N LEU B 175 24.17 23.32 33.95
CA LEU B 175 24.49 23.57 32.56
C LEU B 175 23.31 23.21 31.67
N MET B 176 23.21 23.89 30.53
CA MET B 176 22.05 23.72 29.67
C MET B 176 22.09 22.38 28.94
N ILE B 177 23.26 21.97 28.46
CA ILE B 177 23.47 20.67 27.85
C ILE B 177 24.53 19.94 28.66
N ARG B 178 24.24 18.70 29.04
CA ARG B 178 25.22 17.90 29.76
C ARG B 178 26.48 17.78 28.92
N THR B 179 27.63 18.10 29.52
CA THR B 179 28.89 18.10 28.80
C THR B 179 30.03 18.01 29.79
N PHE B 180 31.10 17.33 29.39
CA PHE B 180 32.30 17.22 30.19
C PHE B 180 33.27 18.32 29.76
N TYR B 181 33.53 19.25 30.67
CA TYR B 181 34.38 20.39 30.38
C TYR B 181 35.66 20.32 31.19
N PRO B 182 36.84 20.51 30.59
CA PRO B 182 38.07 20.55 31.40
C PRO B 182 38.03 21.61 32.47
N PHE B 183 37.32 22.71 32.25
CA PHE B 183 37.22 23.76 33.23
C PHE B 183 36.48 23.25 34.47
N ASN B 184 36.44 24.10 35.51
CA ASN B 184 35.71 23.75 36.71
C ASN B 184 34.22 23.60 36.42
N ALA B 185 33.66 24.49 35.61
CA ALA B 185 32.26 24.48 35.21
C ALA B 185 31.31 24.67 36.37
N MET B 186 31.82 25.06 37.54
CA MET B 186 30.98 25.34 38.71
C MET B 186 31.12 26.77 39.18
N SER B 187 32.34 27.29 39.25
CA SER B 187 32.56 28.68 39.65
C SER B 187 32.08 29.61 38.54
N GLY B 188 32.16 30.91 38.81
CA GLY B 188 31.57 31.88 37.90
C GLY B 188 32.17 31.83 36.51
N ALA B 189 33.50 31.81 36.42
CA ALA B 189 34.16 31.94 35.13
C ALA B 189 33.77 30.81 34.18
N GLY B 190 34.09 29.58 34.56
CA GLY B 190 33.77 28.44 33.70
C GLY B 190 32.28 28.31 33.47
N HIS B 191 31.48 28.55 34.51
CA HIS B 191 30.03 28.41 34.38
C HIS B 191 29.48 29.36 33.32
N VAL B 192 29.87 30.63 33.37
CA VAL B 192 29.34 31.59 32.40
C VAL B 192 29.91 31.30 31.02
N PHE B 193 31.20 30.95 30.93
CA PHE B 193 31.76 30.62 29.63
C PHE B 193 30.98 29.50 28.97
N ALA B 194 30.71 28.43 29.73
CA ALA B 194 29.94 27.31 29.20
C ALA B 194 28.53 27.73 28.86
N LEU B 195 27.92 28.60 29.68
CA LEU B 195 26.55 29.02 29.41
C LEU B 195 26.44 29.73 28.06
N ILE B 196 27.28 30.74 27.84
CA ILE B 196 27.23 31.44 26.56
C ILE B 196 27.63 30.52 25.41
N TYR B 197 28.62 29.65 25.63
CA TYR B 197 29.03 28.74 24.56
C TYR B 197 27.89 27.82 24.15
N GLN B 198 27.16 27.29 25.13
CA GLN B 198 26.06 26.37 24.82
C GLN B 198 24.88 27.11 24.19
N PHE B 199 24.61 28.34 24.63
CA PHE B 199 23.59 29.15 23.98
C PHE B 199 23.94 29.36 22.51
N TYR B 200 25.20 29.69 22.23
CA TYR B 200 25.64 29.86 20.86
C TYR B 200 25.51 28.55 20.07
N TYR B 201 25.90 27.44 20.68
CA TYR B 201 25.76 26.14 20.02
C TYR B 201 24.32 25.87 19.62
N LEU B 202 23.39 26.03 20.57
CA LEU B 202 21.99 25.78 20.27
C LEU B 202 21.51 26.68 19.14
N VAL B 203 21.80 27.97 19.24
CA VAL B 203 21.32 28.91 18.23
C VAL B 203 21.83 28.51 16.86
N ILE B 204 23.13 28.22 16.75
CA ILE B 204 23.72 27.94 15.44
C ILE B 204 23.21 26.63 14.88
N SER B 205 23.11 25.60 15.72
CA SER B 205 22.64 24.30 15.25
C SER B 205 21.21 24.40 14.71
N MET B 206 20.31 24.97 15.51
CA MET B 206 18.94 25.11 15.05
C MET B 206 18.88 25.98 13.80
N ALA B 207 19.66 27.06 13.76
CA ALA B 207 19.65 27.94 12.60
C ALA B 207 20.04 27.17 11.33
N VAL B 208 21.15 26.44 11.37
CA VAL B 208 21.61 25.74 10.18
C VAL B 208 20.58 24.72 9.72
N SER B 209 20.15 23.86 10.65
CA SER B 209 19.22 22.79 10.29
C SER B 209 17.94 23.38 9.68
N ASN B 210 17.24 24.21 10.46
CA ASN B 210 15.98 24.75 10.00
C ASN B 210 16.14 25.65 8.79
N SER B 211 17.32 26.26 8.58
CA SER B 211 17.51 27.10 7.41
C SER B 211 17.55 26.26 6.13
N LEU B 212 18.29 25.15 6.15
CA LEU B 212 18.28 24.30 4.96
C LEU B 212 16.90 23.69 4.74
N ASP B 213 16.23 23.28 5.84
CA ASP B 213 14.87 22.75 5.69
C ASP B 213 13.94 23.79 5.06
N VAL B 214 14.02 25.04 5.52
CA VAL B 214 13.16 26.08 4.99
C VAL B 214 13.51 26.38 3.53
N LEU B 215 14.79 26.27 3.16
CA LEU B 215 15.13 26.43 1.76
C LEU B 215 14.44 25.39 0.88
N PHE B 216 14.47 24.13 1.33
CA PHE B 216 13.76 23.07 0.62
C PHE B 216 12.27 23.39 0.51
N CYS B 217 11.67 23.78 1.62
CA CYS B 217 10.24 24.09 1.62
C CYS B 217 9.92 25.28 0.73
N SER B 218 10.83 26.26 0.65
CA SER B 218 10.60 27.41 -0.22
C SER B 218 10.65 27.00 -1.68
N TRP B 219 11.57 26.11 -2.05
CA TRP B 219 11.55 25.56 -3.40
C TRP B 219 10.21 24.92 -3.70
N LEU B 220 9.71 24.11 -2.77
CA LEU B 220 8.43 23.45 -2.97
C LEU B 220 7.29 24.46 -3.11
N LEU B 221 7.32 25.52 -2.30
CA LEU B 221 6.30 26.56 -2.40
C LEU B 221 6.32 27.22 -3.77
N PHE B 222 7.52 27.52 -4.29
CA PHE B 222 7.61 28.12 -5.61
C PHE B 222 7.01 27.19 -6.66
N ALA B 223 7.31 25.90 -6.59
CA ALA B 223 6.75 24.97 -7.55
C ALA B 223 5.23 24.93 -7.47
N CYS B 224 4.68 24.89 -6.25
CA CYS B 224 3.23 24.85 -6.10
C CYS B 224 2.57 26.10 -6.67
N GLU B 225 3.16 27.27 -6.39
CA GLU B 225 2.58 28.51 -6.92
C GLU B 225 2.63 28.54 -8.44
N GLN B 226 3.71 28.01 -9.03
CA GLN B 226 3.78 27.97 -10.48
C GLN B 226 2.71 27.03 -11.05
N LEU B 227 2.45 25.91 -10.38
CA LEU B 227 1.37 25.03 -10.81
C LEU B 227 0.02 25.73 -10.74
N GLN B 228 -0.21 26.48 -9.66
CA GLN B 228 -1.45 27.23 -9.54
C GLN B 228 -1.60 28.24 -10.68
N HIS B 229 -0.51 28.93 -11.01
CA HIS B 229 -0.53 29.83 -12.16
C HIS B 229 -0.88 29.07 -13.43
N LEU B 230 -0.31 27.89 -13.62
CA LEU B 230 -0.57 27.11 -14.82
C LEU B 230 -2.05 26.77 -14.94
N LYS B 231 -2.70 26.39 -13.84
CA LYS B 231 -4.13 26.09 -13.89
C LYS B 231 -4.95 27.35 -14.16
N ALA B 232 -4.65 28.43 -13.42
CA ALA B 232 -5.41 29.65 -13.55
C ALA B 232 -5.32 30.22 -14.95
N ILE B 233 -4.25 29.93 -15.69
CA ILE B 233 -4.20 30.31 -17.09
C ILE B 233 -4.69 29.20 -18.01
N MET B 234 -4.72 27.95 -17.54
CA MET B 234 -5.32 26.88 -18.33
C MET B 234 -6.76 27.19 -18.66
N LYS B 235 -7.50 27.71 -17.68
CA LYS B 235 -8.88 28.07 -17.97
C LYS B 235 -8.99 29.12 -19.09
N PRO B 236 -8.45 30.33 -18.94
CA PRO B 236 -8.54 31.29 -20.06
C PRO B 236 -7.80 30.84 -21.31
N LEU B 237 -6.83 29.93 -21.19
CA LEU B 237 -6.18 29.39 -22.38
C LEU B 237 -7.19 28.63 -23.24
N MET B 238 -7.95 27.73 -22.61
CA MET B 238 -8.99 27.02 -23.34
C MET B 238 -10.04 27.97 -23.86
N GLU B 239 -10.41 28.98 -23.05
CA GLU B 239 -11.36 29.98 -23.55
C GLU B 239 -10.81 30.68 -24.80
N LEU B 240 -9.51 30.95 -24.82
CA LEU B 240 -8.90 31.56 -26.00
C LEU B 240 -8.97 30.64 -27.21
N SER B 241 -8.71 29.34 -27.01
CA SER B 241 -8.73 28.42 -28.13
C SER B 241 -10.11 28.34 -28.76
N ALA B 242 -11.17 28.33 -27.93
CA ALA B 242 -12.52 28.19 -28.44
C ALA B 242 -12.86 29.33 -29.39
N THR B 243 -13.59 29.00 -30.45
CA THR B 243 -14.00 29.97 -31.45
C THR B 243 -14.68 31.18 -30.80
N GLY B 313 -12.72 27.05 -37.26
CA GLY B 313 -13.40 28.34 -37.18
C GLY B 313 -12.49 29.45 -36.68
N LEU B 314 -11.19 29.20 -36.67
CA LEU B 314 -10.20 30.16 -36.21
C LEU B 314 -9.40 30.67 -37.41
N THR B 315 -9.19 31.98 -37.47
CA THR B 315 -8.32 32.55 -38.48
C THR B 315 -6.86 32.18 -38.19
N LYS B 316 -6.03 32.27 -39.23
CA LYS B 316 -4.65 31.84 -39.09
C LYS B 316 -3.97 32.55 -37.93
N LYS B 317 -4.24 33.84 -37.74
CA LYS B 317 -3.64 34.56 -36.62
C LYS B 317 -4.08 33.96 -35.29
N GLN B 318 -5.36 33.62 -35.16
CA GLN B 318 -5.82 32.95 -33.95
C GLN B 318 -5.20 31.57 -33.80
N GLU B 319 -4.95 30.89 -34.92
CA GLU B 319 -4.24 29.61 -34.84
C GLU B 319 -2.85 29.79 -34.26
N MET B 320 -2.12 30.81 -34.72
CA MET B 320 -0.80 31.09 -34.16
C MET B 320 -0.90 31.46 -32.69
N LEU B 321 -1.92 32.25 -32.33
CA LEU B 321 -2.07 32.65 -30.93
C LEU B 321 -2.31 31.44 -30.03
N VAL B 322 -3.18 30.53 -30.45
CA VAL B 322 -3.45 29.34 -29.64
C VAL B 322 -2.23 28.43 -29.61
N ARG B 323 -1.50 28.35 -30.74
CA ARG B 323 -0.27 27.57 -30.75
C ARG B 323 0.73 28.13 -29.73
N SER B 324 0.87 29.45 -29.68
CA SER B 324 1.77 30.06 -28.72
C SER B 324 1.30 29.84 -27.29
N ALA B 325 -0.02 29.86 -27.06
CA ALA B 325 -0.52 29.59 -25.72
C ALA B 325 -0.23 28.16 -25.30
N ILE B 326 -0.42 27.19 -26.20
CA ILE B 326 -0.09 25.80 -25.89
C ILE B 326 1.40 25.68 -25.60
N LYS B 327 2.23 26.33 -26.42
CA LYS B 327 3.67 26.28 -26.21
C LYS B 327 4.03 26.84 -24.85
N TYR B 328 3.44 27.98 -24.48
CA TYR B 328 3.75 28.58 -23.18
C TYR B 328 3.36 27.64 -22.04
N TRP B 329 2.15 27.08 -22.10
CA TRP B 329 1.70 26.21 -21.03
C TRP B 329 2.61 24.99 -20.90
N VAL B 330 2.94 24.35 -22.02
CA VAL B 330 3.75 23.15 -21.97
C VAL B 330 5.17 23.47 -21.49
N GLU B 331 5.75 24.56 -22.01
CA GLU B 331 7.09 24.94 -21.58
C GLU B 331 7.14 25.25 -20.10
N ARG B 332 6.14 25.97 -19.58
CA ARG B 332 6.16 26.31 -18.16
C ARG B 332 5.95 25.07 -17.30
N HIS B 333 5.11 24.13 -17.75
CA HIS B 333 4.95 22.89 -17.00
C HIS B 333 6.24 22.09 -17.00
N LYS B 334 6.94 22.04 -18.14
CA LYS B 334 8.23 21.35 -18.20
C LYS B 334 9.25 22.04 -17.29
N HIS B 335 9.22 23.37 -17.23
CA HIS B 335 10.12 24.10 -16.34
C HIS B 335 9.84 23.76 -14.88
N VAL B 336 8.56 23.67 -14.52
CA VAL B 336 8.21 23.29 -13.15
C VAL B 336 8.68 21.87 -12.86
N VAL B 337 8.56 20.97 -13.84
CA VAL B 337 9.03 19.60 -13.66
C VAL B 337 10.55 19.59 -13.46
N ARG B 338 11.26 20.40 -14.25
CA ARG B 338 12.71 20.51 -14.07
C ARG B 338 13.05 20.99 -12.68
N LEU B 339 12.33 22.01 -12.19
CA LEU B 339 12.57 22.52 -10.85
C LEU B 339 12.33 21.44 -9.80
N VAL B 340 11.26 20.67 -9.97
CA VAL B 340 10.93 19.62 -9.00
C VAL B 340 12.03 18.55 -8.99
N THR B 341 12.49 18.14 -10.17
CA THR B 341 13.55 17.13 -10.23
C THR B 341 14.84 17.66 -9.63
N ALA B 342 15.18 18.92 -9.90
CA ALA B 342 16.38 19.51 -9.32
C ALA B 342 16.28 19.57 -7.81
N VAL B 343 15.11 19.93 -7.28
CA VAL B 343 14.92 20.01 -5.83
C VAL B 343 15.03 18.62 -5.22
N GLY B 344 14.51 17.60 -5.91
CA GLY B 344 14.64 16.25 -5.41
C GLY B 344 16.08 15.78 -5.40
N ASP B 345 16.84 16.12 -6.45
CA ASP B 345 18.24 15.75 -6.51
C ASP B 345 19.04 16.43 -5.40
N ALA B 346 18.89 17.75 -5.27
CA ALA B 346 19.67 18.48 -4.28
C ALA B 346 19.33 18.01 -2.87
N TYR B 347 18.05 17.99 -2.52
CA TYR B 347 17.60 17.54 -1.21
C TYR B 347 16.81 16.25 -1.42
N GLY B 348 17.54 15.16 -1.59
CA GLY B 348 16.92 13.85 -1.71
C GLY B 348 17.51 12.84 -0.73
N VAL B 349 18.76 13.06 -0.36
CA VAL B 349 19.44 12.18 0.58
C VAL B 349 19.63 12.84 1.95
N ALA B 350 19.51 14.17 2.04
CA ALA B 350 19.42 14.80 3.35
C ALA B 350 18.17 14.32 4.08
N LEU B 351 17.08 14.11 3.34
CA LEU B 351 15.87 13.56 3.93
C LEU B 351 16.13 12.14 4.46
N LEU B 352 16.88 11.33 3.73
CA LEU B 352 17.17 9.97 4.18
C LEU B 352 17.88 9.98 5.52
N LEU B 353 18.95 10.76 5.62
CA LEU B 353 19.71 10.85 6.87
C LEU B 353 18.85 11.43 7.99
N HIS B 354 18.05 12.45 7.66
CA HIS B 354 17.19 13.07 8.66
C HIS B 354 16.20 12.06 9.22
N MET B 355 15.59 11.25 8.35
CA MET B 355 14.61 10.27 8.80
C MET B 355 15.27 9.14 9.57
N LEU B 356 16.48 8.73 9.19
CA LEU B 356 17.19 7.73 9.98
C LEU B 356 17.45 8.24 11.39
N THR B 357 18.05 9.42 11.49
CA THR B 357 18.34 9.99 12.81
C THR B 357 17.06 10.19 13.60
N THR B 358 15.99 10.64 12.94
CA THR B 358 14.70 10.74 13.58
C THR B 358 14.29 9.39 14.17
N THR B 359 14.10 8.39 13.30
CA THR B 359 13.73 7.05 13.76
C THR B 359 14.46 6.66 15.04
N ILE B 360 15.79 6.83 15.07
CA ILE B 360 16.53 6.46 16.27
C ILE B 360 16.09 7.32 17.45
N THR B 361 15.99 8.64 17.23
CA THR B 361 15.61 9.54 18.31
C THR B 361 14.22 9.23 18.84
N LEU B 362 13.29 8.92 17.94
CA LEU B 362 11.92 8.59 18.32
C LEU B 362 11.86 7.30 19.11
N THR B 363 12.67 6.30 18.75
CA THR B 363 12.76 5.09 19.56
C THR B 363 13.21 5.42 20.98
N LEU B 364 14.30 6.18 21.10
CA LEU B 364 14.81 6.51 22.42
C LEU B 364 13.81 7.35 23.21
N LEU B 365 13.13 8.27 22.52
CA LEU B 365 12.14 9.11 23.17
C LEU B 365 10.91 8.32 23.60
N ALA B 366 10.54 7.29 22.84
CA ALA B 366 9.46 6.41 23.27
C ALA B 366 9.84 5.71 24.56
N TYR B 367 11.07 5.23 24.67
CA TYR B 367 11.50 4.65 25.93
C TYR B 367 11.44 5.70 27.05
N GLN B 368 11.94 6.90 26.78
CA GLN B 368 11.95 7.94 27.81
C GLN B 368 10.53 8.27 28.26
N ALA B 369 9.58 8.35 27.32
CA ALA B 369 8.18 8.58 27.68
C ALA B 369 7.65 7.42 28.52
N THR B 370 8.05 6.19 28.19
CA THR B 370 7.70 5.06 29.04
C THR B 370 8.23 5.27 30.45
N LYS B 371 9.32 6.04 30.59
CA LYS B 371 9.80 6.41 31.93
C LYS B 371 9.06 7.59 32.55
N VAL B 372 8.21 8.28 31.79
CA VAL B 372 7.58 9.51 32.29
C VAL B 372 6.52 9.15 33.33
N ASN B 373 6.43 9.96 34.38
CA ASN B 373 5.41 9.80 35.42
C ASN B 373 4.83 11.16 35.82
N GLY B 374 4.61 12.04 34.85
CA GLY B 374 3.99 13.32 35.10
C GLY B 374 4.80 14.26 35.97
N VAL B 375 6.10 14.38 35.68
CA VAL B 375 6.98 15.29 36.41
C VAL B 375 7.09 16.59 35.62
N ASN B 376 7.35 17.69 36.33
CA ASN B 376 7.34 19.01 35.70
C ASN B 376 8.39 19.10 34.59
N VAL B 377 9.59 18.63 34.86
CA VAL B 377 10.72 18.83 33.94
C VAL B 377 10.91 17.65 33.01
N TYR B 378 10.94 16.43 33.54
CA TYR B 378 11.17 15.25 32.70
C TYR B 378 10.15 15.16 31.58
N ALA B 379 8.86 15.24 31.94
CA ALA B 379 7.80 15.20 30.93
C ALA B 379 7.95 16.36 29.96
N ALA B 380 8.28 17.55 30.46
CA ALA B 380 8.45 18.70 29.59
C ALA B 380 9.57 18.48 28.58
N THR B 381 10.70 17.95 29.05
CA THR B 381 11.84 17.71 28.15
C THR B 381 11.49 16.67 27.09
N VAL B 382 10.86 15.57 27.51
CA VAL B 382 10.51 14.52 26.55
C VAL B 382 9.52 15.06 25.52
N ILE B 383 8.51 15.81 25.98
CA ILE B 383 7.52 16.35 25.06
C ILE B 383 8.15 17.34 24.11
N GLY B 384 9.10 18.14 24.60
CA GLY B 384 9.78 19.08 23.71
C GLY B 384 10.60 18.39 22.65
N TYR B 385 11.34 17.35 23.02
CA TYR B 385 12.10 16.59 22.04
C TYR B 385 11.18 15.99 20.98
N LEU B 386 10.09 15.36 21.43
CA LEU B 386 9.14 14.77 20.49
C LEU B 386 8.54 15.82 19.58
N LEU B 387 8.20 16.99 20.16
CA LEU B 387 7.60 18.06 19.36
C LEU B 387 8.56 18.54 18.30
N TYR B 388 9.84 18.73 18.64
CA TYR B 388 10.79 19.21 17.66
C TYR B 388 10.98 18.20 16.53
N THR B 389 11.19 16.93 16.87
CA THR B 389 11.38 15.91 15.84
C THR B 389 10.17 15.82 14.93
N LEU B 390 8.98 15.66 15.52
CA LEU B 390 7.78 15.54 14.73
C LEU B 390 7.48 16.81 13.95
N GLY B 391 7.91 17.97 14.45
CA GLY B 391 7.71 19.20 13.70
C GLY B 391 8.56 19.26 12.46
N GLN B 392 9.82 18.83 12.55
CA GLN B 392 10.65 18.76 11.35
C GLN B 392 10.04 17.82 10.32
N VAL B 393 9.69 16.61 10.76
CA VAL B 393 9.10 15.64 9.84
C VAL B 393 7.79 16.19 9.27
N PHE B 394 7.02 16.87 10.10
CA PHE B 394 5.72 17.40 9.69
C PHE B 394 5.88 18.50 8.66
N LEU B 395 6.89 19.36 8.82
CA LEU B 395 7.15 20.40 7.82
C LEU B 395 7.46 19.77 6.47
N PHE B 396 8.40 18.82 6.45
CA PHE B 396 8.74 18.17 5.19
C PHE B 396 7.51 17.53 4.56
N CYS B 397 6.72 16.81 5.37
CA CYS B 397 5.56 16.11 4.86
C CYS B 397 4.49 17.08 4.36
N ILE B 398 4.29 18.18 5.08
CA ILE B 398 3.31 19.18 4.65
C ILE B 398 3.64 19.65 3.24
N PHE B 399 4.90 20.01 3.01
CA PHE B 399 5.18 20.60 1.70
C PHE B 399 5.24 19.54 0.59
N GLY B 400 5.66 18.32 0.91
CA GLY B 400 5.56 17.25 -0.08
C GLY B 400 4.11 16.98 -0.48
N ASN B 401 3.22 16.92 0.52
CA ASN B 401 1.80 16.73 0.22
C ASN B 401 1.24 17.91 -0.57
N ARG B 402 1.71 19.12 -0.27
CA ARG B 402 1.28 20.28 -1.05
C ARG B 402 1.62 20.08 -2.52
N LEU B 403 2.85 19.65 -2.82
CA LEU B 403 3.23 19.45 -4.21
C LEU B 403 2.38 18.35 -4.87
N ILE B 404 2.18 17.25 -4.16
CA ILE B 404 1.41 16.14 -4.72
C ILE B 404 -0.02 16.59 -5.04
N GLU B 405 -0.69 17.22 -4.08
CA GLU B 405 -2.04 17.68 -4.29
C GLU B 405 -2.10 18.74 -5.37
N GLU B 406 -1.04 19.54 -5.50
CA GLU B 406 -1.05 20.56 -6.56
C GLU B 406 -1.00 19.92 -7.94
N SER B 407 -0.20 18.86 -8.12
CA SER B 407 -0.19 18.19 -9.41
C SER B 407 -1.55 17.53 -9.71
N SER B 408 -2.11 16.85 -8.71
CA SER B 408 -3.44 16.27 -8.90
C SER B 408 -4.46 17.34 -9.27
N SER B 409 -4.44 18.47 -8.56
CA SER B 409 -5.31 19.58 -8.90
C SER B 409 -5.02 20.13 -10.29
N VAL B 410 -3.79 20.03 -10.76
CA VAL B 410 -3.50 20.43 -12.14
C VAL B 410 -4.32 19.58 -13.09
N MET B 411 -4.33 18.26 -12.87
CA MET B 411 -5.17 17.41 -13.71
C MET B 411 -6.64 17.82 -13.60
N GLU B 412 -7.12 17.99 -12.37
CA GLU B 412 -8.52 18.30 -12.15
C GLU B 412 -8.93 19.59 -12.87
N ALA B 413 -8.13 20.65 -12.71
CA ALA B 413 -8.44 21.92 -13.35
C ALA B 413 -8.24 21.87 -14.85
N ALA B 414 -7.41 20.94 -15.35
CA ALA B 414 -7.33 20.74 -16.79
C ALA B 414 -8.62 20.14 -17.32
N TYR B 415 -9.25 19.24 -16.56
CA TYR B 415 -10.50 18.66 -16.99
C TYR B 415 -11.66 19.66 -16.87
N SER B 416 -11.73 20.38 -15.75
CA SER B 416 -12.89 21.19 -15.42
C SER B 416 -12.81 22.55 -16.11
N CYS B 417 -12.99 22.52 -17.42
CA CYS B 417 -13.05 23.74 -18.22
C CYS B 417 -13.80 23.44 -19.51
N HIS B 418 -13.88 24.42 -20.40
CA HIS B 418 -14.63 24.29 -21.65
C HIS B 418 -13.69 23.85 -22.77
N TRP B 419 -13.22 22.61 -22.64
CA TRP B 419 -12.30 22.04 -23.63
C TRP B 419 -13.02 21.41 -24.82
N TYR B 420 -14.36 21.42 -24.84
CA TYR B 420 -15.09 20.80 -25.94
C TYR B 420 -15.27 21.76 -27.10
N ASP B 421 -15.32 23.06 -26.82
CA ASP B 421 -15.40 24.07 -27.88
C ASP B 421 -14.04 24.50 -28.40
N GLY B 422 -12.96 24.07 -27.74
CA GLY B 422 -11.63 24.42 -28.21
C GLY B 422 -11.29 23.74 -29.52
N SER B 423 -10.36 24.34 -30.25
CA SER B 423 -9.92 23.78 -31.52
C SER B 423 -9.29 22.41 -31.30
N GLU B 424 -9.03 21.71 -32.40
CA GLU B 424 -8.50 20.35 -32.31
C GLU B 424 -7.16 20.34 -31.59
N GLU B 425 -6.28 21.30 -31.90
CA GLU B 425 -4.97 21.33 -31.26
C GLU B 425 -5.10 21.51 -29.75
N ALA B 426 -5.98 22.42 -29.32
CA ALA B 426 -6.18 22.63 -27.89
C ALA B 426 -6.74 21.37 -27.23
N LYS B 427 -7.65 20.67 -27.91
CA LYS B 427 -8.20 19.45 -27.34
C LYS B 427 -7.12 18.38 -27.17
N THR B 428 -6.26 18.21 -28.17
CA THR B 428 -5.15 17.25 -28.02
C THR B 428 -4.19 17.69 -26.93
N PHE B 429 -3.97 19.00 -26.80
CA PHE B 429 -3.12 19.51 -25.73
C PHE B 429 -3.70 19.15 -24.37
N VAL B 430 -5.01 19.30 -24.21
CA VAL B 430 -5.67 18.91 -22.96
C VAL B 430 -5.54 17.41 -22.73
N GLN B 431 -5.70 16.61 -23.78
CA GLN B 431 -5.56 15.17 -23.65
C GLN B 431 -4.18 14.81 -23.12
N ILE B 432 -3.14 15.38 -23.73
CA ILE B 432 -1.78 15.03 -23.33
C ILE B 432 -1.47 15.56 -21.93
N VAL B 433 -1.97 16.75 -21.59
CA VAL B 433 -1.75 17.27 -20.24
C VAL B 433 -2.42 16.38 -19.21
N CYS B 434 -3.65 15.93 -19.49
CA CYS B 434 -4.34 15.04 -18.55
C CYS B 434 -3.61 13.72 -18.40
N GLN B 435 -3.09 13.18 -19.51
CA GLN B 435 -2.30 11.96 -19.43
C GLN B 435 -1.05 12.18 -18.58
N GLN B 436 -0.37 13.31 -18.77
CA GLN B 436 0.83 13.60 -18.00
C GLN B 436 0.53 13.71 -16.51
N CYS B 437 -0.57 14.38 -16.16
CA CYS B 437 -0.91 14.66 -14.78
C CYS B 437 -1.55 13.47 -14.07
N GLN B 438 -1.46 12.27 -14.64
CA GLN B 438 -2.02 11.09 -13.98
C GLN B 438 -1.32 10.81 -12.65
N LYS B 439 -0.03 11.11 -12.56
CA LYS B 439 0.77 10.83 -11.38
C LYS B 439 1.26 12.13 -10.77
N ALA B 440 1.21 12.20 -9.45
CA ALA B 440 1.53 13.44 -8.74
C ALA B 440 3.03 13.59 -8.56
N MET B 441 3.52 14.82 -8.76
CA MET B 441 4.90 15.12 -8.46
C MET B 441 5.18 14.86 -6.98
N SER B 442 6.36 14.33 -6.69
CA SER B 442 6.70 13.99 -5.32
C SER B 442 8.21 14.11 -5.13
N ILE B 443 8.60 14.28 -3.86
CA ILE B 443 10.00 14.28 -3.45
C ILE B 443 10.24 13.04 -2.62
N SER B 444 11.28 12.29 -2.95
CA SER B 444 11.56 11.01 -2.32
C SER B 444 12.89 11.07 -1.57
N GLY B 445 12.96 10.33 -0.48
CA GLY B 445 14.19 10.21 0.28
C GLY B 445 15.16 9.25 -0.37
N ALA B 446 15.64 9.60 -1.56
CA ALA B 446 16.54 8.76 -2.33
C ALA B 446 15.84 7.49 -2.81
N LYS B 447 14.57 7.64 -3.20
CA LYS B 447 13.73 6.58 -3.75
C LYS B 447 13.28 5.56 -2.71
N PHE B 448 13.71 5.70 -1.45
CA PHE B 448 13.26 4.76 -0.42
C PHE B 448 11.86 5.07 0.06
N PHE B 449 11.48 6.35 0.10
CA PHE B 449 10.16 6.76 0.52
C PHE B 449 9.83 8.08 -0.17
N THR B 450 8.61 8.57 0.07
CA THR B 450 8.18 9.88 -0.41
C THR B 450 7.75 10.72 0.77
N VAL B 451 8.15 11.99 0.78
CA VAL B 451 7.77 12.90 1.85
C VAL B 451 6.33 13.34 1.62
N SER B 452 5.44 12.96 2.53
CA SER B 452 4.03 13.27 2.41
C SER B 452 3.39 13.06 3.77
N LEU B 453 2.17 13.58 3.93
CA LEU B 453 1.48 13.40 5.20
C LEU B 453 1.20 11.94 5.49
N ASP B 454 1.19 11.08 4.47
CA ASP B 454 1.14 9.65 4.72
C ASP B 454 2.40 9.19 5.46
N LEU B 455 3.56 9.72 5.07
CA LEU B 455 4.79 9.37 5.77
C LEU B 455 4.74 9.83 7.22
N PHE B 456 4.24 11.04 7.48
CA PHE B 456 4.12 11.52 8.86
C PHE B 456 3.15 10.65 9.65
N ALA B 457 2.04 10.25 9.04
CA ALA B 457 1.09 9.37 9.72
C ALA B 457 1.75 8.04 10.05
N SER B 458 2.53 7.49 9.12
CA SER B 458 3.22 6.23 9.37
C SER B 458 4.23 6.38 10.50
N VAL B 459 4.95 7.49 10.52
CA VAL B 459 5.93 7.73 11.59
C VAL B 459 5.23 7.80 12.94
N LEU B 460 4.13 8.54 13.00
CA LEU B 460 3.38 8.66 14.26
C LEU B 460 2.85 7.29 14.69
N GLY B 461 2.31 6.51 13.76
CA GLY B 461 1.85 5.18 14.09
C GLY B 461 2.96 4.29 14.60
N ALA B 462 4.13 4.36 13.96
CA ALA B 462 5.25 3.54 14.40
C ALA B 462 5.69 3.91 15.81
N VAL B 463 5.79 5.21 16.10
CA VAL B 463 6.25 5.62 17.43
C VAL B 463 5.23 5.20 18.49
N VAL B 464 3.93 5.40 18.22
CA VAL B 464 2.93 5.02 19.22
C VAL B 464 2.90 3.51 19.40
N THR B 465 3.08 2.75 18.32
CA THR B 465 3.12 1.30 18.43
C THR B 465 4.31 0.84 19.26
N TYR B 466 5.48 1.45 19.05
CA TYR B 466 6.65 1.08 19.84
C TYR B 466 6.45 1.43 21.30
N PHE B 467 5.80 2.57 21.57
CA PHE B 467 5.48 2.91 22.95
C PHE B 467 4.54 1.88 23.56
N MET B 468 3.54 1.44 22.78
CA MET B 468 2.65 0.37 23.21
C MET B 468 3.45 -0.87 23.61
N VAL B 469 4.37 -1.29 22.73
CA VAL B 469 5.17 -2.47 23.00
C VAL B 469 5.99 -2.29 24.26
N LEU B 470 6.61 -1.11 24.43
CA LEU B 470 7.44 -0.86 25.59
C LEU B 470 6.62 -0.95 26.87
N VAL B 471 5.44 -0.34 26.89
CA VAL B 471 4.62 -0.36 28.11
C VAL B 471 4.12 -1.76 28.40
N GLN B 472 3.72 -2.50 27.36
CA GLN B 472 3.21 -3.86 27.56
C GLN B 472 4.30 -4.78 28.08
N LEU B 473 5.51 -4.66 27.54
CA LEU B 473 6.60 -5.58 27.88
C LEU B 473 7.21 -5.31 29.25
N LYS B 474 6.80 -4.23 29.92
CA LYS B 474 7.32 -3.92 31.26
C LYS B 474 7.21 -5.13 32.18
N GLY C 7 24.47 -11.20 -30.80
CA GLY C 7 23.55 -10.28 -30.16
C GLY C 7 23.86 -10.06 -28.70
N LEU C 8 22.84 -10.24 -27.85
CA LEU C 8 23.03 -10.06 -26.41
C LEU C 8 24.00 -11.08 -25.82
N VAL C 9 24.24 -12.19 -26.52
CA VAL C 9 25.21 -13.17 -26.02
C VAL C 9 26.62 -12.58 -26.07
N ALA C 10 26.93 -11.80 -27.10
CA ALA C 10 28.25 -11.19 -27.20
C ALA C 10 28.48 -10.18 -26.10
N ASP C 11 27.48 -9.34 -25.82
CA ASP C 11 27.65 -8.28 -24.83
C ASP C 11 27.90 -8.87 -23.45
N LEU C 12 27.17 -9.92 -23.08
CA LEU C 12 27.31 -10.55 -21.77
C LEU C 12 28.29 -11.71 -21.79
N LEU C 13 29.16 -11.77 -22.80
CA LEU C 13 30.09 -12.91 -22.90
C LEU C 13 30.99 -13.05 -21.68
N PRO C 14 31.59 -12.00 -21.13
CA PRO C 14 32.40 -12.19 -19.91
C PRO C 14 31.63 -12.82 -18.78
N ASN C 15 30.38 -12.40 -18.55
CA ASN C 15 29.57 -12.99 -17.48
C ASN C 15 29.28 -14.45 -17.78
N ILE C 16 28.95 -14.77 -19.03
CA ILE C 16 28.67 -16.15 -19.41
C ILE C 16 29.90 -17.02 -19.14
N ARG C 17 31.07 -16.52 -19.52
CA ARG C 17 32.29 -17.31 -19.37
C ARG C 17 32.68 -17.47 -17.91
N VAL C 18 32.51 -16.42 -17.10
CA VAL C 18 32.87 -16.53 -15.70
C VAL C 18 31.95 -17.51 -14.98
N MET C 19 30.65 -17.48 -15.31
CA MET C 19 29.75 -18.43 -14.67
C MET C 19 29.97 -19.85 -15.19
N GLN C 20 30.37 -19.99 -16.45
CA GLN C 20 30.74 -21.31 -16.96
C GLN C 20 31.96 -21.86 -16.23
N GLY C 21 32.95 -21.00 -15.95
CA GLY C 21 34.19 -21.47 -15.37
C GLY C 21 34.06 -21.96 -13.95
N VAL C 22 33.08 -21.45 -13.21
CA VAL C 22 32.85 -21.88 -11.82
C VAL C 22 31.98 -23.12 -11.74
N GLY C 23 31.42 -23.58 -12.85
CA GLY C 23 30.59 -24.77 -12.84
C GLY C 23 29.12 -24.45 -12.76
N HIS C 24 28.66 -23.51 -13.58
CA HIS C 24 27.27 -23.09 -13.63
C HIS C 24 26.59 -23.58 -14.91
N PHE C 25 26.96 -24.79 -15.35
CA PHE C 25 26.31 -25.46 -16.47
C PHE C 25 26.38 -24.54 -17.68
N MET C 26 25.29 -24.35 -18.42
CA MET C 26 25.26 -23.51 -19.63
C MET C 26 26.26 -24.04 -20.66
N PHE C 27 25.96 -25.23 -21.16
CA PHE C 27 26.74 -25.84 -22.25
C PHE C 27 26.15 -25.42 -23.59
N ASN C 28 26.27 -24.13 -23.89
CA ASN C 28 25.62 -23.58 -25.08
C ASN C 28 26.49 -22.67 -25.93
N TYR C 29 27.53 -22.05 -25.40
CA TYR C 29 28.20 -20.97 -26.12
C TYR C 29 29.69 -21.23 -26.35
N TYR C 30 30.02 -22.44 -26.80
CA TYR C 30 31.38 -22.75 -27.21
C TYR C 30 31.32 -23.92 -28.20
N SER C 31 32.48 -24.30 -28.72
CA SER C 31 32.54 -25.40 -29.66
C SER C 31 32.19 -26.71 -28.97
N GLU C 32 31.77 -27.69 -29.77
CA GLU C 32 31.35 -28.97 -29.22
C GLU C 32 32.46 -29.65 -28.44
N GLY C 33 33.72 -29.37 -28.77
CA GLY C 33 34.84 -29.99 -28.10
C GLY C 33 34.84 -29.78 -26.61
N LYS C 34 34.62 -28.54 -26.17
CA LYS C 34 34.59 -28.23 -24.75
C LYS C 34 33.27 -28.66 -24.10
N LYS C 35 32.29 -29.09 -24.88
CA LYS C 35 31.00 -29.48 -24.30
C LYS C 35 31.15 -30.67 -23.36
N PHE C 36 32.01 -31.63 -23.73
CA PHE C 36 32.11 -32.85 -22.93
C PHE C 36 32.81 -32.60 -21.60
N PRO C 37 34.04 -32.10 -21.56
CA PRO C 37 34.71 -31.93 -20.25
C PRO C 37 33.97 -31.02 -19.30
N HIS C 38 33.28 -30.00 -19.82
CA HIS C 38 32.58 -29.06 -18.97
C HIS C 38 31.49 -29.77 -18.17
N ARG C 39 30.84 -30.76 -18.78
CA ARG C 39 29.82 -31.53 -18.07
C ARG C 39 30.40 -32.21 -16.83
N ILE C 40 31.52 -32.91 -17.01
CA ILE C 40 32.14 -33.59 -15.88
C ILE C 40 32.58 -32.58 -14.83
N TYR C 41 33.13 -31.45 -15.28
CA TYR C 41 33.54 -30.41 -14.34
C TYR C 41 32.38 -29.94 -13.49
N CYS C 42 31.24 -29.68 -14.13
CA CYS C 42 30.07 -29.19 -13.41
C CYS C 42 29.54 -30.25 -12.44
N ILE C 43 29.50 -31.51 -12.87
CA ILE C 43 29.05 -32.58 -11.99
C ILE C 43 29.96 -32.70 -10.77
N VAL C 44 31.28 -32.58 -10.99
CA VAL C 44 32.21 -32.68 -9.87
C VAL C 44 32.02 -31.52 -8.90
N THR C 45 31.83 -30.30 -9.43
CA THR C 45 31.59 -29.16 -8.56
C THR C 45 30.32 -29.36 -7.74
N LEU C 46 29.25 -29.82 -8.40
CA LEU C 46 28.01 -30.13 -7.71
C LEU C 46 28.24 -31.12 -6.58
N LEU C 47 28.96 -32.20 -6.89
CA LEU C 47 29.18 -33.25 -5.89
C LEU C 47 29.96 -32.72 -4.71
N LEU C 48 31.00 -31.92 -4.98
CA LEU C 48 31.83 -31.39 -3.89
C LEU C 48 31.01 -30.45 -3.01
N LEU C 49 30.24 -29.55 -3.62
CA LEU C 49 29.42 -28.62 -2.86
C LEU C 49 28.41 -29.38 -2.00
N LEU C 50 27.76 -30.39 -2.58
CA LEU C 50 26.76 -31.14 -1.84
C LEU C 50 27.40 -31.95 -0.71
N LEU C 51 28.60 -32.49 -0.93
CA LEU C 51 29.28 -33.22 0.12
C LEU C 51 29.61 -32.31 1.30
N GLN C 52 30.14 -31.12 1.01
CA GLN C 52 30.44 -30.18 2.08
C GLN C 52 29.18 -29.77 2.82
N TYR C 53 28.09 -29.54 2.08
CA TYR C 53 26.83 -29.16 2.72
C TYR C 53 26.31 -30.29 3.61
N GLY C 54 26.42 -31.53 3.14
CA GLY C 54 25.99 -32.66 3.95
C GLY C 54 26.82 -32.80 5.22
N MET C 55 28.12 -32.56 5.11
CA MET C 55 28.96 -32.60 6.31
C MET C 55 28.54 -31.50 7.29
N MET C 56 28.24 -30.31 6.77
CA MET C 56 27.73 -29.23 7.62
C MET C 56 26.43 -29.64 8.30
N ALA C 57 25.55 -30.34 7.57
CA ALA C 57 24.29 -30.82 8.15
C ALA C 57 24.53 -31.84 9.25
N VAL C 58 25.47 -32.75 9.04
CA VAL C 58 25.84 -33.67 10.11
C VAL C 58 26.29 -32.89 11.33
N ASN C 59 27.12 -31.87 11.13
CA ASN C 59 27.59 -31.06 12.24
C ASN C 59 26.43 -30.39 12.97
N LEU C 60 25.49 -29.82 12.22
CA LEU C 60 24.31 -29.23 12.86
C LEU C 60 23.58 -30.26 13.70
N MET C 61 23.40 -31.46 13.18
CA MET C 61 22.74 -32.51 13.95
C MET C 61 23.51 -32.83 15.22
N MET C 62 24.84 -32.80 15.19
CA MET C 62 25.61 -33.05 16.40
C MET C 62 25.47 -31.92 17.42
N GLU C 63 25.34 -30.68 16.97
CA GLU C 63 25.33 -29.50 17.84
C GLU C 63 23.93 -28.99 18.13
N SER C 64 22.97 -29.90 18.29
CA SER C 64 21.58 -29.53 18.56
C SER C 64 21.27 -29.45 20.04
N ASP C 65 22.27 -29.60 20.91
CA ASP C 65 22.04 -29.56 22.35
C ASP C 65 21.77 -28.15 22.86
N ASP C 66 22.24 -27.12 22.16
CA ASP C 66 22.05 -25.74 22.56
C ASP C 66 21.39 -24.97 21.42
N VAL C 67 20.94 -23.76 21.74
CA VAL C 67 20.22 -22.95 20.75
C VAL C 67 21.13 -21.96 20.03
N ASP C 68 22.19 -21.48 20.69
CA ASP C 68 23.09 -20.53 20.04
C ASP C 68 23.84 -21.20 18.88
N ASP C 69 24.45 -22.36 19.15
CA ASP C 69 25.13 -23.09 18.08
C ASP C 69 24.15 -23.50 17.00
N LEU C 70 22.95 -23.91 17.38
CA LEU C 70 21.94 -24.29 16.40
C LEU C 70 21.61 -23.12 15.47
N THR C 71 21.42 -21.93 16.04
CA THR C 71 21.11 -20.76 15.22
C THR C 71 22.26 -20.39 14.32
N ALA C 72 23.49 -20.39 14.84
CA ALA C 72 24.64 -20.08 14.00
C ALA C 72 24.76 -21.06 12.85
N ASN C 73 24.61 -22.35 13.14
CA ASN C 73 24.67 -23.36 12.10
C ASN C 73 23.58 -23.14 11.07
N THR C 74 22.35 -22.87 11.51
CA THR C 74 21.25 -22.69 10.57
C THR C 74 21.49 -21.50 9.66
N ILE C 75 22.05 -20.41 10.21
CA ILE C 75 22.38 -19.26 9.38
C ILE C 75 23.42 -19.63 8.33
N THR C 76 24.46 -20.38 8.75
CA THR C 76 25.47 -20.80 7.78
C THR C 76 24.84 -21.66 6.68
N MET C 77 23.94 -22.58 7.06
CA MET C 77 23.31 -23.46 6.08
C MET C 77 22.43 -22.68 5.11
N LEU C 78 21.69 -21.69 5.57
CA LEU C 78 20.90 -20.91 4.62
C LEU C 78 21.80 -20.11 3.68
N PHE C 79 22.86 -19.52 4.24
CA PHE C 79 23.84 -18.81 3.43
C PHE C 79 24.38 -19.69 2.32
N PHE C 80 24.72 -20.93 2.65
CA PHE C 80 25.30 -21.87 1.70
C PHE C 80 24.24 -22.67 0.94
N LEU C 81 22.97 -22.51 1.29
CA LEU C 81 21.87 -23.03 0.49
C LEU C 81 21.57 -22.15 -0.69
N HIS C 82 21.75 -20.84 -0.53
CA HIS C 82 21.50 -19.93 -1.66
C HIS C 82 22.16 -20.39 -2.95
N PRO C 83 23.46 -20.70 -2.99
CA PRO C 83 24.10 -21.06 -4.27
C PRO C 83 23.72 -22.45 -4.73
N ILE C 84 23.48 -23.38 -3.81
CA ILE C 84 22.98 -24.70 -4.20
C ILE C 84 21.66 -24.57 -4.94
N VAL C 85 20.75 -23.79 -4.36
CA VAL C 85 19.44 -23.58 -5.00
C VAL C 85 19.62 -22.88 -6.34
N LYS C 86 20.51 -21.89 -6.42
CA LYS C 86 20.70 -21.19 -7.68
C LYS C 86 21.24 -22.12 -8.77
N MET C 87 22.22 -22.95 -8.43
CA MET C 87 22.90 -23.78 -9.41
C MET C 87 22.08 -25.02 -9.75
N ILE C 88 21.10 -25.37 -8.92
CA ILE C 88 20.11 -26.37 -9.33
C ILE C 88 18.94 -25.74 -10.07
N TYR C 89 18.67 -24.45 -9.85
CA TYR C 89 17.57 -23.77 -10.53
C TYR C 89 17.92 -23.44 -11.98
N PHE C 90 19.16 -23.03 -12.25
CA PHE C 90 19.49 -22.67 -13.62
C PHE C 90 19.36 -23.85 -14.58
N PRO C 91 19.90 -25.04 -14.30
CA PRO C 91 19.81 -26.13 -15.29
C PRO C 91 18.39 -26.48 -15.69
N VAL C 92 17.45 -26.51 -14.74
CA VAL C 92 16.08 -26.89 -15.08
C VAL C 92 15.43 -25.85 -15.96
N ARG C 93 15.74 -24.57 -15.74
CA ARG C 93 15.17 -23.47 -16.50
C ARG C 93 16.10 -22.96 -17.59
N SER C 94 17.08 -23.77 -18.00
CA SER C 94 18.06 -23.31 -18.99
C SER C 94 17.39 -22.88 -20.28
N LYS C 95 16.22 -23.44 -20.59
CA LYS C 95 15.55 -23.08 -21.83
C LYS C 95 15.12 -21.61 -21.83
N ILE C 96 14.55 -21.16 -20.72
CA ILE C 96 14.14 -19.76 -20.62
C ILE C 96 15.36 -18.84 -20.64
N PHE C 97 16.44 -19.24 -19.97
CA PHE C 97 17.64 -18.42 -19.96
C PHE C 97 18.21 -18.28 -21.38
N TYR C 98 18.28 -19.38 -22.13
CA TYR C 98 18.77 -19.31 -23.49
C TYR C 98 17.84 -18.50 -24.39
N LYS C 99 16.53 -18.61 -24.16
CA LYS C 99 15.58 -17.79 -24.92
C LYS C 99 15.82 -16.31 -24.65
N THR C 100 16.06 -15.96 -23.38
CA THR C 100 16.32 -14.57 -23.03
C THR C 100 17.61 -14.08 -23.67
N LEU C 101 18.68 -14.86 -23.56
CA LEU C 101 19.98 -14.41 -24.07
C LEU C 101 19.99 -14.22 -25.58
N ALA C 102 19.10 -14.90 -26.30
CA ALA C 102 19.01 -14.78 -27.76
C ALA C 102 17.90 -13.82 -28.19
N ILE C 103 17.41 -12.99 -27.27
CA ILE C 103 16.29 -12.12 -27.58
C ILE C 103 16.69 -11.02 -28.55
N TRP C 104 17.88 -10.45 -28.37
CA TRP C 104 18.30 -9.26 -29.11
C TRP C 104 19.21 -9.59 -30.30
N ASN C 105 19.09 -10.80 -30.85
CA ASN C 105 19.91 -11.15 -32.01
C ASN C 105 19.57 -10.28 -33.22
N ASN C 106 18.28 -10.01 -33.43
CA ASN C 106 17.82 -9.21 -34.56
C ASN C 106 17.14 -7.95 -34.05
N PRO C 107 17.84 -6.80 -33.98
CA PRO C 107 17.22 -5.59 -33.44
C PRO C 107 16.61 -4.69 -34.50
N ASN C 108 15.95 -3.63 -34.04
CA ASN C 108 15.41 -2.61 -34.92
C ASN C 108 16.54 -1.80 -35.55
N SER C 109 16.20 -1.02 -36.57
CA SER C 109 17.20 -0.19 -37.25
C SER C 109 16.51 0.88 -38.07
N HIS C 110 16.93 2.14 -37.86
CA HIS C 110 16.54 3.27 -38.69
C HIS C 110 17.80 4.10 -38.95
N PRO C 111 17.99 4.62 -40.16
CA PRO C 111 19.24 5.35 -40.42
C PRO C 111 19.48 6.53 -39.50
N LEU C 112 18.42 7.28 -39.15
CA LEU C 112 18.62 8.51 -38.39
C LEU C 112 19.01 8.21 -36.94
N PHE C 113 18.46 7.15 -36.36
CA PHE C 113 18.66 6.83 -34.95
C PHE C 113 19.73 5.77 -34.73
N ALA C 114 20.65 5.60 -35.68
CA ALA C 114 21.71 4.60 -35.52
C ALA C 114 22.79 5.07 -34.54
N GLU C 115 23.16 6.35 -34.61
CA GLU C 115 24.25 6.84 -33.76
C GLU C 115 23.89 6.73 -32.28
N SER C 116 22.68 7.13 -31.92
CA SER C 116 22.25 7.01 -30.53
C SER C 116 22.17 5.57 -30.10
N ASN C 117 21.70 4.69 -31.00
CA ASN C 117 21.64 3.27 -30.68
C ASN C 117 23.03 2.74 -30.35
N ALA C 118 24.02 3.06 -31.18
CA ALA C 118 25.38 2.60 -30.92
C ALA C 118 25.92 3.18 -29.62
N ARG C 119 25.69 4.47 -29.39
CA ARG C 119 26.20 5.11 -28.18
C ARG C 119 25.66 4.45 -26.93
N PHE C 120 24.34 4.23 -26.89
CA PHE C 120 23.75 3.65 -25.69
C PHE C 120 24.04 2.16 -25.57
N HIS C 121 24.24 1.47 -26.70
CA HIS C 121 24.69 0.09 -26.63
C HIS C 121 26.07 0.00 -25.98
N ALA C 122 26.99 0.88 -26.39
CA ALA C 122 28.32 0.89 -25.78
C ALA C 122 28.23 1.26 -24.30
N LEU C 123 27.37 2.22 -23.96
CA LEU C 123 27.21 2.60 -22.55
C LEU C 123 26.70 1.42 -21.73
N ALA C 124 25.74 0.66 -22.27
CA ALA C 124 25.24 -0.51 -21.58
C ALA C 124 26.34 -1.54 -21.38
N ILE C 125 27.15 -1.76 -22.42
CA ILE C 125 28.25 -2.73 -22.30
C ILE C 125 29.20 -2.31 -21.19
N THR C 126 29.56 -1.03 -21.16
CA THR C 126 30.49 -0.56 -20.14
C THR C 126 29.89 -0.71 -18.74
N LYS C 127 28.60 -0.38 -18.58
CA LYS C 127 27.96 -0.53 -17.27
C LYS C 127 27.92 -1.99 -16.85
N MET C 128 27.66 -2.90 -17.79
CA MET C 128 27.65 -4.32 -17.46
C MET C 128 29.02 -4.78 -17.00
N ARG C 129 30.08 -4.35 -17.69
CA ARG C 129 31.43 -4.71 -17.26
C ARG C 129 31.73 -4.16 -15.87
N ARG C 130 31.33 -2.91 -15.62
CA ARG C 130 31.56 -2.32 -14.30
C ARG C 130 30.86 -3.11 -13.21
N LEU C 131 29.61 -3.48 -13.44
CA LEU C 131 28.87 -4.25 -12.44
C LEU C 131 29.52 -5.59 -12.20
N LEU C 132 29.92 -6.28 -13.28
CA LEU C 132 30.57 -7.58 -13.12
C LEU C 132 31.83 -7.46 -12.28
N PHE C 133 32.68 -6.48 -12.60
CA PHE C 133 33.93 -6.32 -11.85
C PHE C 133 33.66 -5.97 -10.39
N CYS C 134 32.68 -5.09 -10.14
CA CYS C 134 32.39 -4.70 -8.76
C CYS C 134 31.90 -5.89 -7.95
N VAL C 135 31.00 -6.70 -8.52
CA VAL C 135 30.50 -7.85 -7.76
C VAL C 135 31.61 -8.88 -7.56
N ALA C 136 32.47 -9.08 -8.55
CA ALA C 136 33.59 -10.00 -8.37
C ALA C 136 34.49 -9.53 -7.24
N GLY C 137 34.79 -8.23 -7.20
CA GLY C 137 35.60 -7.71 -6.11
C GLY C 137 34.93 -7.89 -4.77
N ALA C 138 33.61 -7.66 -4.70
CA ALA C 138 32.89 -7.85 -3.45
C ALA C 138 32.97 -9.29 -2.97
N THR C 139 32.81 -10.25 -3.89
CA THR C 139 32.89 -11.66 -3.51
C THR C 139 34.30 -12.02 -3.03
N ILE C 140 35.33 -11.52 -3.73
CA ILE C 140 36.70 -11.81 -3.32
C ILE C 140 36.95 -11.23 -1.92
N PHE C 141 36.48 -10.01 -1.68
CA PHE C 141 36.64 -9.42 -0.35
C PHE C 141 35.91 -10.24 0.71
N SER C 142 34.71 -10.73 0.38
CA SER C 142 33.97 -11.53 1.34
C SER C 142 34.74 -12.80 1.71
N VAL C 143 35.30 -13.48 0.71
CA VAL C 143 36.06 -14.70 0.96
C VAL C 143 37.28 -14.40 1.82
N ILE C 144 38.01 -13.34 1.46
CA ILE C 144 39.23 -13.00 2.19
C ILE C 144 38.90 -12.64 3.63
N SER C 145 37.84 -11.86 3.84
CA SER C 145 37.44 -11.49 5.20
C SER C 145 37.01 -12.70 6.00
N TRP C 146 36.29 -13.64 5.38
CA TRP C 146 35.91 -14.86 6.07
C TRP C 146 37.14 -15.62 6.54
N THR C 147 38.13 -15.79 5.64
CA THR C 147 39.34 -16.50 6.02
C THR C 147 40.08 -15.77 7.14
N GLY C 148 40.19 -14.45 7.04
CA GLY C 148 40.87 -13.70 8.08
C GLY C 148 40.19 -13.84 9.43
N ILE C 149 38.86 -13.68 9.46
CA ILE C 149 38.13 -13.83 10.72
C ILE C 149 38.32 -15.23 11.27
N THR C 150 38.37 -16.24 10.38
CA THR C 150 38.65 -17.59 10.82
C THR C 150 40.00 -17.68 11.52
N PHE C 151 41.01 -17.03 10.95
CA PHE C 151 42.37 -17.21 11.47
C PHE C 151 42.61 -16.41 12.74
N ILE C 152 42.08 -15.20 12.84
CA ILE C 152 42.26 -14.43 14.08
C ILE C 152 41.46 -15.06 15.22
N GLU C 153 40.26 -15.54 14.93
CA GLU C 153 39.39 -16.07 15.98
C GLU C 153 40.03 -17.28 16.64
N ASP C 154 39.84 -17.40 17.95
CA ASP C 154 40.35 -18.53 18.73
C ASP C 154 39.31 -19.65 18.67
N SER C 155 39.56 -20.65 17.83
CA SER C 155 38.62 -21.76 17.66
C SER C 155 38.56 -22.57 18.94
N VAL C 156 37.44 -22.47 19.66
CA VAL C 156 37.24 -23.21 20.90
C VAL C 156 35.75 -23.20 21.21
N LYS C 157 35.31 -24.16 22.02
CA LYS C 157 33.91 -24.28 22.41
C LYS C 157 33.79 -24.24 23.93
N ARG C 158 32.75 -23.57 24.40
CA ARG C 158 32.44 -23.48 25.83
C ARG C 158 31.21 -24.32 26.12
N ILE C 159 31.34 -25.26 27.06
CA ILE C 159 30.24 -26.14 27.43
C ILE C 159 29.90 -25.96 28.90
N THR C 168 33.24 -25.71 30.88
CA THR C 168 34.53 -26.20 30.42
C THR C 168 34.86 -25.66 29.02
N ILE C 169 36.14 -25.67 28.67
CA ILE C 169 36.61 -25.18 27.38
C ILE C 169 37.26 -26.33 26.63
N ILE C 170 36.85 -26.52 25.37
CA ILE C 170 37.33 -27.62 24.55
C ILE C 170 37.87 -27.06 23.24
N PRO C 171 39.10 -27.36 22.86
CA PRO C 171 39.61 -26.91 21.56
C PRO C 171 38.74 -27.42 20.42
N ILE C 172 38.60 -26.60 19.39
CA ILE C 172 37.84 -26.96 18.20
C ILE C 172 38.74 -26.79 16.99
N PRO C 173 38.62 -27.63 15.96
CA PRO C 173 39.43 -27.41 14.75
C PRO C 173 39.16 -26.05 14.15
N ARG C 174 40.23 -25.38 13.72
CA ARG C 174 40.16 -24.02 13.20
C ARG C 174 39.83 -24.10 11.71
N LEU C 175 38.55 -23.95 11.38
CA LEU C 175 38.09 -24.00 10.01
C LEU C 175 37.12 -22.86 9.75
N MET C 176 37.02 -22.47 8.48
CA MET C 176 36.19 -21.32 8.12
C MET C 176 34.72 -21.63 8.26
N ILE C 177 34.32 -22.87 7.97
CA ILE C 177 32.94 -23.32 8.14
C ILE C 177 32.96 -24.49 9.12
N ARG C 178 32.19 -24.38 10.19
CA ARG C 178 32.04 -25.49 11.11
C ARG C 178 31.49 -26.70 10.37
N THR C 179 32.15 -27.84 10.54
CA THR C 179 31.81 -29.02 9.75
C THR C 179 32.27 -30.26 10.50
N PHE C 180 31.60 -31.37 10.23
CA PHE C 180 32.00 -32.67 10.74
C PHE C 180 32.83 -33.37 9.67
N TYR C 181 33.99 -33.88 10.06
CA TYR C 181 34.91 -34.52 9.13
C TYR C 181 35.35 -35.88 9.67
N PRO C 182 35.37 -36.91 8.83
CA PRO C 182 35.89 -38.20 9.30
C PRO C 182 37.35 -38.15 9.68
N PHE C 183 38.10 -37.17 9.19
CA PHE C 183 39.52 -37.06 9.51
C PHE C 183 39.70 -36.40 10.88
N ASN C 184 40.95 -36.21 11.27
CA ASN C 184 41.22 -35.47 12.50
C ASN C 184 40.77 -34.02 12.37
N ALA C 185 41.00 -33.41 11.22
CA ALA C 185 40.64 -32.03 10.92
C ALA C 185 41.30 -31.03 11.88
N MET C 186 42.28 -31.49 12.67
CA MET C 186 43.00 -30.62 13.60
C MET C 186 44.51 -30.70 13.46
N SER C 187 45.04 -31.77 12.86
CA SER C 187 46.48 -31.93 12.65
C SER C 187 46.83 -31.57 11.21
N GLY C 188 48.13 -31.58 10.93
CA GLY C 188 48.67 -31.07 9.69
C GLY C 188 47.91 -31.44 8.43
N ALA C 189 47.90 -32.74 8.07
CA ALA C 189 47.31 -33.15 6.81
C ALA C 189 45.82 -32.85 6.76
N GLY C 190 45.09 -33.30 7.78
CA GLY C 190 43.65 -33.08 7.79
C GLY C 190 43.29 -31.61 7.81
N HIS C 191 43.99 -30.83 8.64
CA HIS C 191 43.71 -29.39 8.72
C HIS C 191 43.97 -28.71 7.39
N VAL C 192 45.08 -29.05 6.72
CA VAL C 192 45.41 -28.43 5.45
C VAL C 192 44.37 -28.78 4.40
N PHE C 193 43.99 -30.06 4.32
CA PHE C 193 43.00 -30.46 3.34
C PHE C 193 41.66 -29.78 3.60
N ALA C 194 41.24 -29.72 4.87
CA ALA C 194 39.99 -29.06 5.20
C ALA C 194 40.03 -27.59 4.82
N LEU C 195 41.14 -26.91 5.12
CA LEU C 195 41.24 -25.48 4.82
C LEU C 195 41.15 -25.25 3.31
N ILE C 196 41.88 -26.05 2.52
CA ILE C 196 41.83 -25.87 1.07
C ILE C 196 40.44 -26.15 0.54
N TYR C 197 39.81 -27.23 1.01
CA TYR C 197 38.49 -27.59 0.52
C TYR C 197 37.46 -26.53 0.87
N GLN C 198 37.54 -25.96 2.08
CA GLN C 198 36.57 -24.95 2.48
C GLN C 198 36.81 -23.62 1.76
N PHE C 199 38.06 -23.27 1.48
CA PHE C 199 38.32 -22.12 0.63
C PHE C 199 37.68 -22.32 -0.75
N TYR C 200 37.89 -23.50 -1.33
CA TYR C 200 37.29 -23.80 -2.64
C TYR C 200 35.78 -23.71 -2.58
N TYR C 201 35.18 -24.27 -1.53
CA TYR C 201 33.74 -24.22 -1.34
C TYR C 201 33.28 -22.76 -1.35
N LEU C 202 33.70 -21.99 -0.34
CA LEU C 202 33.33 -20.59 -0.25
C LEU C 202 33.42 -19.90 -1.60
N VAL C 203 34.58 -20.03 -2.27
CA VAL C 203 34.79 -19.33 -3.53
C VAL C 203 33.72 -19.73 -4.54
N ILE C 204 33.50 -21.03 -4.71
CA ILE C 204 32.60 -21.50 -5.76
C ILE C 204 31.16 -21.12 -5.45
N SER C 205 30.75 -21.23 -4.18
CA SER C 205 29.38 -20.88 -3.80
C SER C 205 29.11 -19.41 -4.07
N MET C 206 29.96 -18.52 -3.56
CA MET C 206 29.75 -17.10 -3.81
C MET C 206 29.79 -16.81 -5.31
N ALA C 207 30.71 -17.46 -6.03
CA ALA C 207 30.84 -17.21 -7.45
C ALA C 207 29.56 -17.55 -8.20
N VAL C 208 29.02 -18.75 -7.97
CA VAL C 208 27.82 -19.17 -8.68
C VAL C 208 26.66 -18.23 -8.35
N SER C 209 26.42 -17.99 -7.06
CA SER C 209 25.26 -17.19 -6.69
C SER C 209 25.36 -15.79 -7.28
N ASN C 210 26.48 -15.11 -7.04
CA ASN C 210 26.62 -13.74 -7.47
C ASN C 210 26.74 -13.63 -8.99
N SER C 211 27.21 -14.68 -9.68
CA SER C 211 27.27 -14.63 -11.12
C SER C 211 25.88 -14.70 -11.75
N LEU C 212 25.02 -15.57 -11.23
CA LEU C 212 23.65 -15.58 -11.75
C LEU C 212 22.94 -14.26 -11.43
N ASP C 213 23.15 -13.75 -10.21
CA ASP C 213 22.55 -12.46 -9.86
C ASP C 213 23.03 -11.36 -10.79
N VAL C 214 24.33 -11.33 -11.10
CA VAL C 214 24.87 -10.30 -11.96
C VAL C 214 24.36 -10.46 -13.39
N LEU C 215 24.12 -11.69 -13.84
CA LEU C 215 23.52 -11.87 -15.16
C LEU C 215 22.13 -11.23 -15.21
N PHE C 216 21.33 -11.48 -14.17
CA PHE C 216 20.01 -10.85 -14.08
C PHE C 216 20.14 -9.32 -14.12
N CYS C 217 21.03 -8.78 -13.30
CA CYS C 217 21.20 -7.33 -13.24
C CYS C 217 21.71 -6.75 -14.55
N SER C 218 22.54 -7.51 -15.28
CA SER C 218 23.02 -7.04 -16.57
C SER C 218 21.90 -7.00 -17.59
N TRP C 219 21.00 -7.99 -17.57
CA TRP C 219 19.80 -7.92 -18.39
C TRP C 219 19.05 -6.63 -18.11
N LEU C 220 18.83 -6.34 -16.82
CA LEU C 220 18.10 -5.13 -16.46
C LEU C 220 18.83 -3.87 -16.93
N LEU C 221 20.16 -3.86 -16.82
CA LEU C 221 20.94 -2.71 -17.26
C LEU C 221 20.77 -2.48 -18.76
N PHE C 222 20.83 -3.55 -19.55
CA PHE C 222 20.63 -3.40 -20.99
C PHE C 222 19.25 -2.84 -21.29
N ALA C 223 18.22 -3.32 -20.59
CA ALA C 223 16.88 -2.79 -20.78
C ALA C 223 16.84 -1.29 -20.48
N CYS C 224 17.44 -0.88 -19.37
CA CYS C 224 17.41 0.53 -18.98
C CYS C 224 18.12 1.40 -20.02
N GLU C 225 19.27 0.96 -20.51
CA GLU C 225 19.98 1.75 -21.50
C GLU C 225 19.22 1.83 -22.81
N GLN C 226 18.52 0.75 -23.21
CA GLN C 226 17.70 0.83 -24.40
C GLN C 226 16.55 1.82 -24.22
N LEU C 227 15.96 1.86 -23.03
CA LEU C 227 14.92 2.85 -22.76
C LEU C 227 15.48 4.27 -22.85
N GLN C 228 16.68 4.49 -22.31
CA GLN C 228 17.30 5.81 -22.41
C GLN C 228 17.51 6.21 -23.86
N HIS C 229 17.98 5.27 -24.68
CA HIS C 229 18.09 5.54 -26.12
C HIS C 229 16.74 5.90 -26.71
N LEU C 230 15.69 5.20 -26.29
CA LEU C 230 14.35 5.47 -26.81
C LEU C 230 13.93 6.90 -26.53
N LYS C 231 14.18 7.39 -25.32
CA LYS C 231 13.83 8.78 -25.01
C LYS C 231 14.68 9.77 -25.80
N ALA C 232 16.00 9.51 -25.83
CA ALA C 232 16.92 10.41 -26.51
C ALA C 232 16.57 10.57 -27.98
N ILE C 233 16.01 9.52 -28.61
CA ILE C 233 15.54 9.66 -29.97
C ILE C 233 14.07 10.08 -30.04
N MET C 234 13.30 9.89 -28.96
CA MET C 234 11.97 10.47 -28.87
C MET C 234 12.00 11.94 -29.17
N LYS C 235 12.98 12.65 -28.61
CA LYS C 235 13.04 14.09 -28.87
C LYS C 235 13.23 14.41 -30.36
N PRO C 236 14.33 14.00 -31.01
CA PRO C 236 14.50 14.33 -32.44
C PRO C 236 13.44 13.73 -33.34
N LEU C 237 12.79 12.63 -32.94
CA LEU C 237 11.69 12.10 -33.74
C LEU C 237 10.55 13.11 -33.83
N MET C 238 10.12 13.63 -32.68
CA MET C 238 9.06 14.62 -32.67
C MET C 238 9.50 15.87 -33.43
N GLU C 239 10.76 16.28 -33.27
CA GLU C 239 11.28 17.37 -34.10
C GLU C 239 11.18 17.02 -35.59
N LEU C 240 11.37 15.75 -35.93
CA LEU C 240 11.25 15.32 -37.32
C LEU C 240 9.83 15.54 -37.83
N SER C 241 8.84 15.24 -37.00
CA SER C 241 7.45 15.34 -37.49
C SER C 241 7.02 16.79 -37.69
N ALA C 242 7.71 17.75 -37.07
CA ALA C 242 7.29 19.14 -37.15
C ALA C 242 7.41 19.67 -38.59
N THR C 243 6.56 20.63 -38.91
CA THR C 243 6.56 21.25 -40.23
C THR C 243 7.32 22.57 -40.19
N GLY C 313 0.90 20.65 -44.50
CA GLY C 313 2.15 20.96 -43.80
C GLY C 313 3.31 20.11 -44.28
N LEU C 314 3.20 18.80 -44.09
CA LEU C 314 4.24 17.86 -44.48
C LEU C 314 3.94 17.33 -45.88
N THR C 315 4.97 17.28 -46.72
CA THR C 315 4.85 16.58 -48.00
C THR C 315 4.83 15.07 -47.75
N LYS C 316 4.37 14.34 -48.77
CA LYS C 316 4.23 12.89 -48.62
C LYS C 316 5.53 12.24 -48.20
N LYS C 317 6.67 12.74 -48.69
CA LYS C 317 7.95 12.11 -48.40
C LYS C 317 8.29 12.26 -46.92
N GLN C 318 8.14 13.48 -46.40
CA GLN C 318 8.33 13.71 -44.97
C GLN C 318 7.33 12.90 -44.16
N GLU C 319 6.14 12.70 -44.71
CA GLU C 319 5.12 11.90 -44.01
C GLU C 319 5.58 10.45 -43.86
N MET C 320 6.08 9.85 -44.93
CA MET C 320 6.62 8.49 -44.83
C MET C 320 7.83 8.46 -43.91
N LEU C 321 8.62 9.53 -43.88
CA LEU C 321 9.75 9.59 -42.96
C LEU C 321 9.27 9.53 -41.52
N VAL C 322 8.24 10.29 -41.19
CA VAL C 322 7.69 10.26 -39.83
C VAL C 322 7.11 8.89 -39.53
N ARG C 323 6.44 8.28 -40.52
CA ARG C 323 5.88 6.95 -40.30
C ARG C 323 6.99 5.96 -39.98
N SER C 324 8.10 6.01 -40.71
CA SER C 324 9.22 5.10 -40.44
C SER C 324 9.81 5.36 -39.06
N ALA C 325 9.94 6.63 -38.67
CA ALA C 325 10.49 6.93 -37.36
C ALA C 325 9.59 6.41 -36.24
N ILE C 326 8.28 6.59 -36.38
CA ILE C 326 7.34 6.10 -35.39
C ILE C 326 7.38 4.57 -35.33
N LYS C 327 7.47 3.93 -36.49
CA LYS C 327 7.58 2.48 -36.53
C LYS C 327 8.82 2.01 -35.77
N TYR C 328 9.96 2.66 -36.02
CA TYR C 328 11.18 2.31 -35.31
C TYR C 328 11.00 2.45 -33.80
N TRP C 329 10.47 3.59 -33.36
CA TRP C 329 10.31 3.82 -31.92
C TRP C 329 9.42 2.76 -31.29
N VAL C 330 8.27 2.50 -31.90
CA VAL C 330 7.31 1.55 -31.32
C VAL C 330 7.89 0.14 -31.29
N GLU C 331 8.53 -0.28 -32.39
CA GLU C 331 9.09 -1.62 -32.43
C GLU C 331 10.19 -1.79 -31.39
N ARG C 332 11.06 -0.80 -31.23
CA ARG C 332 12.11 -0.92 -30.23
C ARG C 332 11.53 -0.96 -28.81
N HIS C 333 10.49 -0.17 -28.56
CA HIS C 333 9.85 -0.22 -27.24
C HIS C 333 9.26 -1.61 -26.97
N LYS C 334 8.60 -2.19 -27.98
CA LYS C 334 8.05 -3.53 -27.82
C LYS C 334 9.15 -4.56 -27.59
N HIS C 335 10.28 -4.39 -28.27
CA HIS C 335 11.43 -5.27 -28.05
C HIS C 335 11.89 -5.20 -26.60
N VAL C 336 11.99 -3.98 -26.06
CA VAL C 336 12.40 -3.82 -24.66
C VAL C 336 11.40 -4.51 -23.74
N VAL C 337 10.10 -4.38 -24.05
CA VAL C 337 9.08 -5.01 -23.21
C VAL C 337 9.24 -6.53 -23.25
N ARG C 338 9.51 -7.09 -24.43
CA ARG C 338 9.73 -8.53 -24.53
C ARG C 338 10.89 -8.98 -23.65
N LEU C 339 12.01 -8.28 -23.76
CA LEU C 339 13.18 -8.60 -22.94
C LEU C 339 12.82 -8.56 -21.45
N VAL C 340 12.11 -7.51 -21.05
CA VAL C 340 11.77 -7.35 -19.63
C VAL C 340 10.89 -8.50 -19.17
N THR C 341 9.92 -8.91 -20.00
CA THR C 341 9.03 -9.99 -19.58
C THR C 341 9.78 -11.31 -19.41
N ALA C 342 10.68 -11.62 -20.34
CA ALA C 342 11.44 -12.86 -20.22
C ALA C 342 12.28 -12.87 -18.94
N VAL C 343 13.06 -11.81 -18.76
CA VAL C 343 13.88 -11.70 -17.55
C VAL C 343 12.99 -11.81 -16.32
N GLY C 344 11.84 -11.15 -16.37
CA GLY C 344 10.96 -11.12 -15.22
C GLY C 344 10.50 -12.50 -14.82
N ASP C 345 10.02 -13.29 -15.78
CA ASP C 345 9.54 -14.62 -15.42
C ASP C 345 10.67 -15.47 -14.82
N ALA C 346 11.79 -15.56 -15.55
CA ALA C 346 12.85 -16.46 -15.10
C ALA C 346 13.37 -16.04 -13.73
N TYR C 347 13.96 -14.86 -13.64
CA TYR C 347 14.49 -14.54 -12.33
C TYR C 347 13.39 -14.14 -11.35
N GLY C 348 12.12 -14.17 -11.74
CA GLY C 348 11.07 -13.95 -10.78
C GLY C 348 10.90 -15.18 -9.93
N VAL C 349 10.88 -16.33 -10.58
CA VAL C 349 10.94 -17.57 -9.79
C VAL C 349 12.23 -17.58 -8.95
N ALA C 350 13.35 -17.19 -9.58
CA ALA C 350 14.62 -17.19 -8.85
C ALA C 350 14.54 -16.35 -7.58
N LEU C 351 14.09 -15.10 -7.70
CA LEU C 351 13.98 -14.20 -6.55
C LEU C 351 12.93 -14.67 -5.54
N LEU C 352 11.84 -15.31 -5.97
CA LEU C 352 10.93 -15.86 -4.98
C LEU C 352 11.69 -16.77 -4.03
N LEU C 353 12.42 -17.74 -4.59
CA LEU C 353 13.20 -18.64 -3.73
C LEU C 353 14.23 -17.87 -2.91
N HIS C 354 14.95 -16.95 -3.57
CA HIS C 354 16.02 -16.20 -2.91
C HIS C 354 15.50 -15.44 -1.70
N MET C 355 14.38 -14.74 -1.85
CA MET C 355 13.87 -13.91 -0.78
C MET C 355 13.23 -14.73 0.33
N LEU C 356 12.67 -15.89 0.02
CA LEU C 356 12.25 -16.77 1.12
C LEU C 356 13.44 -17.15 1.98
N THR C 357 14.53 -17.62 1.34
CA THR C 357 15.71 -18.00 2.10
C THR C 357 16.27 -16.81 2.87
N THR C 358 16.29 -15.64 2.23
CA THR C 358 16.82 -14.44 2.87
C THR C 358 15.99 -14.05 4.10
N THR C 359 14.66 -14.18 4.01
CA THR C 359 13.82 -13.85 5.16
C THR C 359 14.16 -14.75 6.35
N ILE C 360 14.28 -16.06 6.10
CA ILE C 360 14.62 -16.95 7.22
C ILE C 360 15.99 -16.60 7.79
N THR C 361 16.96 -16.37 6.90
CA THR C 361 18.31 -16.05 7.36
C THR C 361 18.32 -14.76 8.18
N LEU C 362 17.56 -13.76 7.75
CA LEU C 362 17.55 -12.48 8.45
C LEU C 362 16.84 -12.59 9.80
N THR C 363 15.81 -13.43 9.91
CA THR C 363 15.24 -13.67 11.24
C THR C 363 16.29 -14.25 12.17
N LEU C 364 17.00 -15.29 11.72
CA LEU C 364 18.02 -15.89 12.58
C LEU C 364 19.13 -14.88 12.89
N LEU C 365 19.47 -14.03 11.93
CA LEU C 365 20.53 -13.04 12.14
C LEU C 365 20.11 -11.96 13.12
N ALA C 366 18.83 -11.56 13.10
CA ALA C 366 18.33 -10.65 14.11
C ALA C 366 18.46 -11.27 15.50
N TYR C 367 18.09 -12.54 15.64
CA TYR C 367 18.27 -13.18 16.94
C TYR C 367 19.74 -13.18 17.34
N GLN C 368 20.64 -13.47 16.39
CA GLN C 368 22.06 -13.48 16.71
C GLN C 368 22.55 -12.11 17.13
N ALA C 369 22.12 -11.06 16.42
CA ALA C 369 22.54 -9.71 16.76
C ALA C 369 22.06 -9.33 18.14
N THR C 370 20.91 -9.86 18.57
CA THR C 370 20.46 -9.63 19.94
C THR C 370 21.50 -10.11 20.94
N LYS C 371 22.33 -11.09 20.56
CA LYS C 371 23.35 -11.63 21.45
C LYS C 371 24.68 -10.88 21.37
N VAL C 372 24.82 -9.96 20.43
CA VAL C 372 26.11 -9.32 20.18
C VAL C 372 26.39 -8.29 21.27
N ASN C 373 27.61 -8.35 21.81
CA ASN C 373 28.07 -7.35 22.77
C ASN C 373 29.55 -7.08 22.51
N GLY C 374 29.94 -5.81 22.62
CA GLY C 374 31.32 -5.43 22.36
C GLY C 374 31.63 -5.38 20.88
N VAL C 375 32.92 -5.31 20.59
CA VAL C 375 33.42 -5.26 19.22
C VAL C 375 34.25 -6.51 18.95
N ASN C 376 33.88 -7.62 19.59
CA ASN C 376 34.60 -8.86 19.42
C ASN C 376 34.33 -9.45 18.04
N VAL C 377 34.90 -10.63 17.79
CA VAL C 377 34.78 -11.28 16.49
C VAL C 377 33.32 -11.64 16.20
N TYR C 378 32.56 -11.99 17.24
CA TYR C 378 31.16 -12.35 17.07
C TYR C 378 30.40 -11.22 16.36
N ALA C 379 30.62 -9.99 16.81
CA ALA C 379 29.96 -8.85 16.18
C ALA C 379 30.36 -8.72 14.72
N ALA C 380 31.65 -8.94 14.42
CA ALA C 380 32.11 -8.86 13.03
C ALA C 380 31.42 -9.90 12.16
N THR C 381 31.31 -11.13 12.66
CA THR C 381 30.65 -12.18 11.88
C THR C 381 29.19 -11.86 11.64
N VAL C 382 28.48 -11.41 12.68
CA VAL C 382 27.07 -11.10 12.52
C VAL C 382 26.88 -9.95 11.52
N ILE C 383 27.72 -8.92 11.64
CA ILE C 383 27.61 -7.78 10.74
C ILE C 383 27.93 -8.19 9.31
N GLY C 384 28.89 -9.09 9.12
CA GLY C 384 29.20 -9.56 7.79
C GLY C 384 28.07 -10.34 7.17
N TYR C 385 27.44 -11.23 7.94
CA TYR C 385 26.29 -11.98 7.44
C TYR C 385 25.17 -11.03 7.02
N LEU C 386 24.83 -10.08 7.91
CA LEU C 386 23.78 -9.13 7.59
C LEU C 386 24.14 -8.31 6.35
N LEU C 387 25.40 -7.89 6.24
CA LEU C 387 25.82 -7.07 5.12
C LEU C 387 25.68 -7.85 3.82
N TYR C 388 26.10 -9.11 3.80
CA TYR C 388 26.00 -9.89 2.55
C TYR C 388 24.55 -10.09 2.15
N THR C 389 23.71 -10.49 3.10
CA THR C 389 22.30 -10.74 2.77
C THR C 389 21.65 -9.47 2.24
N LEU C 390 21.76 -8.37 2.99
CA LEU C 390 21.15 -7.12 2.57
C LEU C 390 21.77 -6.60 1.29
N GLY C 391 23.04 -6.93 1.02
CA GLY C 391 23.66 -6.50 -0.22
C GLY C 391 23.08 -7.20 -1.43
N GLN C 392 22.85 -8.50 -1.33
CA GLN C 392 22.18 -9.20 -2.43
C GLN C 392 20.78 -8.63 -2.67
N VAL C 393 20.02 -8.47 -1.57
CA VAL C 393 18.68 -7.91 -1.71
C VAL C 393 18.76 -6.52 -2.33
N PHE C 394 19.72 -5.70 -1.91
CA PHE C 394 19.83 -4.34 -2.40
C PHE C 394 20.21 -4.32 -3.87
N LEU C 395 21.08 -5.24 -4.31
CA LEU C 395 21.42 -5.30 -5.72
C LEU C 395 20.18 -5.55 -6.57
N PHE C 396 19.41 -6.58 -6.21
CA PHE C 396 18.18 -6.85 -6.96
C PHE C 396 17.26 -5.65 -6.94
N CYS C 397 17.05 -5.06 -5.76
CA CYS C 397 16.10 -3.97 -5.62
C CYS C 397 16.55 -2.74 -6.41
N ILE C 398 17.83 -2.40 -6.37
CA ILE C 398 18.30 -1.20 -7.05
C ILE C 398 18.14 -1.35 -8.55
N PHE C 399 18.42 -2.53 -9.10
CA PHE C 399 18.25 -2.64 -10.55
C PHE C 399 16.79 -2.71 -10.97
N GLY C 400 15.93 -3.33 -10.14
CA GLY C 400 14.50 -3.24 -10.42
C GLY C 400 14.00 -1.81 -10.39
N ASN C 401 14.45 -1.03 -9.41
CA ASN C 401 14.07 0.37 -9.34
C ASN C 401 14.58 1.13 -10.55
N ARG C 402 15.79 0.81 -11.02
CA ARG C 402 16.30 1.43 -12.24
C ARG C 402 15.34 1.20 -13.39
N LEU C 403 14.88 -0.04 -13.57
CA LEU C 403 13.96 -0.33 -14.67
C LEU C 403 12.65 0.46 -14.51
N ILE C 404 12.10 0.46 -13.29
CA ILE C 404 10.82 1.14 -13.05
C ILE C 404 10.95 2.63 -13.37
N GLU C 405 11.99 3.26 -12.82
CA GLU C 405 12.18 4.69 -13.04
C GLU C 405 12.47 4.99 -14.49
N GLU C 406 13.14 4.08 -15.20
CA GLU C 406 13.41 4.31 -16.62
C GLU C 406 12.12 4.30 -17.42
N SER C 407 11.19 3.39 -17.11
CA SER C 407 9.90 3.40 -17.82
C SER C 407 9.11 4.67 -17.52
N SER C 408 9.03 5.04 -16.24
CA SER C 408 8.34 6.30 -15.90
C SER C 408 8.98 7.48 -16.60
N SER C 409 10.31 7.52 -16.65
CA SER C 409 11.00 8.59 -17.35
C SER C 409 10.76 8.52 -18.85
N VAL C 410 10.49 7.34 -19.40
CA VAL C 410 10.08 7.26 -20.80
C VAL C 410 8.77 8.02 -20.98
N MET C 411 7.83 7.84 -20.06
CA MET C 411 6.61 8.65 -20.10
C MET C 411 6.95 10.14 -20.06
N GLU C 412 7.77 10.53 -19.07
CA GLU C 412 8.10 11.95 -18.90
C GLU C 412 8.73 12.54 -20.16
N ALA C 413 9.68 11.82 -20.76
CA ALA C 413 10.35 12.32 -21.96
C ALA C 413 9.45 12.28 -23.17
N ALA C 414 8.43 11.41 -23.17
CA ALA C 414 7.41 11.49 -24.20
C ALA C 414 6.64 12.80 -24.08
N TYR C 415 6.33 13.22 -22.85
CA TYR C 415 5.67 14.51 -22.68
C TYR C 415 6.60 15.68 -22.97
N SER C 416 7.89 15.55 -22.63
CA SER C 416 8.79 16.70 -22.51
C SER C 416 9.33 17.19 -23.84
N CYS C 417 8.73 16.83 -24.97
CA CYS C 417 9.21 17.29 -26.27
C CYS C 417 8.23 18.28 -26.89
N HIS C 418 8.53 18.71 -28.11
CA HIS C 418 7.76 19.73 -28.80
C HIS C 418 6.71 19.09 -29.72
N TRP C 419 5.74 18.42 -29.10
CA TRP C 419 4.68 17.79 -29.87
C TRP C 419 3.71 18.81 -30.45
N TYR C 420 3.52 19.93 -29.76
CA TYR C 420 2.55 20.93 -30.22
C TYR C 420 2.90 21.43 -31.63
N ASP C 421 4.18 21.54 -31.95
CA ASP C 421 4.58 21.96 -33.29
C ASP C 421 4.48 20.85 -34.32
N GLY C 422 4.21 19.61 -33.90
CA GLY C 422 4.23 18.47 -34.78
C GLY C 422 2.99 18.34 -35.65
N SER C 423 2.62 17.09 -35.91
CA SER C 423 1.45 16.76 -36.71
C SER C 423 0.52 15.87 -35.89
N GLU C 424 -0.69 15.64 -36.42
CA GLU C 424 -1.66 14.87 -35.68
C GLU C 424 -1.23 13.42 -35.52
N GLU C 425 -0.58 12.85 -36.52
CA GLU C 425 -0.07 11.49 -36.41
C GLU C 425 0.96 11.40 -35.28
N ALA C 426 1.90 12.34 -35.25
CA ALA C 426 2.92 12.32 -34.20
C ALA C 426 2.30 12.57 -32.83
N LYS C 427 1.31 13.46 -32.76
CA LYS C 427 0.65 13.71 -31.49
C LYS C 427 -0.07 12.46 -30.98
N THR C 428 -0.77 11.75 -31.87
CA THR C 428 -1.42 10.50 -31.49
C THR C 428 -0.40 9.47 -31.04
N PHE C 429 0.73 9.39 -31.73
CA PHE C 429 1.80 8.50 -31.31
C PHE C 429 2.27 8.84 -29.90
N VAL C 430 2.40 10.14 -29.61
CA VAL C 430 2.80 10.57 -28.27
C VAL C 430 1.77 10.16 -27.23
N GLN C 431 0.48 10.36 -27.54
CA GLN C 431 -0.56 10.00 -26.57
C GLN C 431 -0.55 8.51 -26.28
N ILE C 432 -0.41 7.69 -27.32
CA ILE C 432 -0.41 6.24 -27.12
C ILE C 432 0.82 5.81 -26.33
N VAL C 433 1.98 6.43 -26.61
CA VAL C 433 3.17 6.11 -25.83
C VAL C 433 2.98 6.47 -24.37
N CYS C 434 2.40 7.63 -24.09
CA CYS C 434 2.13 8.01 -22.71
C CYS C 434 1.18 7.02 -22.05
N GLN C 435 0.12 6.63 -22.76
CA GLN C 435 -0.81 5.63 -22.23
C GLN C 435 -0.08 4.36 -21.84
N GLN C 436 0.78 3.85 -22.73
CA GLN C 436 1.50 2.63 -22.42
C GLN C 436 2.47 2.81 -21.26
N CYS C 437 3.10 3.98 -21.18
CA CYS C 437 4.08 4.25 -20.14
C CYS C 437 3.44 4.66 -18.81
N GLN C 438 2.11 4.74 -18.74
CA GLN C 438 1.46 5.02 -17.46
C GLN C 438 1.95 4.07 -16.38
N LYS C 439 2.02 2.78 -16.67
CA LYS C 439 2.51 1.78 -15.73
C LYS C 439 3.96 1.44 -16.05
N ALA C 440 4.80 1.42 -15.02
CA ALA C 440 6.23 1.21 -15.20
C ALA C 440 6.56 -0.27 -15.18
N MET C 441 7.49 -0.66 -16.05
CA MET C 441 7.96 -2.04 -16.09
C MET C 441 8.56 -2.43 -14.75
N SER C 442 8.33 -3.68 -14.33
CA SER C 442 8.82 -4.14 -13.06
C SER C 442 9.07 -5.64 -13.13
N ILE C 443 9.92 -6.13 -12.22
CA ILE C 443 10.22 -7.54 -12.09
C ILE C 443 9.61 -8.05 -10.80
N SER C 444 8.84 -9.12 -10.89
CA SER C 444 8.11 -9.66 -9.74
C SER C 444 8.68 -11.02 -9.35
N GLY C 445 8.73 -11.27 -8.04
CA GLY C 445 9.15 -12.57 -7.54
C GLY C 445 8.02 -13.57 -7.55
N ALA C 446 7.68 -14.08 -8.73
CA ALA C 446 6.56 -15.01 -8.90
C ALA C 446 5.24 -14.34 -8.51
N LYS C 447 5.14 -13.04 -8.78
CA LYS C 447 3.95 -12.22 -8.55
C LYS C 447 3.66 -11.98 -7.08
N PHE C 448 4.50 -12.47 -6.16
CA PHE C 448 4.27 -12.23 -4.74
C PHE C 448 4.83 -10.90 -4.27
N PHE C 449 5.62 -10.22 -5.09
CA PHE C 449 6.13 -8.89 -4.79
C PHE C 449 6.87 -8.39 -6.01
N THR C 450 7.32 -7.14 -5.95
CA THR C 450 8.15 -6.55 -6.97
C THR C 450 9.50 -6.16 -6.36
N VAL C 451 10.58 -6.49 -7.07
CA VAL C 451 11.90 -6.11 -6.59
C VAL C 451 12.09 -4.62 -6.80
N SER C 452 12.30 -3.90 -5.71
CA SER C 452 12.43 -2.45 -5.76
C SER C 452 12.99 -1.99 -4.42
N LEU C 453 13.54 -0.78 -4.41
CA LEU C 453 14.07 -0.24 -3.17
C LEU C 453 12.98 -0.14 -2.09
N ASP C 454 11.72 -0.12 -2.50
CA ASP C 454 10.63 -0.25 -1.52
C ASP C 454 10.64 -1.62 -0.87
N LEU C 455 10.92 -2.68 -1.65
CA LEU C 455 11.02 -4.01 -1.07
C LEU C 455 12.21 -4.09 -0.11
N PHE C 456 13.34 -3.49 -0.50
CA PHE C 456 14.49 -3.46 0.40
C PHE C 456 14.17 -2.71 1.67
N ALA C 457 13.46 -1.59 1.55
CA ALA C 457 13.06 -0.84 2.73
C ALA C 457 12.15 -1.66 3.63
N SER C 458 11.21 -2.40 3.02
CA SER C 458 10.30 -3.23 3.81
C SER C 458 11.05 -4.31 4.57
N VAL C 459 11.96 -5.00 3.89
CA VAL C 459 12.71 -6.07 4.57
C VAL C 459 13.61 -5.50 5.66
N LEU C 460 14.26 -4.36 5.39
CA LEU C 460 15.10 -3.76 6.41
C LEU C 460 14.29 -3.31 7.62
N GLY C 461 13.12 -2.71 7.37
CA GLY C 461 12.24 -2.32 8.47
C GLY C 461 11.79 -3.51 9.28
N ALA C 462 11.42 -4.61 8.61
CA ALA C 462 11.03 -5.81 9.33
C ALA C 462 12.18 -6.33 10.18
N VAL C 463 13.38 -6.34 9.62
CA VAL C 463 14.54 -6.84 10.37
C VAL C 463 14.77 -6.00 11.62
N VAL C 464 14.78 -4.68 11.46
CA VAL C 464 15.08 -3.81 12.59
C VAL C 464 13.97 -3.87 13.64
N THR C 465 12.71 -3.94 13.21
CA THR C 465 11.62 -4.04 14.17
C THR C 465 11.68 -5.36 14.93
N TYR C 466 11.95 -6.46 14.23
CA TYR C 466 12.07 -7.74 14.93
C TYR C 466 13.23 -7.73 15.91
N PHE C 467 14.35 -7.12 15.52
CA PHE C 467 15.47 -7.00 16.45
C PHE C 467 15.08 -6.18 17.67
N MET C 468 14.32 -5.10 17.46
CA MET C 468 13.90 -4.25 18.57
C MET C 468 13.00 -5.02 19.55
N VAL C 469 12.01 -5.73 19.04
CA VAL C 469 11.14 -6.50 19.94
C VAL C 469 11.95 -7.61 20.61
N LEU C 470 12.92 -8.18 19.91
CA LEU C 470 13.76 -9.21 20.53
C LEU C 470 14.55 -8.65 21.70
N VAL C 471 15.16 -7.47 21.53
CA VAL C 471 15.94 -6.90 22.63
C VAL C 471 15.02 -6.51 23.78
N GLN C 472 13.84 -5.97 23.46
CA GLN C 472 12.89 -5.63 24.52
C GLN C 472 12.48 -6.87 25.30
N LEU C 473 12.23 -7.98 24.61
CA LEU C 473 11.83 -9.20 25.31
C LEU C 473 12.93 -9.71 26.22
N LYS C 474 14.18 -9.66 25.75
CA LYS C 474 15.31 -10.11 26.56
C LYS C 474 15.54 -9.17 27.74
N GLY D 7 -24.56 -22.35 -23.85
CA GLY D 7 -23.85 -21.22 -23.27
C GLY D 7 -22.80 -21.64 -22.27
N LEU D 8 -22.76 -20.96 -21.13
CA LEU D 8 -21.78 -21.24 -20.09
C LEU D 8 -22.20 -22.36 -19.16
N VAL D 9 -23.44 -22.83 -19.26
CA VAL D 9 -23.88 -23.96 -18.45
C VAL D 9 -23.43 -25.29 -19.06
N ALA D 10 -23.38 -25.38 -20.39
CA ALA D 10 -22.84 -26.58 -21.01
C ALA D 10 -21.37 -26.77 -20.65
N ASP D 11 -20.59 -25.68 -20.68
CA ASP D 11 -19.17 -25.76 -20.33
C ASP D 11 -18.98 -26.17 -18.88
N LEU D 12 -19.80 -25.62 -17.98
CA LEU D 12 -19.67 -25.86 -16.54
C LEU D 12 -20.46 -27.06 -16.07
N LEU D 13 -20.93 -27.91 -16.99
CA LEU D 13 -21.87 -28.95 -16.62
C LEU D 13 -21.32 -29.93 -15.59
N PRO D 14 -20.10 -30.47 -15.72
CA PRO D 14 -19.62 -31.41 -14.69
C PRO D 14 -19.60 -30.80 -13.30
N ASN D 15 -19.19 -29.54 -13.17
CA ASN D 15 -19.18 -28.89 -11.85
C ASN D 15 -20.60 -28.78 -11.30
N ILE D 16 -21.55 -28.41 -12.16
CA ILE D 16 -22.93 -28.30 -11.73
C ILE D 16 -23.45 -29.65 -11.26
N ARG D 17 -23.12 -30.71 -11.99
CA ARG D 17 -23.58 -32.04 -11.61
C ARG D 17 -22.96 -32.50 -10.30
N VAL D 18 -21.67 -32.20 -10.09
CA VAL D 18 -21.03 -32.54 -8.84
C VAL D 18 -21.72 -31.82 -7.68
N MET D 19 -21.99 -30.53 -7.87
CA MET D 19 -22.67 -29.76 -6.83
C MET D 19 -24.05 -30.35 -6.54
N GLN D 20 -24.82 -30.64 -7.59
CA GLN D 20 -26.16 -31.16 -7.40
C GLN D 20 -26.13 -32.50 -6.66
N GLY D 21 -25.25 -33.40 -7.08
CA GLY D 21 -25.22 -34.72 -6.49
C GLY D 21 -24.60 -34.76 -5.10
N VAL D 22 -23.81 -33.76 -4.74
CA VAL D 22 -23.10 -33.76 -3.47
C VAL D 22 -23.86 -33.00 -2.37
N GLY D 23 -25.00 -32.39 -2.70
CA GLY D 23 -25.85 -31.81 -1.67
C GLY D 23 -26.04 -30.31 -1.76
N HIS D 24 -25.97 -29.74 -2.96
CA HIS D 24 -26.24 -28.33 -3.17
C HIS D 24 -27.65 -28.15 -3.74
N PHE D 25 -28.26 -27.02 -3.40
CA PHE D 25 -29.64 -26.74 -3.79
C PHE D 25 -29.70 -26.15 -5.20
N MET D 26 -29.18 -26.92 -6.15
CA MET D 26 -29.10 -26.50 -7.55
C MET D 26 -30.26 -27.12 -8.34
N PHE D 27 -31.47 -26.68 -7.99
CA PHE D 27 -32.69 -27.22 -8.61
C PHE D 27 -33.04 -26.43 -9.87
N ASN D 28 -32.12 -26.45 -10.84
CA ASN D 28 -32.34 -25.67 -12.06
C ASN D 28 -32.08 -26.46 -13.35
N TYR D 29 -31.16 -27.42 -13.33
CA TYR D 29 -30.59 -27.92 -14.57
C TYR D 29 -30.80 -29.41 -14.79
N TYR D 30 -32.02 -29.90 -14.60
CA TYR D 30 -32.34 -31.27 -14.96
C TYR D 30 -33.84 -31.37 -15.20
N SER D 31 -34.30 -32.59 -15.50
CA SER D 31 -35.72 -32.83 -15.70
C SER D 31 -36.48 -32.63 -14.40
N GLU D 32 -37.75 -32.25 -14.52
CA GLU D 32 -38.54 -31.89 -13.35
C GLU D 32 -38.78 -33.08 -12.43
N GLY D 33 -38.60 -34.30 -12.92
CA GLY D 33 -38.83 -35.46 -12.08
C GLY D 33 -37.95 -35.50 -10.86
N LYS D 34 -36.65 -35.75 -11.06
CA LYS D 34 -35.75 -35.84 -9.91
C LYS D 34 -35.59 -34.51 -9.19
N LYS D 35 -36.29 -33.46 -9.63
CA LYS D 35 -36.42 -32.26 -8.82
C LYS D 35 -36.99 -32.59 -7.45
N PHE D 36 -37.96 -33.53 -7.39
CA PHE D 36 -38.58 -33.83 -6.09
C PHE D 36 -37.61 -34.59 -5.19
N PRO D 37 -37.17 -35.80 -5.53
CA PRO D 37 -36.28 -36.53 -4.60
C PRO D 37 -35.00 -35.77 -4.28
N HIS D 38 -34.36 -35.18 -5.30
CA HIS D 38 -33.12 -34.46 -5.07
C HIS D 38 -33.28 -33.44 -3.95
N ARG D 39 -34.32 -32.62 -4.04
CA ARG D 39 -34.59 -31.66 -2.97
C ARG D 39 -34.63 -32.36 -1.62
N ILE D 40 -35.44 -33.42 -1.52
CA ILE D 40 -35.49 -34.17 -0.27
C ILE D 40 -34.09 -34.63 0.11
N TYR D 41 -33.38 -35.23 -0.85
CA TYR D 41 -32.01 -35.66 -0.59
C TYR D 41 -31.20 -34.50 -0.03
N CYS D 42 -31.25 -33.35 -0.71
CA CYS D 42 -30.51 -32.19 -0.22
C CYS D 42 -30.82 -31.94 1.24
N ILE D 43 -32.12 -31.89 1.57
CA ILE D 43 -32.51 -31.61 2.95
C ILE D 43 -31.79 -32.56 3.90
N VAL D 44 -31.85 -33.86 3.59
CA VAL D 44 -31.25 -34.84 4.48
C VAL D 44 -29.79 -34.49 4.72
N THR D 45 -29.06 -34.23 3.63
CA THR D 45 -27.64 -33.91 3.78
C THR D 45 -27.47 -32.76 4.76
N LEU D 46 -28.18 -31.66 4.53
CA LEU D 46 -28.14 -30.55 5.47
C LEU D 46 -28.33 -31.07 6.88
N LEU D 47 -29.48 -31.70 7.14
CA LEU D 47 -29.74 -32.26 8.45
C LEU D 47 -28.52 -32.98 8.97
N LEU D 48 -28.07 -34.00 8.22
CA LEU D 48 -26.97 -34.82 8.69
C LEU D 48 -25.79 -33.94 9.06
N LEU D 49 -25.37 -33.07 8.15
CA LEU D 49 -24.27 -32.16 8.45
C LEU D 49 -24.53 -31.49 9.79
N LEU D 50 -25.61 -30.71 9.86
CA LEU D 50 -25.90 -29.97 11.07
C LEU D 50 -26.00 -30.92 12.26
N LEU D 51 -26.63 -32.08 12.06
CA LEU D 51 -26.76 -33.04 13.15
C LEU D 51 -25.38 -33.36 13.71
N GLN D 52 -24.45 -33.76 12.86
CA GLN D 52 -23.11 -34.05 13.35
C GLN D 52 -22.50 -32.83 14.01
N TYR D 53 -22.70 -31.66 13.39
CA TYR D 53 -22.22 -30.42 13.99
C TYR D 53 -22.70 -30.31 15.43
N GLY D 54 -23.98 -30.58 15.66
CA GLY D 54 -24.51 -30.59 17.01
C GLY D 54 -23.57 -31.32 17.94
N MET D 55 -23.30 -32.59 17.66
CA MET D 55 -22.41 -33.35 18.52
C MET D 55 -21.09 -32.62 18.71
N MET D 56 -20.45 -32.22 17.60
CA MET D 56 -19.19 -31.50 17.71
C MET D 56 -19.35 -30.33 18.66
N ALA D 57 -20.41 -29.53 18.46
CA ALA D 57 -20.62 -28.37 19.31
C ALA D 57 -20.62 -28.76 20.77
N VAL D 58 -21.43 -29.77 21.13
CA VAL D 58 -21.55 -30.10 22.54
C VAL D 58 -20.20 -30.58 23.08
N ASN D 59 -19.41 -31.25 22.24
CA ASN D 59 -18.07 -31.65 22.67
C ASN D 59 -17.29 -30.43 23.15
N LEU D 60 -17.29 -29.36 22.34
CA LEU D 60 -16.57 -28.16 22.72
C LEU D 60 -17.01 -27.68 24.10
N MET D 61 -18.29 -27.87 24.44
CA MET D 61 -18.78 -27.40 25.73
C MET D 61 -18.06 -28.09 26.88
N MET D 62 -17.86 -29.42 26.79
CA MET D 62 -17.18 -30.12 27.87
C MET D 62 -15.66 -30.13 27.71
N GLU D 63 -15.15 -29.75 26.54
CA GLU D 63 -13.72 -29.57 26.35
C GLU D 63 -13.25 -28.18 26.75
N SER D 64 -14.16 -27.35 27.26
CA SER D 64 -13.81 -26.02 27.72
C SER D 64 -13.24 -26.06 29.13
N ASP D 65 -12.25 -26.91 29.36
CA ASP D 65 -11.54 -27.01 30.63
C ASP D 65 -10.11 -26.53 30.53
N ASP D 66 -9.43 -26.82 29.42
CA ASP D 66 -8.10 -26.32 29.15
C ASP D 66 -8.07 -25.78 27.73
N VAL D 67 -7.24 -24.76 27.51
CA VAL D 67 -7.24 -24.06 26.22
C VAL D 67 -6.78 -24.97 25.08
N ASP D 68 -6.04 -26.03 25.37
CA ASP D 68 -5.51 -26.89 24.31
C ASP D 68 -6.61 -27.56 23.50
N ASP D 69 -7.40 -28.43 24.16
CA ASP D 69 -8.48 -29.09 23.47
C ASP D 69 -9.55 -28.09 23.03
N LEU D 70 -9.71 -27.00 23.77
CA LEU D 70 -10.66 -25.97 23.36
C LEU D 70 -10.29 -25.39 21.99
N THR D 71 -9.02 -25.05 21.79
CA THR D 71 -8.61 -24.48 20.52
C THR D 71 -8.59 -25.54 19.42
N ALA D 72 -8.25 -26.78 19.74
CA ALA D 72 -8.35 -27.84 18.74
C ALA D 72 -9.79 -27.99 18.26
N ASN D 73 -10.73 -28.03 19.19
CA ASN D 73 -12.14 -28.12 18.84
C ASN D 73 -12.57 -26.89 18.04
N THR D 74 -12.09 -25.71 18.43
CA THR D 74 -12.47 -24.49 17.70
C THR D 74 -11.98 -24.54 16.26
N ILE D 75 -10.76 -25.04 16.03
CA ILE D 75 -10.24 -25.15 14.67
C ILE D 75 -11.08 -26.12 13.86
N THR D 76 -11.39 -27.28 14.44
CA THR D 76 -12.25 -28.23 13.73
C THR D 76 -13.60 -27.60 13.42
N MET D 77 -14.15 -26.86 14.39
CA MET D 77 -15.47 -26.26 14.24
C MET D 77 -15.47 -25.23 13.13
N LEU D 78 -14.42 -24.42 13.03
CA LEU D 78 -14.36 -23.43 11.95
C LEU D 78 -14.21 -24.10 10.59
N PHE D 79 -13.32 -25.09 10.50
CA PHE D 79 -13.13 -25.77 9.21
C PHE D 79 -14.46 -26.36 8.75
N PHE D 80 -15.17 -27.01 9.66
CA PHE D 80 -16.45 -27.62 9.30
C PHE D 80 -17.59 -26.61 9.25
N LEU D 81 -17.38 -25.38 9.73
CA LEU D 81 -18.33 -24.31 9.52
C LEU D 81 -18.27 -23.81 8.09
N HIS D 82 -17.08 -23.84 7.49
CA HIS D 82 -16.94 -23.39 6.11
C HIS D 82 -18.03 -24.00 5.22
N PRO D 83 -18.05 -25.33 5.06
CA PRO D 83 -19.02 -25.92 4.11
C PRO D 83 -20.47 -25.62 4.43
N ILE D 84 -20.83 -25.57 5.72
CA ILE D 84 -22.21 -25.25 6.08
C ILE D 84 -22.55 -23.84 5.62
N VAL D 85 -21.64 -22.89 5.85
CA VAL D 85 -21.86 -21.52 5.41
C VAL D 85 -22.04 -21.47 3.90
N LYS D 86 -21.21 -22.20 3.16
CA LYS D 86 -21.31 -22.16 1.71
C LYS D 86 -22.62 -22.79 1.21
N MET D 87 -23.00 -23.92 1.81
CA MET D 87 -24.21 -24.62 1.38
C MET D 87 -25.47 -23.86 1.76
N ILE D 88 -25.42 -23.05 2.82
CA ILE D 88 -26.54 -22.18 3.14
C ILE D 88 -26.49 -20.87 2.37
N TYR D 89 -25.30 -20.48 1.88
CA TYR D 89 -25.16 -19.25 1.11
C TYR D 89 -25.70 -19.43 -0.31
N PHE D 90 -25.43 -20.57 -0.94
CA PHE D 90 -25.90 -20.74 -2.31
C PHE D 90 -27.42 -20.67 -2.43
N PRO D 91 -28.20 -21.39 -1.61
CA PRO D 91 -29.67 -21.28 -1.76
C PRO D 91 -30.18 -19.86 -1.59
N VAL D 92 -29.59 -19.10 -0.67
CA VAL D 92 -30.04 -17.72 -0.47
C VAL D 92 -29.81 -16.90 -1.73
N ARG D 93 -28.64 -17.06 -2.36
CA ARG D 93 -28.25 -16.26 -3.51
C ARG D 93 -28.39 -17.02 -4.83
N SER D 94 -29.33 -17.96 -4.90
CA SER D 94 -29.47 -18.77 -6.10
C SER D 94 -29.79 -17.92 -7.32
N LYS D 95 -30.55 -16.84 -7.15
CA LYS D 95 -30.95 -16.02 -8.29
C LYS D 95 -29.74 -15.45 -9.01
N ILE D 96 -28.80 -14.87 -8.26
CA ILE D 96 -27.63 -14.27 -8.89
C ILE D 96 -26.74 -15.35 -9.49
N PHE D 97 -26.64 -16.51 -8.84
CA PHE D 97 -25.85 -17.61 -9.39
C PHE D 97 -26.40 -18.04 -10.74
N TYR D 98 -27.72 -18.20 -10.85
CA TYR D 98 -28.31 -18.56 -12.13
C TYR D 98 -28.19 -17.44 -13.15
N LYS D 99 -28.24 -16.19 -12.69
CA LYS D 99 -28.03 -15.07 -13.61
C LYS D 99 -26.63 -15.11 -14.20
N THR D 100 -25.63 -15.40 -13.38
CA THR D 100 -24.25 -15.50 -13.88
C THR D 100 -24.10 -16.70 -14.81
N LEU D 101 -24.65 -17.85 -14.42
CA LEU D 101 -24.51 -19.05 -15.25
C LEU D 101 -25.16 -18.89 -16.62
N ALA D 102 -26.13 -17.99 -16.75
CA ALA D 102 -26.82 -17.75 -18.01
C ALA D 102 -26.36 -16.49 -18.71
N ILE D 103 -25.27 -15.88 -18.25
CA ILE D 103 -24.82 -14.61 -18.82
C ILE D 103 -24.31 -14.82 -20.24
N TRP D 104 -23.63 -15.95 -20.50
CA TRP D 104 -22.92 -16.16 -21.75
C TRP D 104 -23.71 -17.00 -22.75
N ASN D 105 -25.05 -16.95 -22.68
CA ASN D 105 -25.86 -17.75 -23.59
C ASN D 105 -25.94 -17.18 -24.99
N ASN D 106 -25.63 -15.90 -25.18
CA ASN D 106 -25.74 -15.24 -26.48
C ASN D 106 -24.47 -14.45 -26.75
N PRO D 107 -23.38 -15.12 -27.12
CA PRO D 107 -22.14 -14.40 -27.46
C PRO D 107 -22.26 -13.68 -28.79
N ASN D 108 -21.36 -12.72 -28.99
CA ASN D 108 -21.25 -12.05 -30.28
C ASN D 108 -20.54 -12.97 -31.27
N SER D 109 -20.51 -12.55 -32.54
CA SER D 109 -19.89 -13.35 -33.58
C SER D 109 -19.43 -12.45 -34.72
N HIS D 110 -18.24 -12.75 -35.25
CA HIS D 110 -17.71 -12.11 -36.44
C HIS D 110 -17.10 -13.20 -37.31
N PRO D 111 -17.31 -13.16 -38.63
CA PRO D 111 -16.79 -14.25 -39.47
C PRO D 111 -15.29 -14.46 -39.35
N LEU D 112 -14.51 -13.37 -39.23
CA LEU D 112 -13.06 -13.50 -39.24
C LEU D 112 -12.51 -14.01 -37.91
N PHE D 113 -13.17 -13.68 -36.80
CA PHE D 113 -12.69 -14.04 -35.46
C PHE D 113 -13.45 -15.22 -34.87
N ALA D 114 -14.08 -16.04 -35.71
CA ALA D 114 -14.79 -17.21 -35.19
C ALA D 114 -13.82 -18.32 -34.80
N GLU D 115 -12.78 -18.56 -35.61
CA GLU D 115 -11.85 -19.65 -35.33
C GLU D 115 -11.12 -19.43 -34.01
N SER D 116 -10.67 -18.21 -33.77
CA SER D 116 -9.99 -17.91 -32.51
C SER D 116 -10.95 -18.09 -31.33
N ASN D 117 -12.21 -17.66 -31.51
CA ASN D 117 -13.19 -17.83 -30.44
C ASN D 117 -13.38 -19.29 -30.10
N ALA D 118 -13.50 -20.14 -31.13
CA ALA D 118 -13.65 -21.57 -30.89
C ALA D 118 -12.43 -22.15 -30.21
N ARG D 119 -11.22 -21.77 -30.66
CA ARG D 119 -10.00 -22.31 -30.08
C ARG D 119 -9.91 -21.95 -28.60
N PHE D 120 -10.17 -20.68 -28.27
CA PHE D 120 -10.03 -20.27 -26.88
C PHE D 120 -11.18 -20.78 -26.00
N HIS D 121 -12.37 -20.99 -26.58
CA HIS D 121 -13.43 -21.64 -25.84
C HIS D 121 -13.04 -23.08 -25.49
N ALA D 122 -12.46 -23.81 -26.44
CA ALA D 122 -11.99 -25.16 -26.16
C ALA D 122 -10.90 -25.14 -25.09
N LEU D 123 -9.97 -24.19 -25.19
CA LEU D 123 -8.93 -24.08 -24.17
C LEU D 123 -9.53 -23.83 -22.79
N ALA D 124 -10.53 -22.95 -22.72
CA ALA D 124 -11.17 -22.66 -21.44
C ALA D 124 -11.84 -23.92 -20.88
N ILE D 125 -12.55 -24.66 -21.73
CA ILE D 125 -13.21 -25.87 -21.24
C ILE D 125 -12.18 -26.86 -20.72
N THR D 126 -11.08 -27.05 -21.46
CA THR D 126 -10.05 -27.98 -21.01
C THR D 126 -9.47 -27.56 -19.67
N LYS D 127 -9.20 -26.27 -19.48
CA LYS D 127 -8.65 -25.81 -18.21
C LYS D 127 -9.65 -25.98 -17.08
N MET D 128 -10.95 -25.74 -17.35
CA MET D 128 -11.97 -25.96 -16.33
C MET D 128 -11.99 -27.42 -15.89
N ARG D 129 -11.95 -28.35 -16.84
CA ARG D 129 -11.96 -29.76 -16.48
C ARG D 129 -10.70 -30.12 -15.69
N ARG D 130 -9.55 -29.59 -16.11
CA ARG D 130 -8.31 -29.84 -15.39
C ARG D 130 -8.42 -29.37 -13.95
N LEU D 131 -8.93 -28.15 -13.74
CA LEU D 131 -9.06 -27.61 -12.39
C LEU D 131 -10.02 -28.45 -11.56
N LEU D 132 -11.15 -28.84 -12.14
CA LEU D 132 -12.12 -29.65 -11.41
C LEU D 132 -11.49 -30.96 -10.96
N PHE D 133 -10.79 -31.64 -11.87
CA PHE D 133 -10.15 -32.91 -11.52
C PHE D 133 -9.09 -32.71 -10.45
N CYS D 134 -8.29 -31.65 -10.56
CA CYS D 134 -7.25 -31.41 -9.57
C CYS D 134 -7.84 -31.18 -8.19
N VAL D 135 -8.90 -30.37 -8.10
CA VAL D 135 -9.50 -30.08 -6.79
C VAL D 135 -10.16 -31.33 -6.23
N ALA D 136 -10.80 -32.14 -7.08
CA ALA D 136 -11.39 -33.38 -6.61
C ALA D 136 -10.31 -34.31 -6.05
N GLY D 137 -9.19 -34.42 -6.75
CA GLY D 137 -8.09 -35.23 -6.26
C GLY D 137 -7.56 -34.72 -4.93
N ALA D 138 -7.42 -33.40 -4.79
CA ALA D 138 -6.96 -32.84 -3.53
C ALA D 138 -7.93 -33.16 -2.40
N THR D 139 -9.24 -33.05 -2.66
CA THR D 139 -10.22 -33.35 -1.63
C THR D 139 -10.15 -34.81 -1.20
N ILE D 140 -10.06 -35.72 -2.18
CA ILE D 140 -9.98 -37.14 -1.86
C ILE D 140 -8.70 -37.43 -1.06
N PHE D 141 -7.60 -36.80 -1.46
CA PHE D 141 -6.34 -36.96 -0.74
C PHE D 141 -6.50 -36.50 0.71
N SER D 142 -7.16 -35.37 0.91
CA SER D 142 -7.37 -34.88 2.27
C SER D 142 -8.20 -35.85 3.09
N VAL D 143 -9.26 -36.40 2.49
CA VAL D 143 -10.13 -37.33 3.23
C VAL D 143 -9.33 -38.57 3.64
N ILE D 144 -8.58 -39.15 2.69
CA ILE D 144 -7.84 -40.37 3.01
C ILE D 144 -6.74 -40.07 4.02
N SER D 145 -6.12 -38.89 3.93
CA SER D 145 -5.12 -38.51 4.92
C SER D 145 -5.73 -38.39 6.30
N TRP D 146 -6.93 -37.83 6.39
CA TRP D 146 -7.61 -37.75 7.68
C TRP D 146 -7.87 -39.15 8.24
N THR D 147 -8.35 -40.06 7.40
CA THR D 147 -8.57 -41.43 7.85
C THR D 147 -7.27 -42.06 8.36
N GLY D 148 -6.19 -41.92 7.59
CA GLY D 148 -4.93 -42.52 7.99
C GLY D 148 -4.40 -41.93 9.29
N ILE D 149 -4.46 -40.61 9.43
CA ILE D 149 -3.99 -39.96 10.65
C ILE D 149 -4.81 -40.41 11.83
N THR D 150 -6.13 -40.57 11.64
CA THR D 150 -6.97 -41.06 12.72
C THR D 150 -6.56 -42.47 13.14
N PHE D 151 -6.30 -43.34 12.17
CA PHE D 151 -6.07 -44.74 12.50
C PHE D 151 -4.67 -45.00 13.05
N ILE D 152 -3.65 -44.32 12.52
CA ILE D 152 -2.29 -44.55 13.01
C ILE D 152 -2.12 -43.98 14.41
N GLU D 153 -2.70 -42.82 14.67
CA GLU D 153 -2.55 -42.18 15.98
C GLU D 153 -3.27 -42.99 17.06
N ASP D 154 -2.83 -42.79 18.30
CA ASP D 154 -3.37 -43.52 19.44
C ASP D 154 -4.42 -42.66 20.14
N SER D 155 -5.61 -43.20 20.32
CA SER D 155 -6.71 -42.48 20.95
C SER D 155 -6.57 -42.56 22.46
N VAL D 156 -6.25 -41.43 23.08
CA VAL D 156 -6.08 -41.34 24.53
C VAL D 156 -6.14 -39.88 24.93
N LYS D 157 -6.71 -39.62 26.12
CA LYS D 157 -6.81 -38.27 26.65
C LYS D 157 -6.08 -38.22 27.99
N ARG D 158 -5.23 -37.21 28.16
CA ARG D 158 -4.45 -37.03 29.37
C ARG D 158 -5.07 -35.92 30.20
N ILE D 159 -5.37 -36.22 31.47
CA ILE D 159 -5.97 -35.25 32.37
C ILE D 159 -5.07 -35.01 33.57
N THR D 168 -3.39 -38.50 34.34
CA THR D 168 -4.02 -39.80 34.11
C THR D 168 -4.41 -39.97 32.65
N ILE D 169 -4.36 -41.21 32.17
CA ILE D 169 -4.65 -41.54 30.78
C ILE D 169 -6.00 -42.24 30.72
N ILE D 170 -6.88 -41.76 29.84
CA ILE D 170 -8.20 -42.34 29.67
C ILE D 170 -8.42 -42.64 28.19
N PRO D 171 -8.81 -43.86 27.83
CA PRO D 171 -9.07 -44.16 26.42
C PRO D 171 -10.26 -43.37 25.90
N ILE D 172 -10.20 -43.04 24.60
CA ILE D 172 -11.27 -42.31 23.93
C ILE D 172 -11.59 -43.02 22.62
N PRO D 173 -12.81 -42.90 22.11
CA PRO D 173 -13.15 -43.58 20.85
C PRO D 173 -12.24 -43.13 19.72
N ARG D 174 -11.87 -44.09 18.87
CA ARG D 174 -11.02 -43.82 17.71
C ARG D 174 -11.91 -43.28 16.59
N LEU D 175 -11.97 -41.96 16.48
CA LEU D 175 -12.86 -41.32 15.52
C LEU D 175 -12.10 -40.21 14.79
N MET D 176 -12.61 -39.85 13.62
CA MET D 176 -11.96 -38.82 12.82
C MET D 176 -11.92 -37.49 13.56
N ILE D 177 -12.96 -37.19 14.33
CA ILE D 177 -13.06 -35.93 15.07
C ILE D 177 -13.77 -36.20 16.39
N ARG D 178 -13.37 -35.46 17.43
CA ARG D 178 -13.91 -35.66 18.77
C ARG D 178 -15.32 -35.11 18.84
N THR D 179 -16.30 -36.00 18.95
CA THR D 179 -17.71 -35.61 19.06
C THR D 179 -18.37 -36.47 20.13
N PHE D 180 -19.45 -35.94 20.69
CA PHE D 180 -20.25 -36.68 21.66
C PHE D 180 -21.31 -37.50 20.95
N TYR D 181 -21.40 -38.78 21.31
CA TYR D 181 -22.41 -39.67 20.78
C TYR D 181 -23.15 -40.29 21.97
N PRO D 182 -24.48 -40.25 22.01
CA PRO D 182 -25.19 -40.88 23.13
C PRO D 182 -24.90 -42.37 23.27
N PHE D 183 -24.36 -43.00 22.24
CA PHE D 183 -24.06 -44.43 22.28
C PHE D 183 -22.75 -44.66 23.03
N ASN D 184 -22.36 -45.94 23.14
CA ASN D 184 -21.07 -46.25 23.74
C ASN D 184 -19.93 -45.66 22.92
N ALA D 185 -20.01 -45.78 21.59
CA ALA D 185 -19.05 -45.21 20.65
C ALA D 185 -17.65 -45.79 20.82
N MET D 186 -17.50 -46.84 21.63
CA MET D 186 -16.22 -47.50 21.84
C MET D 186 -16.20 -48.94 21.38
N SER D 187 -17.32 -49.66 21.53
CA SER D 187 -17.40 -51.06 21.12
C SER D 187 -17.64 -51.13 19.61
N GLY D 188 -17.92 -52.34 19.11
CA GLY D 188 -17.92 -52.54 17.67
C GLY D 188 -18.98 -51.72 16.94
N ALA D 189 -20.24 -51.88 17.34
CA ALA D 189 -21.34 -51.31 16.56
C ALA D 189 -21.28 -49.79 16.52
N GLY D 190 -21.17 -49.16 17.70
CA GLY D 190 -21.05 -47.71 17.73
C GLY D 190 -19.84 -47.23 16.97
N HIS D 191 -18.73 -47.96 17.08
CA HIS D 191 -17.51 -47.56 16.38
C HIS D 191 -17.72 -47.55 14.87
N VAL D 192 -18.34 -48.60 14.33
CA VAL D 192 -18.52 -48.67 12.89
C VAL D 192 -19.50 -47.59 12.43
N PHE D 193 -20.60 -47.42 13.17
CA PHE D 193 -21.57 -46.40 12.78
C PHE D 193 -20.93 -45.01 12.79
N ALA D 194 -20.15 -44.72 13.83
CA ALA D 194 -19.50 -43.42 13.92
C ALA D 194 -18.50 -43.23 12.79
N LEU D 195 -17.72 -44.28 12.47
CA LEU D 195 -16.75 -44.15 11.39
C LEU D 195 -17.44 -43.87 10.06
N ILE D 196 -18.52 -44.60 9.76
CA ILE D 196 -19.22 -44.40 8.50
C ILE D 196 -19.79 -42.99 8.44
N TYR D 197 -20.43 -42.54 9.53
CA TYR D 197 -21.01 -41.21 9.56
C TYR D 197 -19.93 -40.14 9.38
N GLN D 198 -18.79 -40.31 10.05
CA GLN D 198 -17.72 -39.31 9.95
C GLN D 198 -17.13 -39.26 8.55
N PHE D 199 -16.95 -40.42 7.92
CA PHE D 199 -16.45 -40.44 6.55
C PHE D 199 -17.41 -39.72 5.62
N TYR D 200 -18.71 -40.01 5.76
CA TYR D 200 -19.71 -39.33 4.94
C TYR D 200 -19.67 -37.82 5.17
N TYR D 201 -19.59 -37.40 6.43
CA TYR D 201 -19.53 -36.00 6.80
C TYR D 201 -18.34 -35.31 6.14
N LEU D 202 -17.16 -35.89 6.31
CA LEU D 202 -15.94 -35.32 5.73
C LEU D 202 -16.09 -35.16 4.22
N VAL D 203 -16.48 -36.25 3.56
CA VAL D 203 -16.58 -36.23 2.10
C VAL D 203 -17.54 -35.14 1.66
N ILE D 204 -18.73 -35.10 2.26
CA ILE D 204 -19.76 -34.17 1.81
C ILE D 204 -19.32 -32.73 2.04
N SER D 205 -18.76 -32.44 3.23
CA SER D 205 -18.38 -31.07 3.55
C SER D 205 -17.28 -30.58 2.60
N MET D 206 -16.19 -31.34 2.48
CA MET D 206 -15.12 -30.91 1.59
C MET D 206 -15.62 -30.78 0.16
N ALA D 207 -16.48 -31.72 -0.27
CA ALA D 207 -16.95 -31.70 -1.65
C ALA D 207 -17.78 -30.46 -1.92
N VAL D 208 -18.73 -30.14 -1.04
CA VAL D 208 -19.58 -28.96 -1.29
C VAL D 208 -18.72 -27.70 -1.32
N SER D 209 -17.85 -27.54 -0.33
CA SER D 209 -17.05 -26.30 -0.26
C SER D 209 -16.17 -26.18 -1.50
N ASN D 210 -15.39 -27.21 -1.80
CA ASN D 210 -14.47 -27.14 -2.92
C ASN D 210 -15.20 -27.04 -4.25
N SER D 211 -16.42 -27.58 -4.35
CA SER D 211 -17.17 -27.48 -5.59
C SER D 211 -17.64 -26.05 -5.84
N LEU D 212 -18.13 -25.38 -4.80
CA LEU D 212 -18.50 -23.97 -4.99
C LEU D 212 -17.26 -23.14 -5.35
N ASP D 213 -16.15 -23.39 -4.67
CA ASP D 213 -14.92 -22.66 -4.99
C ASP D 213 -14.50 -22.91 -6.44
N VAL D 214 -14.59 -24.16 -6.89
CA VAL D 214 -14.20 -24.50 -8.26
C VAL D 214 -15.13 -23.85 -9.27
N LEU D 215 -16.42 -23.73 -8.95
CA LEU D 215 -17.31 -23.00 -9.86
C LEU D 215 -16.87 -21.56 -10.02
N PHE D 216 -16.54 -20.91 -8.89
CA PHE D 216 -16.03 -19.54 -8.95
C PHE D 216 -14.78 -19.45 -9.83
N CYS D 217 -13.81 -20.33 -9.56
CA CYS D 217 -12.56 -20.31 -10.32
C CYS D 217 -12.77 -20.63 -11.80
N SER D 218 -13.77 -21.46 -12.11
CA SER D 218 -14.05 -21.77 -13.52
C SER D 218 -14.64 -20.56 -14.23
N TRP D 219 -15.51 -19.80 -13.54
CA TRP D 219 -15.96 -18.54 -14.11
C TRP D 219 -14.76 -17.64 -14.43
N LEU D 220 -13.83 -17.53 -13.48
CA LEU D 220 -12.66 -16.70 -13.70
C LEU D 220 -11.84 -17.20 -14.88
N LEU D 221 -11.68 -18.52 -15.00
CA LEU D 221 -10.93 -19.09 -16.11
C LEU D 221 -11.57 -18.74 -17.44
N PHE D 222 -12.90 -18.86 -17.53
CA PHE D 222 -13.58 -18.52 -18.78
C PHE D 222 -13.35 -17.06 -19.13
N ALA D 223 -13.46 -16.17 -18.14
CA ALA D 223 -13.22 -14.76 -18.41
C ALA D 223 -11.80 -14.51 -18.91
N CYS D 224 -10.81 -15.15 -18.27
CA CYS D 224 -9.42 -14.95 -18.69
C CYS D 224 -9.19 -15.44 -20.11
N GLU D 225 -9.77 -16.60 -20.46
CA GLU D 225 -9.58 -17.11 -21.81
C GLU D 225 -10.27 -16.22 -22.84
N GLN D 226 -11.43 -15.65 -22.50
CA GLN D 226 -12.06 -14.70 -23.42
C GLN D 226 -11.18 -13.48 -23.62
N LEU D 227 -10.53 -13.01 -22.55
CA LEU D 227 -9.60 -11.88 -22.70
C LEU D 227 -8.43 -12.24 -23.61
N GLN D 228 -7.88 -13.45 -23.44
CA GLN D 228 -6.80 -13.90 -24.31
C GLN D 228 -7.25 -13.91 -25.77
N HIS D 229 -8.46 -14.40 -26.03
CA HIS D 229 -9.02 -14.35 -27.37
C HIS D 229 -9.09 -12.91 -27.87
N LEU D 230 -9.51 -11.99 -27.01
CA LEU D 230 -9.63 -10.59 -27.40
C LEU D 230 -8.28 -10.03 -27.86
N LYS D 231 -7.21 -10.34 -27.13
CA LYS D 231 -5.88 -9.86 -27.55
C LYS D 231 -5.45 -10.51 -28.86
N ALA D 232 -5.58 -11.84 -28.95
CA ALA D 232 -5.16 -12.57 -30.13
C ALA D 232 -5.85 -12.05 -31.38
N ILE D 233 -7.08 -11.54 -31.24
CA ILE D 233 -7.74 -10.93 -32.39
C ILE D 233 -7.46 -9.43 -32.49
N MET D 234 -7.08 -8.78 -31.39
CA MET D 234 -6.67 -7.38 -31.46
C MET D 234 -5.53 -7.21 -32.45
N LYS D 235 -4.61 -8.17 -32.47
CA LYS D 235 -3.54 -8.08 -33.45
C LYS D 235 -4.06 -8.07 -34.89
N PRO D 236 -4.69 -9.13 -35.40
CA PRO D 236 -5.19 -9.09 -36.78
C PRO D 236 -6.25 -8.03 -37.02
N LEU D 237 -6.93 -7.56 -35.98
CA LEU D 237 -7.86 -6.44 -36.17
C LEU D 237 -7.14 -5.20 -36.66
N MET D 238 -6.04 -4.84 -35.99
CA MET D 238 -5.25 -3.71 -36.44
C MET D 238 -4.64 -3.97 -37.80
N GLU D 239 -4.19 -5.22 -38.03
CA GLU D 239 -3.66 -5.53 -39.37
C GLU D 239 -4.72 -5.33 -40.44
N LEU D 240 -5.97 -5.70 -40.15
CA LEU D 240 -7.07 -5.45 -41.06
C LEU D 240 -7.26 -3.95 -41.30
N SER D 241 -7.18 -3.17 -40.23
CA SER D 241 -7.37 -1.72 -40.36
C SER D 241 -6.28 -1.10 -41.22
N ALA D 242 -5.04 -1.60 -41.11
CA ALA D 242 -3.92 -0.98 -41.81
C ALA D 242 -4.11 -1.04 -43.33
N THR D 243 -4.52 -2.19 -43.84
CA THR D 243 -4.68 -2.36 -45.28
C THR D 243 -6.01 -1.77 -45.77
N GLY D 313 -7.35 6.31 -47.56
CA GLY D 313 -6.54 5.11 -47.41
C GLY D 313 -7.35 3.84 -47.50
N LEU D 314 -8.55 3.87 -46.94
CA LEU D 314 -9.45 2.73 -46.92
C LEU D 314 -10.69 3.03 -47.75
N THR D 315 -11.13 2.05 -48.53
CA THR D 315 -12.36 2.19 -49.29
C THR D 315 -13.57 1.98 -48.38
N LYS D 316 -14.77 2.20 -48.94
CA LYS D 316 -15.98 2.10 -48.15
C LYS D 316 -16.15 0.70 -47.58
N LYS D 317 -15.93 -0.32 -48.39
CA LYS D 317 -16.06 -1.70 -47.91
C LYS D 317 -15.05 -1.99 -46.80
N GLN D 318 -13.81 -1.56 -46.98
CA GLN D 318 -12.79 -1.77 -45.95
C GLN D 318 -13.15 -1.00 -44.68
N GLU D 319 -13.66 0.22 -44.82
CA GLU D 319 -14.06 0.97 -43.64
C GLU D 319 -15.18 0.26 -42.89
N MET D 320 -16.16 -0.27 -43.62
CA MET D 320 -17.25 -1.01 -42.97
C MET D 320 -16.72 -2.27 -42.28
N LEU D 321 -15.79 -2.98 -42.93
CA LEU D 321 -15.23 -4.18 -42.33
C LEU D 321 -14.49 -3.85 -41.03
N VAL D 322 -13.69 -2.78 -41.05
CA VAL D 322 -12.98 -2.36 -39.84
C VAL D 322 -13.97 -1.95 -38.76
N ARG D 323 -15.05 -1.26 -39.15
CA ARG D 323 -16.07 -0.89 -38.19
C ARG D 323 -16.68 -2.11 -37.53
N SER D 324 -17.01 -3.13 -38.33
CA SER D 324 -17.59 -4.35 -37.78
C SER D 324 -16.63 -5.07 -36.86
N ALA D 325 -15.35 -5.11 -37.23
CA ALA D 325 -14.35 -5.74 -36.37
C ALA D 325 -14.24 -5.02 -35.04
N ILE D 326 -14.22 -3.69 -35.06
CA ILE D 326 -14.15 -2.91 -33.82
C ILE D 326 -15.40 -3.14 -32.99
N LYS D 327 -16.57 -3.19 -33.63
CA LYS D 327 -17.80 -3.49 -32.92
C LYS D 327 -17.70 -4.83 -32.20
N TYR D 328 -17.25 -5.86 -32.91
CA TYR D 328 -17.11 -7.17 -32.30
C TYR D 328 -16.18 -7.11 -31.09
N TRP D 329 -15.02 -6.47 -31.25
CA TRP D 329 -14.05 -6.40 -30.17
C TRP D 329 -14.65 -5.73 -28.94
N VAL D 330 -15.24 -4.55 -29.14
CA VAL D 330 -15.75 -3.78 -28.00
C VAL D 330 -16.89 -4.52 -27.32
N GLU D 331 -17.82 -5.07 -28.11
CA GLU D 331 -18.95 -5.78 -27.52
C GLU D 331 -18.50 -7.01 -26.73
N ARG D 332 -17.53 -7.75 -27.27
CA ARG D 332 -17.02 -8.91 -26.55
C ARG D 332 -16.33 -8.51 -25.26
N HIS D 333 -15.57 -7.41 -25.29
CA HIS D 333 -14.94 -6.93 -24.07
C HIS D 333 -15.97 -6.54 -23.02
N LYS D 334 -17.04 -5.86 -23.44
CA LYS D 334 -18.10 -5.49 -22.52
C LYS D 334 -18.79 -6.72 -21.95
N HIS D 335 -18.98 -7.75 -22.78
CA HIS D 335 -19.56 -9.00 -22.30
C HIS D 335 -18.68 -9.62 -21.21
N VAL D 336 -17.36 -9.63 -21.42
CA VAL D 336 -16.45 -10.15 -20.41
C VAL D 336 -16.57 -9.34 -19.13
N VAL D 337 -16.67 -8.03 -19.25
CA VAL D 337 -16.81 -7.19 -18.06
C VAL D 337 -18.09 -7.53 -17.31
N ARG D 338 -19.18 -7.76 -18.05
CA ARG D 338 -20.44 -8.13 -17.40
C ARG D 338 -20.31 -9.42 -16.62
N LEU D 339 -19.69 -10.44 -17.24
CA LEU D 339 -19.47 -11.70 -16.55
C LEU D 339 -18.67 -11.49 -15.28
N VAL D 340 -17.59 -10.70 -15.38
CA VAL D 340 -16.73 -10.45 -14.24
C VAL D 340 -17.51 -9.77 -13.12
N THR D 341 -18.37 -8.81 -13.46
CA THR D 341 -19.14 -8.09 -12.44
C THR D 341 -20.09 -9.03 -11.72
N ALA D 342 -20.80 -9.89 -12.45
CA ALA D 342 -21.74 -10.80 -11.80
C ALA D 342 -21.00 -11.76 -10.85
N VAL D 343 -19.92 -12.37 -11.34
CA VAL D 343 -19.11 -13.24 -10.48
C VAL D 343 -18.62 -12.45 -9.27
N GLY D 344 -18.21 -11.21 -9.50
CA GLY D 344 -17.69 -10.41 -8.41
C GLY D 344 -18.72 -10.22 -7.31
N ASP D 345 -19.94 -9.84 -7.68
CA ASP D 345 -20.98 -9.68 -6.67
C ASP D 345 -21.12 -10.97 -5.84
N ALA D 346 -21.51 -12.05 -6.52
CA ALA D 346 -21.87 -13.27 -5.80
C ALA D 346 -20.71 -13.78 -4.97
N TYR D 347 -19.62 -14.17 -5.63
CA TYR D 347 -18.58 -14.78 -4.84
C TYR D 347 -17.74 -13.75 -4.10
N GLY D 348 -18.04 -12.45 -4.21
CA GLY D 348 -17.41 -11.48 -3.33
C GLY D 348 -18.04 -11.50 -1.95
N VAL D 349 -19.37 -11.56 -1.89
CA VAL D 349 -19.99 -11.83 -0.59
C VAL D 349 -19.46 -13.15 -0.04
N ALA D 350 -19.42 -14.18 -0.90
CA ALA D 350 -18.92 -15.48 -0.45
C ALA D 350 -17.50 -15.37 0.09
N LEU D 351 -16.62 -14.65 -0.61
CA LEU D 351 -15.22 -14.55 -0.23
C LEU D 351 -15.06 -13.74 1.05
N LEU D 352 -15.88 -12.71 1.26
CA LEU D 352 -15.83 -12.00 2.53
C LEU D 352 -16.03 -12.97 3.68
N LEU D 353 -17.10 -13.77 3.61
CA LEU D 353 -17.34 -14.72 4.70
C LEU D 353 -16.19 -15.73 4.80
N HIS D 354 -15.73 -16.23 3.65
CA HIS D 354 -14.67 -17.23 3.63
C HIS D 354 -13.40 -16.71 4.32
N MET D 355 -12.97 -15.50 3.97
CA MET D 355 -11.73 -14.97 4.52
C MET D 355 -11.87 -14.64 5.99
N LEU D 356 -13.05 -14.19 6.44
CA LEU D 356 -13.24 -14.03 7.88
C LEU D 356 -12.97 -15.36 8.60
N THR D 357 -13.63 -16.43 8.14
CA THR D 357 -13.48 -17.72 8.80
C THR D 357 -12.02 -18.19 8.76
N THR D 358 -11.37 -18.04 7.60
CA THR D 358 -9.99 -18.50 7.47
C THR D 358 -9.03 -17.69 8.33
N THR D 359 -9.28 -16.39 8.49
CA THR D 359 -8.42 -15.59 9.37
C THR D 359 -8.49 -16.09 10.80
N ILE D 360 -9.71 -16.33 11.31
CA ILE D 360 -9.80 -16.86 12.67
C ILE D 360 -9.12 -18.22 12.76
N THR D 361 -9.35 -19.08 11.76
CA THR D 361 -8.74 -20.40 11.78
C THR D 361 -7.23 -20.32 11.78
N LEU D 362 -6.66 -19.40 11.00
CA LEU D 362 -5.21 -19.28 10.91
C LEU D 362 -4.61 -18.75 12.20
N THR D 363 -5.31 -17.82 12.88
CA THR D 363 -4.82 -17.40 14.20
C THR D 363 -4.76 -18.59 15.15
N LEU D 364 -5.84 -19.37 15.21
CA LEU D 364 -5.84 -20.53 16.11
C LEU D 364 -4.76 -21.53 15.71
N LEU D 365 -4.55 -21.71 14.40
CA LEU D 365 -3.55 -22.66 13.93
C LEU D 365 -2.14 -22.20 14.25
N ALA D 366 -1.88 -20.90 14.18
CA ALA D 366 -0.57 -20.40 14.62
C ALA D 366 -0.34 -20.70 16.08
N TYR D 367 -1.35 -20.44 16.92
CA TYR D 367 -1.20 -20.77 18.34
C TYR D 367 -0.89 -22.25 18.52
N GLN D 368 -1.60 -23.11 17.78
CA GLN D 368 -1.34 -24.54 17.87
C GLN D 368 0.07 -24.88 17.41
N ALA D 369 0.53 -24.24 16.33
CA ALA D 369 1.85 -24.54 15.78
C ALA D 369 2.95 -24.20 16.77
N THR D 370 2.76 -23.14 17.57
CA THR D 370 3.75 -22.84 18.59
C THR D 370 3.92 -23.99 19.57
N LYS D 371 2.93 -24.89 19.66
CA LYS D 371 2.99 -26.03 20.56
C LYS D 371 3.64 -27.26 19.94
N VAL D 372 4.05 -27.20 18.67
CA VAL D 372 4.58 -28.37 18.00
C VAL D 372 5.97 -28.70 18.53
N ASN D 373 6.24 -29.99 18.71
CA ASN D 373 7.56 -30.48 19.06
C ASN D 373 7.80 -31.80 18.34
N GLY D 374 8.99 -31.94 17.76
CA GLY D 374 9.28 -33.14 17.02
C GLY D 374 8.56 -33.18 15.68
N VAL D 375 8.49 -34.39 15.12
CA VAL D 375 7.83 -34.62 13.84
C VAL D 375 6.67 -35.58 14.06
N ASN D 376 6.05 -35.49 15.24
CA ASN D 376 4.99 -36.42 15.61
C ASN D 376 3.74 -36.17 14.77
N VAL D 377 2.70 -36.95 15.04
CA VAL D 377 1.46 -36.86 14.28
C VAL D 377 0.81 -35.50 14.48
N TYR D 378 0.92 -34.94 15.70
CA TYR D 378 0.35 -33.62 15.97
C TYR D 378 0.85 -32.59 14.96
N ALA D 379 2.14 -32.63 14.65
CA ALA D 379 2.69 -31.73 13.63
C ALA D 379 2.03 -31.99 12.28
N ALA D 380 1.78 -33.26 11.95
CA ALA D 380 1.13 -33.57 10.69
C ALA D 380 -0.27 -32.97 10.63
N THR D 381 -1.03 -33.09 11.72
CA THR D 381 -2.38 -32.53 11.73
C THR D 381 -2.37 -31.02 11.59
N VAL D 382 -1.47 -30.35 12.33
CA VAL D 382 -1.40 -28.89 12.25
C VAL D 382 -1.00 -28.47 10.84
N ILE D 383 -0.02 -29.16 10.25
CA ILE D 383 0.43 -28.80 8.91
C ILE D 383 -0.66 -29.06 7.90
N GLY D 384 -1.45 -30.12 8.08
CA GLY D 384 -2.56 -30.37 7.17
C GLY D 384 -3.62 -29.29 7.24
N TYR D 385 -3.98 -28.87 8.45
CA TYR D 385 -4.93 -27.77 8.59
C TYR D 385 -4.42 -26.52 7.89
N LEU D 386 -3.17 -26.15 8.17
CA LEU D 386 -2.59 -24.96 7.55
C LEU D 386 -2.57 -25.09 6.04
N LEU D 387 -2.18 -26.26 5.53
CA LEU D 387 -2.09 -26.46 4.09
C LEU D 387 -3.45 -26.34 3.43
N TYR D 388 -4.49 -26.93 4.02
CA TYR D 388 -5.81 -26.84 3.43
C TYR D 388 -6.32 -25.41 3.41
N THR D 389 -6.20 -24.71 4.55
CA THR D 389 -6.67 -23.33 4.61
C THR D 389 -5.95 -22.47 3.58
N LEU D 390 -4.62 -22.51 3.59
CA LEU D 390 -3.86 -21.69 2.66
C LEU D 390 -4.07 -22.15 1.22
N GLY D 391 -4.43 -23.40 1.00
CA GLY D 391 -4.73 -23.85 -0.36
C GLY D 391 -6.01 -23.24 -0.89
N GLN D 392 -7.05 -23.18 -0.05
CA GLN D 392 -8.28 -22.50 -0.49
C GLN D 392 -7.99 -21.03 -0.79
N VAL D 393 -7.35 -20.35 0.16
CA VAL D 393 -7.04 -18.94 -0.04
C VAL D 393 -6.20 -18.76 -1.30
N PHE D 394 -5.22 -19.66 -1.50
CA PHE D 394 -4.38 -19.60 -2.68
C PHE D 394 -5.22 -19.70 -3.94
N LEU D 395 -5.88 -20.85 -4.15
CA LEU D 395 -6.73 -21.03 -5.31
C LEU D 395 -7.49 -19.75 -5.66
N PHE D 396 -8.19 -19.19 -4.68
CA PHE D 396 -8.95 -17.95 -4.94
C PHE D 396 -8.02 -16.83 -5.43
N CYS D 397 -6.90 -16.63 -4.74
CA CYS D 397 -6.00 -15.54 -5.11
C CYS D 397 -5.36 -15.78 -6.48
N ILE D 398 -5.03 -17.04 -6.77
CA ILE D 398 -4.45 -17.39 -8.07
C ILE D 398 -5.36 -16.92 -9.18
N PHE D 399 -6.64 -17.27 -9.08
CA PHE D 399 -7.51 -16.96 -10.21
C PHE D 399 -7.89 -15.47 -10.25
N GLY D 400 -8.03 -14.82 -9.10
CA GLY D 400 -8.23 -13.38 -9.12
C GLY D 400 -7.07 -12.64 -9.75
N ASN D 401 -5.85 -13.02 -9.37
CA ASN D 401 -4.66 -12.41 -9.96
C ASN D 401 -4.54 -12.74 -11.44
N ARG D 402 -4.98 -13.93 -11.85
CA ARG D 402 -5.00 -14.24 -13.27
C ARG D 402 -5.90 -13.27 -14.03
N LEU D 403 -7.09 -12.99 -13.47
CA LEU D 403 -7.98 -12.04 -14.13
C LEU D 403 -7.36 -10.65 -14.21
N ILE D 404 -6.75 -10.20 -13.11
CA ILE D 404 -6.15 -8.86 -13.07
C ILE D 404 -5.04 -8.76 -14.11
N GLU D 405 -4.12 -9.73 -14.11
CA GLU D 405 -3.01 -9.70 -15.05
C GLU D 405 -3.50 -9.86 -16.47
N GLU D 406 -4.61 -10.57 -16.68
CA GLU D 406 -5.15 -10.69 -18.03
C GLU D 406 -5.66 -9.36 -18.54
N SER D 407 -6.31 -8.57 -17.69
CA SER D 407 -6.76 -7.24 -18.10
C SER D 407 -5.57 -6.33 -18.43
N SER D 408 -4.56 -6.33 -17.54
CA SER D 408 -3.38 -5.53 -17.81
C SER D 408 -2.70 -5.97 -19.11
N SER D 409 -2.62 -7.28 -19.34
CA SER D 409 -2.06 -7.79 -20.58
C SER D 409 -2.92 -7.42 -21.77
N VAL D 410 -4.23 -7.25 -21.57
CA VAL D 410 -5.06 -6.73 -22.65
C VAL D 410 -4.60 -5.34 -23.04
N MET D 411 -4.31 -4.51 -22.05
CA MET D 411 -3.71 -3.20 -22.35
C MET D 411 -2.42 -3.37 -23.14
N GLU D 412 -1.52 -4.21 -22.65
CA GLU D 412 -0.21 -4.36 -23.28
C GLU D 412 -0.34 -4.85 -24.72
N ALA D 413 -1.22 -5.82 -24.97
CA ALA D 413 -1.43 -6.35 -26.32
C ALA D 413 -2.17 -5.36 -27.20
N ALA D 414 -2.96 -4.45 -26.61
CA ALA D 414 -3.51 -3.35 -27.39
C ALA D 414 -2.41 -2.43 -27.88
N TYR D 415 -1.36 -2.26 -27.08
CA TYR D 415 -0.22 -1.46 -27.54
C TYR D 415 0.55 -2.16 -28.66
N SER D 416 0.66 -3.49 -28.60
CA SER D 416 1.64 -4.23 -29.40
C SER D 416 1.17 -4.52 -30.82
N CYS D 417 0.20 -3.80 -31.37
CA CYS D 417 -0.22 -4.01 -32.75
C CYS D 417 0.37 -2.91 -33.63
N HIS D 418 0.08 -2.99 -34.93
CA HIS D 418 0.62 -2.04 -35.91
C HIS D 418 -0.35 -0.86 -36.11
N TRP D 419 -0.62 -0.17 -35.00
CA TRP D 419 -1.57 0.94 -35.06
C TRP D 419 -1.01 2.13 -35.81
N TYR D 420 0.31 2.34 -35.76
CA TYR D 420 0.91 3.48 -36.47
C TYR D 420 0.56 3.44 -37.96
N ASP D 421 0.40 2.25 -38.53
CA ASP D 421 0.05 2.10 -39.93
C ASP D 421 -1.47 2.02 -40.14
N GLY D 422 -2.25 2.12 -39.08
CA GLY D 422 -3.69 1.98 -39.18
C GLY D 422 -4.38 3.23 -39.69
N SER D 423 -5.59 3.49 -39.18
CA SER D 423 -6.39 4.64 -39.57
C SER D 423 -6.85 5.38 -38.33
N GLU D 424 -7.32 6.61 -38.54
CA GLU D 424 -7.79 7.42 -37.41
C GLU D 424 -8.80 6.67 -36.57
N GLU D 425 -9.74 5.97 -37.22
CA GLU D 425 -10.74 5.21 -36.47
C GLU D 425 -10.08 4.11 -35.64
N ALA D 426 -9.20 3.34 -36.26
CA ALA D 426 -8.54 2.25 -35.55
C ALA D 426 -7.62 2.77 -34.45
N LYS D 427 -6.92 3.87 -34.71
CA LYS D 427 -6.06 4.44 -33.70
C LYS D 427 -6.86 4.96 -32.51
N THR D 428 -8.01 5.59 -32.77
CA THR D 428 -8.88 6.01 -31.68
C THR D 428 -9.41 4.82 -30.91
N PHE D 429 -9.75 3.74 -31.62
CA PHE D 429 -10.19 2.52 -30.95
C PHE D 429 -9.10 1.99 -30.03
N VAL D 430 -7.86 1.97 -30.50
CA VAL D 430 -6.74 1.52 -29.68
C VAL D 430 -6.57 2.43 -28.46
N GLN D 431 -6.68 3.74 -28.66
CA GLN D 431 -6.52 4.67 -27.55
C GLN D 431 -7.57 4.44 -26.48
N ILE D 432 -8.83 4.28 -26.89
CA ILE D 432 -9.91 4.07 -25.93
C ILE D 432 -9.74 2.72 -25.23
N VAL D 433 -9.33 1.69 -25.97
CA VAL D 433 -9.12 0.39 -25.34
C VAL D 433 -8.03 0.47 -24.29
N CYS D 434 -6.91 1.12 -24.63
CA CYS D 434 -5.84 1.24 -23.65
C CYS D 434 -6.29 2.03 -22.43
N GLN D 435 -7.00 3.14 -22.64
CA GLN D 435 -7.45 3.95 -21.51
C GLN D 435 -8.39 3.14 -20.61
N GLN D 436 -9.31 2.38 -21.20
CA GLN D 436 -10.18 1.53 -20.40
C GLN D 436 -9.37 0.48 -19.64
N CYS D 437 -8.39 -0.13 -20.29
CA CYS D 437 -7.58 -1.15 -19.65
C CYS D 437 -6.62 -0.58 -18.61
N GLN D 438 -6.49 0.75 -18.52
CA GLN D 438 -5.71 1.33 -17.43
C GLN D 438 -6.19 0.86 -16.06
N LYS D 439 -7.41 0.36 -15.96
CA LYS D 439 -7.92 -0.23 -14.74
C LYS D 439 -8.14 -1.72 -14.96
N ALA D 440 -7.66 -2.54 -14.04
CA ALA D 440 -7.63 -3.98 -14.20
C ALA D 440 -8.85 -4.61 -13.55
N MET D 441 -9.49 -5.52 -14.27
CA MET D 441 -10.61 -6.28 -13.70
C MET D 441 -10.15 -7.03 -12.46
N SER D 442 -11.01 -7.05 -11.45
CA SER D 442 -10.67 -7.73 -10.20
C SER D 442 -11.96 -8.12 -9.48
N ILE D 443 -11.82 -9.09 -8.58
CA ILE D 443 -12.91 -9.56 -7.74
C ILE D 443 -12.64 -9.12 -6.32
N SER D 444 -13.66 -8.58 -5.66
CA SER D 444 -13.54 -8.06 -4.30
C SER D 444 -14.40 -8.88 -3.35
N GLY D 445 -13.93 -9.04 -2.13
CA GLY D 445 -14.70 -9.70 -1.10
C GLY D 445 -15.67 -8.76 -0.43
N ALA D 446 -16.72 -8.38 -1.17
CA ALA D 446 -17.70 -7.40 -0.70
C ALA D 446 -17.08 -6.03 -0.45
N LYS D 447 -16.07 -5.68 -1.24
CA LYS D 447 -15.36 -4.40 -1.20
C LYS D 447 -14.41 -4.28 -0.01
N PHE D 448 -14.37 -5.27 0.89
CA PHE D 448 -13.45 -5.22 2.01
C PHE D 448 -12.01 -5.52 1.60
N PHE D 449 -11.82 -6.11 0.43
CA PHE D 449 -10.49 -6.43 -0.09
C PHE D 449 -10.65 -6.88 -1.53
N THR D 450 -9.52 -7.20 -2.18
CA THR D 450 -9.51 -7.76 -3.51
C THR D 450 -8.73 -9.06 -3.49
N VAL D 451 -9.28 -10.10 -4.12
CA VAL D 451 -8.64 -11.40 -4.13
C VAL D 451 -7.53 -11.39 -5.17
N SER D 452 -6.29 -11.54 -4.72
CA SER D 452 -5.12 -11.57 -5.59
C SER D 452 -3.98 -12.19 -4.80
N LEU D 453 -2.88 -12.48 -5.50
CA LEU D 453 -1.74 -13.06 -4.83
C LEU D 453 -1.20 -12.14 -3.73
N ASP D 454 -1.43 -10.84 -3.84
CA ASP D 454 -1.07 -9.92 -2.76
C ASP D 454 -1.86 -10.24 -1.49
N LEU D 455 -3.14 -10.57 -1.64
CA LEU D 455 -3.94 -10.92 -0.46
C LEU D 455 -3.43 -12.19 0.19
N PHE D 456 -3.08 -13.21 -0.60
CA PHE D 456 -2.53 -14.43 -0.03
C PHE D 456 -1.20 -14.14 0.65
N ALA D 457 -0.36 -13.32 0.03
CA ALA D 457 0.91 -12.95 0.66
C ALA D 457 0.67 -12.24 1.99
N SER D 458 -0.30 -11.33 2.04
CA SER D 458 -0.60 -10.63 3.28
C SER D 458 -1.07 -11.59 4.36
N VAL D 459 -1.96 -12.52 3.99
CA VAL D 459 -2.45 -13.48 4.98
C VAL D 459 -1.31 -14.35 5.51
N LEU D 460 -0.47 -14.84 4.60
CA LEU D 460 0.65 -15.69 5.00
C LEU D 460 1.62 -14.92 5.89
N GLY D 461 1.94 -13.68 5.52
CA GLY D 461 2.82 -12.88 6.35
C GLY D 461 2.23 -12.60 7.72
N ALA D 462 0.93 -12.31 7.77
CA ALA D 462 0.29 -12.05 9.06
C ALA D 462 0.37 -13.27 9.96
N VAL D 463 0.06 -14.46 9.42
CA VAL D 463 0.09 -15.66 10.25
C VAL D 463 1.52 -15.96 10.69
N VAL D 464 2.50 -15.80 9.78
CA VAL D 464 3.88 -16.09 10.12
C VAL D 464 4.38 -15.15 11.22
N THR D 465 4.08 -13.85 11.08
CA THR D 465 4.50 -12.89 12.08
C THR D 465 3.82 -13.15 13.42
N TYR D 466 2.53 -13.48 13.40
CA TYR D 466 1.85 -13.80 14.65
C TYR D 466 2.47 -15.02 15.32
N PHE D 467 2.80 -16.04 14.52
CA PHE D 467 3.44 -17.22 15.09
C PHE D 467 4.80 -16.88 15.69
N MET D 468 5.59 -16.05 14.99
CA MET D 468 6.89 -15.66 15.53
C MET D 468 6.73 -14.90 16.84
N VAL D 469 5.79 -13.95 16.87
CA VAL D 469 5.55 -13.18 18.10
C VAL D 469 5.16 -14.11 19.24
N LEU D 470 4.24 -15.04 18.97
CA LEU D 470 3.76 -15.92 20.03
C LEU D 470 4.86 -16.85 20.53
N VAL D 471 5.68 -17.38 19.63
CA VAL D 471 6.72 -18.31 20.04
C VAL D 471 7.81 -17.58 20.82
N GLN D 472 8.18 -16.37 20.38
CA GLN D 472 9.22 -15.63 21.10
C GLN D 472 8.71 -15.15 22.46
N LEU D 473 7.46 -14.68 22.53
CA LEU D 473 6.91 -14.21 23.80
C LEU D 473 6.84 -15.33 24.82
N LYS D 474 6.67 -16.57 24.38
CA LYS D 474 6.57 -17.70 25.30
C LYS D 474 7.89 -17.91 26.05
#